data_3AEJ
#
_entry.id   3AEJ
#
_cell.length_a   98.738
_cell.length_b   85.359
_cell.length_c   113.664
_cell.angle_alpha   90.000
_cell.angle_beta   101.920
_cell.angle_gamma   90.000
#
_symmetry.space_group_name_H-M   'P 1 21 1'
#
loop_
_entity.id
_entity.type
_entity.pdbx_description
1 polymer 'Methionine gamma-lyase'
2 polymer 'Methionine gamma-lyase'
3 non-polymer N-[(3-HYDROXY-2-METHYL-5-{[(TRIHYDROXYPHOSPHORANYL)OXY]METHYL}PYRIDIN-4-YL)METHYLENE]METHIONINE
4 non-polymer 'SULFATE ION'
5 non-polymer GLYCEROL
6 non-polymer METHIONINE
7 water water
#
loop_
_entity_poly.entity_id
_entity_poly.type
_entity_poly.pdbx_seq_one_letter_code
_entity_poly.pdbx_strand_id
1 'polypeptide(L)'
;MTAQDITTTLLHPKGDHVLHSHAYPIFQTSTFCFDSTQQGADLFMGKGEGHIYSRLGNPTVEQFEEMVCSIEGAAGSAAF
GSGMGAISSSTLAFLQKGDHLIAGDTLYGCTVSLFTHWLPRFGIEVDLIDTSDVEKVKAAWKPNTKMVYLESPANPTCKV
SDIKGIAVVCHERGARLVVDATFTSPCFLKPLELGADIALHSVSKYINGHGDVIGGVSSAKTAEDIATIKFYRKDAGSLM
APMDAFLCARGMKTLPIRMQIHMENGLKVAKFLEQHEKIVKVNHPGLESFPGHDIAKKQMTGYGSTFLFEMKSFEAAKKL
MEHLKVCTLAVSLGCVDTLIEHPASMTHAAVPENIMRKQGITPELVRISVGIENVDDIIADLKQALELW
;
A,B,D
2 'polypeptide(L)'
;MTAQDITTTLLHPKGDHVLHSHAYPIFQTSTFCFDSTQQGADLFMGKGEGHIYSRLGNPTVEQFEEMVCSIEGAAGSAAF
GSGMGAISSSTLAFLQKGDHLIAGDTLYGCTVSLFTHWLPRFGIEVDLIDTSDVEKVKAAWKPNTKMVYLESPANPTCKV
SDIKGIAVVCHERGARLVVDATFTSPCFLKPLELGADIALHSVS(LLP)YINGHGDVIGGVSSAKTAEDIATIKFYRKDA
GSLMAPMDAFLCARGMKTLPIRMQIHMENGLKVAKFLEQHEKIVKVNHPGLESFPGHDIAKKQMTGYGSTFLFEMKSFEA
AKKLMEHLKVCTLAVSLGCVDTLIEHPASMTHAAVPENIMRKQGITPELVRISVGIENVDDIIADLKQALELW
;
C
#
# COMPACT_ATOMS: atom_id res chain seq x y z
N ALA A 3 -27.26 25.48 -2.39
CA ALA A 3 -26.26 24.77 -1.53
C ALA A 3 -25.61 23.60 -2.27
N GLN A 4 -24.28 23.57 -2.24
CA GLN A 4 -23.51 22.50 -2.89
C GLN A 4 -23.82 21.14 -2.26
N ASP A 5 -24.05 20.14 -3.10
CA ASP A 5 -24.41 18.81 -2.65
C ASP A 5 -23.21 18.09 -2.03
N ILE A 6 -23.50 17.14 -1.14
CA ILE A 6 -22.47 16.44 -0.38
C ILE A 6 -21.61 15.50 -1.25
N THR A 7 -22.19 15.01 -2.34
CA THR A 7 -21.45 14.22 -3.33
C THR A 7 -20.31 15.06 -3.88
N THR A 8 -20.63 16.28 -4.30
CA THR A 8 -19.66 17.24 -4.82
C THR A 8 -18.61 17.62 -3.76
N THR A 9 -19.09 17.90 -2.54
CA THR A 9 -18.22 18.28 -1.42
C THR A 9 -17.15 17.23 -1.12
N LEU A 10 -17.56 15.96 -1.01
CA LEU A 10 -16.64 14.86 -0.73
C LEU A 10 -15.67 14.59 -1.88
N LEU A 11 -16.14 14.85 -3.11
CA LEU A 11 -15.31 14.68 -4.30
C LEU A 11 -14.36 15.84 -4.53
N HIS A 12 -14.67 16.99 -3.93
CA HIS A 12 -13.80 18.18 -4.02
C HIS A 12 -13.46 18.75 -2.65
N PRO A 13 -12.60 18.05 -1.88
CA PRO A 13 -12.22 18.55 -0.57
C PRO A 13 -11.33 19.78 -0.71
N LYS A 14 -11.43 20.70 0.25
CA LYS A 14 -10.57 21.88 0.24
C LYS A 14 -9.11 21.51 0.54
N GLY A 15 -8.21 22.45 0.29
CA GLY A 15 -6.78 22.19 0.42
C GLY A 15 -6.11 22.14 -0.94
N ASP A 16 -4.81 22.41 -0.96
CA ASP A 16 -4.05 22.46 -2.21
C ASP A 16 -3.64 21.07 -2.68
N HIS A 17 -3.55 20.91 -3.99
CA HIS A 17 -3.01 19.69 -4.58
C HIS A 17 -1.49 19.63 -4.35
N VAL A 18 -0.96 18.42 -4.27
CA VAL A 18 0.45 18.20 -3.98
C VAL A 18 1.21 17.80 -5.24
N LEU A 19 2.16 18.64 -5.66
CA LEU A 19 2.88 18.51 -6.94
C LEU A 19 1.94 18.31 -8.13
N HIS A 20 0.82 19.03 -8.11
CA HIS A 20 -0.22 18.97 -9.15
C HIS A 20 -0.88 17.59 -9.30
N SER A 21 -0.62 16.70 -8.35
CA SER A 21 -1.23 15.37 -8.34
C SER A 21 -2.75 15.46 -8.15
N HIS A 22 -3.49 14.67 -8.93
CA HIS A 22 -4.94 14.66 -8.88
C HIS A 22 -5.45 13.93 -7.65
N ALA A 23 -5.02 12.67 -7.48
CA ALA A 23 -5.27 11.94 -6.25
C ALA A 23 -4.28 12.41 -5.19
N TYR A 24 -4.75 12.61 -3.96
CA TYR A 24 -3.87 13.06 -2.89
C TYR A 24 -2.85 11.97 -2.53
N PRO A 25 -1.56 12.32 -2.54
CA PRO A 25 -0.46 11.38 -2.30
C PRO A 25 -0.52 10.70 -0.92
N ILE A 26 0.05 9.50 -0.85
CA ILE A 26 0.16 8.77 0.40
C ILE A 26 1.45 9.19 1.08
N PHE A 27 1.32 9.94 2.18
CA PHE A 27 2.47 10.38 2.95
C PHE A 27 2.89 9.30 3.94
N GLN A 28 3.48 8.23 3.39
CA GLN A 28 4.02 7.13 4.16
C GLN A 28 5.37 7.58 4.74
N THR A 29 5.31 8.43 5.76
CA THR A 29 6.50 8.99 6.39
C THR A 29 6.35 9.05 7.90
N SER A 30 7.48 9.02 8.61
CA SER A 30 7.46 9.16 10.06
C SER A 30 7.60 10.62 10.47
N THR A 31 8.66 11.28 9.98
CA THR A 31 8.97 12.65 10.39
C THR A 31 9.00 13.64 9.22
N PHE A 32 9.19 14.92 9.54
CA PHE A 32 9.26 15.98 8.55
C PHE A 32 10.49 16.88 8.77
N CYS A 33 11.03 17.40 7.68
CA CYS A 33 12.23 18.24 7.70
C CYS A 33 11.90 19.69 8.05
N PHE A 34 12.83 20.35 8.73
CA PHE A 34 12.70 21.78 9.03
C PHE A 34 13.65 22.60 8.17
N ASP A 35 13.22 23.81 7.82
CA ASP A 35 14.06 24.76 7.07
C ASP A 35 15.15 25.34 7.95
N SER A 36 14.78 25.61 9.20
CA SER A 36 15.69 26.20 10.19
C SER A 36 15.27 25.77 11.59
N THR A 37 16.10 26.11 12.60
CA THR A 37 15.80 25.80 13.98
C THR A 37 14.54 26.52 14.46
N GLN A 38 14.42 27.80 14.08
CA GLN A 38 13.28 28.64 14.48
C GLN A 38 11.97 28.18 13.83
N GLN A 39 12.05 27.74 12.57
CA GLN A 39 10.89 27.22 11.85
C GLN A 39 10.36 25.95 12.51
N GLY A 40 11.27 25.13 13.02
CA GLY A 40 10.92 23.92 13.76
C GLY A 40 10.41 24.22 15.15
N ALA A 41 11.03 25.20 15.81
CA ALA A 41 10.62 25.63 17.14
C ALA A 41 9.24 26.28 17.13
N ASP A 42 8.94 27.01 16.06
CA ASP A 42 7.64 27.69 15.90
C ASP A 42 6.48 26.70 15.71
N LEU A 43 6.73 25.64 14.94
CA LEU A 43 5.72 24.61 14.67
C LEU A 43 5.34 23.83 15.91
N PHE A 44 6.31 23.62 16.80
CA PHE A 44 6.06 23.04 18.12
C PHE A 44 5.32 24.01 19.02
N MET A 45 5.58 25.30 18.82
CA MET A 45 4.95 26.36 19.60
C MET A 45 3.53 26.64 19.09
N GLY A 46 3.24 26.17 17.87
CA GLY A 46 1.92 26.33 17.26
C GLY A 46 1.85 27.37 16.15
N LYS A 47 2.96 28.05 15.91
CA LYS A 47 3.03 29.10 14.89
C LYS A 47 3.48 28.56 13.54
N GLY A 48 2.85 29.07 12.47
CA GLY A 48 3.23 28.72 11.11
C GLY A 48 2.60 27.44 10.58
N GLU A 49 2.97 27.09 9.35
CA GLU A 49 2.49 25.87 8.69
C GLU A 49 3.70 25.03 8.25
N GLY A 50 3.65 23.71 8.43
CA GLY A 50 2.52 23.00 9.03
C GLY A 50 2.84 21.68 9.70
N HIS A 51 3.81 20.94 9.17
CA HIS A 51 4.06 19.55 9.60
C HIS A 51 5.37 19.29 10.34
N ILE A 52 5.31 18.35 11.29
CA ILE A 52 6.44 17.99 12.15
C ILE A 52 6.66 16.48 12.17
N TYR A 53 5.64 15.75 12.63
CA TYR A 53 5.73 14.32 12.90
C TYR A 53 4.34 13.71 12.75
N SER A 54 4.25 12.59 12.04
CA SER A 54 2.96 11.99 11.67
C SER A 54 1.95 11.82 12.81
N ARG A 55 2.44 11.55 14.00
CA ARG A 55 1.59 11.39 15.19
C ARG A 55 0.86 12.69 15.54
N LEU A 56 1.52 13.83 15.33
CA LEU A 56 0.91 15.14 15.54
C LEU A 56 0.04 15.54 14.35
N GLY A 57 0.49 15.20 13.14
CA GLY A 57 -0.25 15.51 11.91
C GLY A 57 0.36 14.93 10.65
N ASN A 58 -0.45 14.14 9.94
CA ASN A 58 -0.06 13.59 8.64
C ASN A 58 -0.98 14.13 7.54
N PRO A 59 -0.40 14.68 6.46
CA PRO A 59 -1.17 15.34 5.39
C PRO A 59 -2.27 14.46 4.80
N THR A 60 -1.97 13.18 4.60
CA THR A 60 -2.94 12.21 4.07
C THR A 60 -4.09 12.00 5.05
N VAL A 61 -3.75 11.86 6.33
CA VAL A 61 -4.74 11.67 7.39
C VAL A 61 -5.62 12.92 7.56
N GLU A 62 -4.99 14.09 7.51
CA GLU A 62 -5.69 15.37 7.63
C GLU A 62 -6.67 15.62 6.48
N GLN A 63 -6.34 15.10 5.30
CA GLN A 63 -7.23 15.12 4.14
C GLN A 63 -8.53 14.37 4.40
N PHE A 64 -8.42 13.20 5.02
CA PHE A 64 -9.60 12.42 5.39
C PHE A 64 -10.39 13.11 6.50
N GLU A 65 -9.68 13.61 7.51
CA GLU A 65 -10.31 14.36 8.61
C GLU A 65 -11.09 15.56 8.07
N GLU A 66 -10.56 16.20 7.03
CA GLU A 66 -11.20 17.33 6.39
C GLU A 66 -12.54 16.91 5.77
N MET A 67 -12.53 15.74 5.13
CA MET A 67 -13.72 15.21 4.48
C MET A 67 -14.83 14.91 5.48
N VAL A 68 -14.46 14.30 6.61
CA VAL A 68 -15.43 13.98 7.67
C VAL A 68 -15.98 15.27 8.30
N CYS A 69 -15.07 16.18 8.62
CA CYS A 69 -15.43 17.50 9.17
C CYS A 69 -16.43 18.24 8.30
N SER A 70 -16.38 18.00 6.99
CA SER A 70 -17.25 18.68 6.03
C SER A 70 -18.70 18.16 6.01
N ILE A 71 -18.91 16.87 6.23
CA ILE A 71 -20.29 16.33 6.32
C ILE A 71 -20.89 16.60 7.68
N GLU A 72 -20.04 16.52 8.72
CA GLU A 72 -20.48 16.65 10.10
C GLU A 72 -20.86 18.09 10.47
N GLY A 73 -20.18 19.06 9.84
CA GLY A 73 -20.38 20.47 10.16
C GLY A 73 -19.66 20.83 11.43
N ALA A 74 -18.48 20.24 11.59
CA ALA A 74 -17.67 20.38 12.80
C ALA A 74 -16.64 21.50 12.70
N ALA A 75 -15.97 21.79 13.80
CA ALA A 75 -14.83 22.72 13.83
C ALA A 75 -13.54 21.99 13.44
N GLY A 76 -13.54 20.68 13.63
CA GLY A 76 -12.38 19.85 13.32
C GLY A 76 -12.67 18.37 13.50
N SER A 77 -11.83 17.53 12.90
CA SER A 77 -11.97 16.09 13.02
C SER A 77 -10.65 15.42 13.34
N ALA A 78 -10.72 14.29 14.05
CA ALA A 78 -9.55 13.50 14.38
C ALA A 78 -9.75 12.05 13.93
N ALA A 79 -8.78 11.54 13.18
CA ALA A 79 -8.82 10.15 12.71
C ALA A 79 -8.02 9.24 13.63
N PHE A 80 -8.46 7.98 13.73
CA PHE A 80 -7.89 7.02 14.67
C PHE A 80 -7.68 5.65 14.03
N GLY A 81 -6.89 4.81 14.72
CA GLY A 81 -6.59 3.46 14.25
C GLY A 81 -7.76 2.49 14.35
N SER A 82 -8.77 2.87 15.12
CA SER A 82 -10.00 2.09 15.26
C SER A 82 -11.11 2.99 15.80
N GLY A 83 -12.35 2.51 15.67
CA GLY A 83 -13.49 3.18 16.28
C GLY A 83 -13.33 3.25 17.79
N MET A 84 -12.78 2.18 18.36
CA MET A 84 -12.47 2.14 19.79
C MET A 84 -11.39 3.14 20.18
N GLY A 85 -10.53 3.48 19.21
CA GLY A 85 -9.57 4.57 19.38
C GLY A 85 -10.29 5.89 19.48
N ALA A 86 -11.32 6.05 18.66
CA ALA A 86 -12.15 7.26 18.65
C ALA A 86 -13.03 7.38 19.90
N ILE A 87 -13.57 6.24 20.35
CA ILE A 87 -14.44 6.21 21.53
C ILE A 87 -13.68 6.57 22.81
N SER A 88 -12.50 5.96 22.99
CA SER A 88 -11.63 6.25 24.13
C SER A 88 -11.20 7.71 24.17
N SER A 89 -10.81 8.24 23.01
CA SER A 89 -10.30 9.61 22.90
C SER A 89 -11.38 10.69 22.99
N SER A 90 -12.65 10.29 22.83
CA SER A 90 -13.76 11.24 22.93
C SER A 90 -14.33 11.26 24.35
N THR A 91 -13.97 10.25 25.13
CA THR A 91 -14.47 10.11 26.50
C THR A 91 -13.38 10.36 27.53
N LEU A 92 -12.26 9.65 27.40
CA LEU A 92 -11.15 9.75 28.35
C LEU A 92 -10.30 11.03 28.20
N ALA A 93 -10.55 11.78 27.12
CA ALA A 93 -9.89 13.07 26.95
C ALA A 93 -10.51 14.14 27.83
N PHE A 94 -11.71 13.85 28.35
CA PHE A 94 -12.45 14.84 29.14
C PHE A 94 -12.76 14.34 30.55
N LEU A 95 -13.01 13.04 30.68
CA LEU A 95 -13.39 12.47 31.96
C LEU A 95 -12.18 12.15 32.84
N GLN A 96 -12.26 12.57 34.10
CA GLN A 96 -11.24 12.27 35.10
C GLN A 96 -11.90 11.66 36.35
N LYS A 97 -11.10 11.28 37.35
CA LYS A 97 -11.66 10.64 38.55
C LYS A 97 -12.60 11.57 39.29
N GLY A 98 -13.75 11.05 39.68
CA GLY A 98 -14.80 11.86 40.33
C GLY A 98 -15.89 12.33 39.38
N ASP A 99 -15.63 12.22 38.08
CA ASP A 99 -16.62 12.55 37.05
C ASP A 99 -17.59 11.40 36.84
N HIS A 100 -18.79 11.74 36.39
CA HIS A 100 -19.86 10.76 36.19
C HIS A 100 -20.30 10.71 34.72
N LEU A 101 -20.44 9.50 34.20
CA LEU A 101 -20.88 9.29 32.83
C LEU A 101 -22.22 8.57 32.79
N ILE A 102 -23.13 9.11 31.99
CA ILE A 102 -24.37 8.42 31.64
C ILE A 102 -24.23 7.90 30.21
N ALA A 103 -24.50 6.61 30.03
CA ALA A 103 -24.38 5.98 28.72
C ALA A 103 -25.57 5.05 28.46
N GLY A 104 -25.91 4.87 27.18
CA GLY A 104 -26.97 3.95 26.80
C GLY A 104 -26.70 2.55 27.31
N ASP A 105 -27.77 1.82 27.65
CA ASP A 105 -27.62 0.46 28.13
C ASP A 105 -27.33 -0.50 26.98
N THR A 106 -27.80 -0.14 25.79
CA THR A 106 -27.57 -0.91 24.57
C THR A 106 -26.47 -0.25 23.75
N LEU A 107 -25.26 -0.77 23.88
CA LEU A 107 -24.10 -0.24 23.16
C LEU A 107 -23.36 -1.37 22.48
N TYR A 108 -22.40 -1.01 21.62
CA TYR A 108 -21.50 -1.99 21.02
C TYR A 108 -20.70 -2.72 22.11
N GLY A 109 -20.46 -4.01 21.89
CA GLY A 109 -19.80 -4.89 22.86
C GLY A 109 -18.56 -4.36 23.55
N CYS A 110 -17.62 -3.84 22.77
CA CYS A 110 -16.35 -3.36 23.31
C CYS A 110 -16.46 -1.98 23.96
N THR A 111 -17.49 -1.21 23.57
CA THR A 111 -17.81 0.05 24.23
C THR A 111 -18.28 -0.24 25.65
N VAL A 112 -19.10 -1.27 25.80
CA VAL A 112 -19.53 -1.75 27.12
C VAL A 112 -18.31 -2.18 27.93
N SER A 113 -17.39 -2.89 27.28
CA SER A 113 -16.15 -3.32 27.91
C SER A 113 -15.32 -2.14 28.43
N LEU A 114 -15.20 -1.09 27.62
CA LEU A 114 -14.45 0.11 27.98
C LEU A 114 -15.11 0.88 29.13
N PHE A 115 -16.45 0.97 29.06
CA PHE A 115 -17.24 1.72 30.04
C PHE A 115 -17.39 0.96 31.36
N THR A 116 -17.44 -0.37 31.28
CA THR A 116 -17.69 -1.21 32.45
C THR A 116 -16.39 -1.61 33.17
N HIS A 117 -15.35 -1.94 32.40
CA HIS A 117 -14.10 -2.40 33.00
C HIS A 117 -13.09 -1.28 33.24
N TRP A 118 -12.77 -0.50 32.20
CA TRP A 118 -11.65 0.44 32.25
C TRP A 118 -11.94 1.77 32.95
N LEU A 119 -13.05 2.41 32.60
CA LEU A 119 -13.41 3.71 33.20
C LEU A 119 -13.50 3.69 34.74
N PRO A 120 -14.18 2.68 35.33
CA PRO A 120 -14.24 2.61 36.80
C PRO A 120 -12.87 2.50 37.46
N ARG A 121 -11.93 1.84 36.79
CA ARG A 121 -10.55 1.70 37.30
C ARG A 121 -9.85 3.04 37.35
N PHE A 122 -10.29 3.99 36.53
CA PHE A 122 -9.74 5.35 36.51
C PHE A 122 -10.54 6.31 37.39
N GLY A 123 -11.36 5.77 38.29
CA GLY A 123 -12.13 6.57 39.23
C GLY A 123 -13.32 7.29 38.63
N ILE A 124 -13.73 6.85 37.44
CA ILE A 124 -14.84 7.45 36.73
C ILE A 124 -16.12 6.66 36.98
N GLU A 125 -17.14 7.35 37.47
CA GLU A 125 -18.44 6.73 37.74
C GLU A 125 -19.23 6.56 36.45
N VAL A 126 -19.73 5.34 36.22
CA VAL A 126 -20.47 5.04 34.99
C VAL A 126 -21.81 4.38 35.30
N ASP A 127 -22.86 4.85 34.63
CA ASP A 127 -24.20 4.27 34.74
C ASP A 127 -24.78 4.00 33.36
N LEU A 128 -25.07 2.73 33.06
CA LEU A 128 -25.74 2.36 31.83
C LEU A 128 -27.26 2.51 32.00
N ILE A 129 -27.85 3.37 31.20
CA ILE A 129 -29.24 3.80 31.38
C ILE A 129 -30.00 3.68 30.06
N ASP A 130 -31.28 3.34 30.13
CA ASP A 130 -32.16 3.36 28.96
C ASP A 130 -32.35 4.80 28.50
N THR A 131 -31.71 5.15 27.38
CA THR A 131 -31.71 6.53 26.88
C THR A 131 -32.82 6.80 25.86
N SER A 132 -33.68 5.80 25.64
CA SER A 132 -34.89 5.97 24.84
C SER A 132 -35.95 6.74 25.64
N ASP A 133 -35.71 6.86 26.95
CA ASP A 133 -36.58 7.62 27.85
C ASP A 133 -35.76 8.76 28.47
N VAL A 134 -36.12 9.99 28.09
CA VAL A 134 -35.44 11.20 28.57
C VAL A 134 -35.52 11.33 30.09
N GLU A 135 -36.65 10.94 30.67
CA GLU A 135 -36.87 11.03 32.12
C GLU A 135 -35.93 10.13 32.92
N LYS A 136 -35.57 8.98 32.34
CA LYS A 136 -34.61 8.07 32.97
C LYS A 136 -33.19 8.66 32.97
N VAL A 137 -32.88 9.43 31.93
CA VAL A 137 -31.61 10.13 31.83
C VAL A 137 -31.54 11.26 32.87
N LYS A 138 -32.66 11.98 33.02
CA LYS A 138 -32.77 13.03 34.02
C LYS A 138 -32.65 12.48 35.45
N ALA A 139 -33.26 11.32 35.68
CA ALA A 139 -33.27 10.70 37.01
C ALA A 139 -31.89 10.18 37.43
N ALA A 140 -31.12 9.72 36.46
CA ALA A 140 -29.79 9.17 36.69
C ALA A 140 -28.74 10.27 36.88
N TRP A 141 -29.15 11.52 36.64
CA TRP A 141 -28.25 12.67 36.68
C TRP A 141 -27.73 12.95 38.08
N LYS A 142 -26.48 13.41 38.15
CA LYS A 142 -25.81 13.73 39.41
C LYS A 142 -25.15 15.11 39.30
N PRO A 143 -24.81 15.74 40.44
CA PRO A 143 -24.07 17.00 40.41
C PRO A 143 -22.73 16.89 39.67
N ASN A 144 -22.14 15.69 39.67
CA ASN A 144 -20.85 15.45 39.03
C ASN A 144 -20.93 14.86 37.62
N THR A 145 -22.14 14.82 37.06
CA THR A 145 -22.34 14.33 35.68
C THR A 145 -21.66 15.25 34.69
N LYS A 146 -20.76 14.69 33.88
CA LYS A 146 -19.97 15.46 32.94
C LYS A 146 -20.21 15.09 31.48
N MET A 147 -20.80 13.91 31.25
CA MET A 147 -20.96 13.40 29.89
C MET A 147 -22.15 12.46 29.74
N VAL A 148 -22.83 12.57 28.60
CA VAL A 148 -23.82 11.59 28.17
C VAL A 148 -23.39 11.01 26.82
N TYR A 149 -23.23 9.68 26.78
CA TYR A 149 -22.80 8.96 25.58
C TYR A 149 -23.97 8.14 25.00
N LEU A 150 -24.29 8.39 23.74
CA LEU A 150 -25.41 7.71 23.09
C LEU A 150 -25.01 6.96 21.82
N GLU A 151 -25.66 5.82 21.61
CA GLU A 151 -25.66 5.13 20.32
C GLU A 151 -27.11 5.08 19.84
N SER A 152 -27.38 5.62 18.67
CA SER A 152 -28.73 5.63 18.11
C SER A 152 -28.74 5.68 16.58
N PRO A 153 -29.33 4.66 15.92
CA PRO A 153 -29.88 3.44 16.50
C PRO A 153 -28.79 2.55 17.10
N ALA A 154 -29.10 1.88 18.20
CA ALA A 154 -28.12 1.12 18.97
C ALA A 154 -27.69 -0.18 18.30
N ASN A 155 -26.44 -0.57 18.55
CA ASN A 155 -25.91 -1.86 18.13
C ASN A 155 -26.22 -2.90 19.22
N PRO A 156 -26.96 -3.97 18.87
CA PRO A 156 -27.53 -4.32 17.57
C PRO A 156 -29.06 -4.19 17.48
N THR A 157 -29.70 -3.78 18.57
CA THR A 157 -31.17 -3.81 18.65
C THR A 157 -31.86 -2.69 17.89
N CYS A 158 -31.08 -1.73 17.42
CA CYS A 158 -31.56 -0.55 16.71
C CYS A 158 -32.46 0.36 17.55
N LYS A 159 -32.32 0.26 18.87
CA LYS A 159 -33.09 1.08 19.80
C LYS A 159 -32.78 2.56 19.61
N VAL A 160 -33.82 3.37 19.51
CA VAL A 160 -33.72 4.79 19.20
C VAL A 160 -33.72 5.64 20.48
N SER A 161 -32.79 6.59 20.54
CA SER A 161 -32.74 7.57 21.62
C SER A 161 -33.08 8.97 21.12
N ASP A 162 -33.70 9.76 21.98
CA ASP A 162 -34.06 11.15 21.68
C ASP A 162 -32.84 12.04 21.86
N ILE A 163 -32.01 12.12 20.82
CA ILE A 163 -30.75 12.89 20.86
C ILE A 163 -31.01 14.37 21.10
N LYS A 164 -31.98 14.91 20.38
CA LYS A 164 -32.39 16.31 20.49
C LYS A 164 -32.84 16.65 21.92
N GLY A 165 -33.69 15.80 22.47
CA GLY A 165 -34.22 15.98 23.83
C GLY A 165 -33.17 15.87 24.92
N ILE A 166 -32.23 14.95 24.73
CA ILE A 166 -31.14 14.73 25.70
C ILE A 166 -30.10 15.84 25.60
N ALA A 167 -29.92 16.38 24.40
CA ALA A 167 -29.01 17.50 24.16
C ALA A 167 -29.35 18.71 25.02
N VAL A 168 -30.64 19.05 25.07
CA VAL A 168 -31.14 20.15 25.89
C VAL A 168 -30.67 20.02 27.34
N VAL A 169 -30.88 18.84 27.94
CA VAL A 169 -30.49 18.58 29.32
C VAL A 169 -28.96 18.73 29.51
N CYS A 170 -28.20 18.22 28.54
CA CYS A 170 -26.74 18.36 28.53
C CYS A 170 -26.31 19.83 28.48
N HIS A 171 -26.99 20.63 27.64
CA HIS A 171 -26.69 22.04 27.49
C HIS A 171 -26.99 22.86 28.74
N GLU A 172 -28.09 22.51 29.42
CA GLU A 172 -28.55 23.25 30.58
C GLU A 172 -27.72 22.95 31.84
N ARG A 173 -27.09 21.77 31.87
CA ARG A 173 -26.41 21.30 33.07
C ARG A 173 -24.88 21.21 32.92
N GLY A 174 -24.36 21.61 31.76
CA GLY A 174 -22.92 21.65 31.54
C GLY A 174 -22.28 20.28 31.38
N ALA A 175 -22.87 19.45 30.53
CA ALA A 175 -22.31 18.14 30.21
C ALA A 175 -22.16 17.98 28.70
N ARG A 176 -21.08 17.32 28.27
CA ARG A 176 -20.89 17.04 26.86
C ARG A 176 -21.76 15.89 26.39
N LEU A 177 -22.41 16.08 25.25
CA LEU A 177 -23.14 14.99 24.60
C LEU A 177 -22.28 14.41 23.49
N VAL A 178 -22.03 13.11 23.59
CA VAL A 178 -21.27 12.37 22.59
C VAL A 178 -22.17 11.31 21.96
N VAL A 179 -22.25 11.34 20.63
CA VAL A 179 -23.06 10.38 19.90
C VAL A 179 -22.20 9.53 18.95
N ASP A 180 -22.36 8.22 19.05
CA ASP A 180 -21.75 7.28 18.11
C ASP A 180 -22.77 7.05 16.99
N ALA A 181 -22.42 7.50 15.78
CA ALA A 181 -23.35 7.47 14.66
C ALA A 181 -22.92 6.48 13.57
N THR A 182 -22.12 5.49 13.96
CA THR A 182 -21.59 4.47 13.04
C THR A 182 -22.68 3.77 12.22
N PHE A 183 -23.76 3.38 12.89
CA PHE A 183 -24.85 2.61 12.28
C PHE A 183 -25.60 3.32 11.14
N THR A 184 -25.55 4.66 11.13
CA THR A 184 -26.35 5.45 10.21
C THR A 184 -25.52 6.16 9.13
N SER A 185 -24.28 6.53 9.48
CA SER A 185 -23.37 7.33 8.64
C SER A 185 -23.69 8.83 8.70
N PRO A 186 -22.69 9.69 8.43
CA PRO A 186 -22.90 11.15 8.44
C PRO A 186 -23.88 11.62 7.36
N CYS A 187 -24.13 10.77 6.37
CA CYS A 187 -25.11 11.06 5.33
C CYS A 187 -26.52 11.24 5.89
N PHE A 188 -26.89 10.40 6.84
CA PHE A 188 -28.26 10.38 7.35
C PHE A 188 -28.41 10.88 8.80
N LEU A 189 -27.34 10.77 9.59
CA LEU A 189 -27.35 11.29 10.95
C LEU A 189 -26.20 12.26 11.19
N LYS A 190 -26.55 13.49 11.54
CA LYS A 190 -25.57 14.52 11.88
C LYS A 190 -25.84 15.04 13.30
N PRO A 191 -25.24 14.39 14.31
CA PRO A 191 -25.49 14.70 15.72
C PRO A 191 -25.25 16.16 16.13
N LEU A 192 -24.26 16.80 15.48
CA LEU A 192 -23.95 18.21 15.76
C LEU A 192 -25.08 19.16 15.35
N GLU A 193 -25.91 18.74 14.41
CA GLU A 193 -27.13 19.47 14.05
C GLU A 193 -28.23 19.26 15.09
N LEU A 194 -28.11 18.17 15.87
CA LEU A 194 -29.12 17.80 16.86
C LEU A 194 -28.78 18.27 18.28
N GLY A 195 -27.61 18.90 18.44
CA GLY A 195 -27.20 19.43 19.73
C GLY A 195 -26.08 18.66 20.42
N ALA A 196 -25.54 17.64 19.76
CA ALA A 196 -24.41 16.91 20.33
C ALA A 196 -23.13 17.74 20.26
N ASP A 197 -22.21 17.47 21.17
CA ASP A 197 -20.93 18.16 21.19
C ASP A 197 -19.90 17.42 20.34
N ILE A 198 -19.98 16.10 20.35
CA ILE A 198 -19.05 15.26 19.59
C ILE A 198 -19.79 14.16 18.85
N ALA A 199 -19.47 14.02 17.56
CA ALA A 199 -20.02 12.96 16.72
C ALA A 199 -18.87 12.06 16.28
N LEU A 200 -18.97 10.77 16.60
CA LEU A 200 -17.90 9.83 16.25
C LEU A 200 -18.38 8.65 15.42
N HIS A 201 -17.45 8.05 14.68
CA HIS A 201 -17.74 6.89 13.85
C HIS A 201 -16.64 5.86 13.92
N SER A 202 -17.04 4.60 13.82
CA SER A 202 -16.13 3.57 13.39
C SER A 202 -16.10 3.64 11.87
N VAL A 203 -15.00 4.21 11.34
CA VAL A 203 -14.80 4.34 9.91
C VAL A 203 -14.70 2.96 9.25
N SER A 204 -14.33 1.96 10.05
CA SER A 204 -14.26 0.57 9.61
C SER A 204 -15.53 0.09 8.92
N LYS A 205 -16.65 0.76 9.22
CA LYS A 205 -17.95 0.34 8.69
C LYS A 205 -18.35 1.09 7.42
N TYR A 206 -19.40 1.90 7.49
CA TYR A 206 -19.99 2.53 6.30
C TYR A 206 -19.07 3.51 5.58
N ILE A 207 -18.46 4.43 6.33
CA ILE A 207 -17.65 5.50 5.75
C ILE A 207 -16.60 4.96 4.77
N ASN A 208 -15.78 4.01 5.22
CA ASN A 208 -14.87 3.31 4.32
C ASN A 208 -15.62 2.37 3.38
N GLY A 209 -16.53 1.57 3.93
CA GLY A 209 -17.49 0.80 3.15
C GLY A 209 -17.00 -0.44 2.43
N HIS A 210 -15.68 -0.65 2.42
CA HIS A 210 -15.09 -1.70 1.60
C HIS A 210 -14.46 -2.84 2.40
N GLY A 211 -14.69 -2.83 3.71
CA GLY A 211 -14.26 -3.91 4.61
C GLY A 211 -12.78 -4.26 4.57
N ASP A 212 -11.94 -3.27 4.29
CA ASP A 212 -10.50 -3.50 4.16
C ASP A 212 -9.66 -2.66 5.13
N VAL A 213 -10.34 -1.84 5.93
CA VAL A 213 -9.66 -0.93 6.86
C VAL A 213 -10.35 -0.92 8.22
N ILE A 214 -9.56 -0.95 9.29
CA ILE A 214 -10.04 -0.65 10.63
C ILE A 214 -9.68 0.80 10.92
N GLY A 215 -10.68 1.60 11.25
CA GLY A 215 -10.46 3.02 11.52
C GLY A 215 -11.55 3.70 12.31
N GLY A 216 -11.21 4.84 12.90
CA GLY A 216 -12.16 5.64 13.67
C GLY A 216 -12.00 7.12 13.41
N VAL A 217 -13.07 7.87 13.60
CA VAL A 217 -13.04 9.33 13.46
C VAL A 217 -13.93 9.97 14.52
N SER A 218 -13.52 11.15 14.98
CA SER A 218 -14.25 11.91 15.98
C SER A 218 -14.28 13.39 15.61
N SER A 219 -15.47 13.98 15.65
CA SER A 219 -15.65 15.38 15.27
C SER A 219 -16.28 16.19 16.39
N ALA A 220 -15.80 17.42 16.57
CA ALA A 220 -16.29 18.31 17.63
C ALA A 220 -16.86 19.60 17.09
N LYS A 221 -17.85 20.14 17.80
CA LYS A 221 -18.46 21.43 17.46
C LYS A 221 -17.52 22.60 17.79
N THR A 222 -16.60 22.34 18.71
CA THR A 222 -15.73 23.35 19.29
C THR A 222 -14.26 23.10 18.94
N ALA A 223 -13.52 24.16 18.67
CA ALA A 223 -12.09 24.08 18.33
C ALA A 223 -11.24 23.60 19.51
N GLU A 224 -11.62 24.00 20.72
CA GLU A 224 -10.92 23.61 21.94
C GLU A 224 -11.07 22.11 22.20
N ASP A 225 -12.26 21.58 21.92
CA ASP A 225 -12.57 20.16 22.15
C ASP A 225 -11.81 19.23 21.20
N ILE A 226 -11.75 19.58 19.92
CA ILE A 226 -11.01 18.78 18.94
C ILE A 226 -9.49 18.85 19.20
N ALA A 227 -9.03 19.97 19.73
CA ALA A 227 -7.64 20.12 20.15
C ALA A 227 -7.33 19.24 21.36
N THR A 228 -8.28 19.15 22.30
CA THR A 228 -8.17 18.28 23.47
C THR A 228 -8.15 16.81 23.06
N ILE A 229 -9.01 16.45 22.09
CA ILE A 229 -9.07 15.10 21.56
C ILE A 229 -7.74 14.73 20.87
N LYS A 230 -7.21 15.66 20.09
CA LYS A 230 -5.92 15.47 19.42
C LYS A 230 -4.74 15.47 20.40
N PHE A 231 -4.89 16.21 21.49
CA PHE A 231 -3.89 16.23 22.57
C PHE A 231 -3.85 14.87 23.30
N TYR A 232 -5.02 14.26 23.45
CA TYR A 232 -5.11 12.92 24.02
C TYR A 232 -4.56 11.87 23.04
N ARG A 233 -4.91 12.02 21.76
CA ARG A 233 -4.50 11.08 20.71
C ARG A 233 -2.97 10.92 20.62
N LYS A 234 -2.25 12.03 20.69
CA LYS A 234 -0.78 11.98 20.58
C LYS A 234 -0.13 11.28 21.77
N ASP A 235 -0.84 11.22 22.90
CA ASP A 235 -0.35 10.56 24.11
C ASP A 235 -0.85 9.12 24.21
N ALA A 236 -2.13 8.90 23.86
CA ALA A 236 -2.73 7.57 23.89
C ALA A 236 -2.28 6.71 22.71
N GLY A 237 -2.12 7.34 21.56
CA GLY A 237 -1.42 6.73 20.43
C GLY A 237 -2.22 5.99 19.37
N SER A 238 -3.54 6.19 19.35
CA SER A 238 -4.37 5.55 18.32
C SER A 238 -4.42 6.41 17.07
N LEU A 239 -3.60 6.03 16.08
CA LEU A 239 -3.47 6.82 14.86
C LEU A 239 -3.94 6.04 13.64
N MET A 240 -4.48 6.78 12.67
CA MET A 240 -4.78 6.22 11.36
C MET A 240 -3.49 6.20 10.53
N ALA A 241 -3.17 5.06 9.95
CA ALA A 241 -2.02 4.94 9.06
C ALA A 241 -2.27 5.70 7.77
N PRO A 242 -1.22 6.32 7.20
CA PRO A 242 -1.35 7.05 5.94
C PRO A 242 -2.02 6.22 4.84
N MET A 243 -1.65 4.94 4.74
CA MET A 243 -2.23 4.02 3.76
C MET A 243 -3.71 3.79 4.04
N ASP A 244 -4.06 3.64 5.31
CA ASP A 244 -5.44 3.47 5.73
C ASP A 244 -6.28 4.72 5.48
N ALA A 245 -5.67 5.89 5.69
CA ALA A 245 -6.30 7.18 5.43
C ALA A 245 -6.64 7.35 3.95
N PHE A 246 -5.66 7.02 3.09
CA PHE A 246 -5.84 7.03 1.65
C PHE A 246 -7.04 6.20 1.23
N LEU A 247 -7.16 5.01 1.81
CA LEU A 247 -8.25 4.08 1.50
C LEU A 247 -9.60 4.57 2.02
N CYS A 248 -9.61 5.17 3.21
CA CYS A 248 -10.83 5.71 3.80
C CYS A 248 -11.38 6.90 3.02
N ALA A 249 -10.49 7.79 2.58
CA ALA A 249 -10.86 8.91 1.73
C ALA A 249 -11.40 8.41 0.40
N ARG A 250 -10.70 7.44 -0.18
CA ARG A 250 -11.10 6.76 -1.40
C ARG A 250 -12.49 6.12 -1.24
N GLY A 251 -12.69 5.40 -0.14
CA GLY A 251 -13.96 4.75 0.15
C GLY A 251 -15.08 5.75 0.36
N MET A 252 -14.72 6.92 0.89
CA MET A 252 -15.68 7.97 1.21
C MET A 252 -16.19 8.70 -0.04
N LYS A 253 -15.40 8.67 -1.11
CA LYS A 253 -15.79 9.25 -2.41
C LYS A 253 -17.18 8.82 -2.85
N THR A 254 -17.53 7.55 -2.59
CA THR A 254 -18.80 6.98 -3.00
C THR A 254 -19.78 6.77 -1.84
N LEU A 255 -19.52 7.39 -0.69
CA LEU A 255 -20.38 7.20 0.49
C LEU A 255 -21.87 7.56 0.26
N PRO A 256 -22.16 8.76 -0.29
CA PRO A 256 -23.56 9.15 -0.44
C PRO A 256 -24.39 8.19 -1.29
N ILE A 257 -23.81 7.70 -2.40
CA ILE A 257 -24.54 6.78 -3.29
C ILE A 257 -24.64 5.38 -2.71
N ARG A 258 -23.60 4.93 -2.02
CA ARG A 258 -23.63 3.65 -1.32
C ARG A 258 -24.74 3.67 -0.24
N MET A 259 -24.83 4.77 0.50
CA MET A 259 -25.83 4.91 1.56
C MET A 259 -27.25 4.95 1.00
N GLN A 260 -27.41 5.48 -0.20
CA GLN A 260 -28.70 5.52 -0.88
C GLN A 260 -29.19 4.09 -1.15
N ILE A 261 -28.27 3.25 -1.63
CA ILE A 261 -28.59 1.84 -1.92
C ILE A 261 -28.75 1.04 -0.63
N HIS A 262 -27.86 1.27 0.33
CA HIS A 262 -27.97 0.63 1.65
C HIS A 262 -29.35 0.87 2.26
N MET A 263 -29.75 2.14 2.31
CA MET A 263 -31.05 2.53 2.88
C MET A 263 -32.24 1.84 2.21
N GLU A 264 -32.29 1.88 0.87
CA GLU A 264 -33.40 1.27 0.14
C GLU A 264 -33.37 -0.26 0.19
N ASN A 265 -32.19 -0.85 0.04
CA ASN A 265 -32.02 -2.30 0.16
C ASN A 265 -32.46 -2.80 1.54
N GLY A 266 -31.96 -2.13 2.58
CA GLY A 266 -32.26 -2.48 3.96
C GLY A 266 -33.73 -2.43 4.31
N LEU A 267 -34.41 -1.41 3.81
CA LEU A 267 -35.87 -1.27 4.03
C LEU A 267 -36.64 -2.39 3.34
N LYS A 268 -36.21 -2.75 2.13
CA LYS A 268 -36.87 -3.79 1.35
C LYS A 268 -36.64 -5.19 1.92
N VAL A 269 -35.45 -5.42 2.44
CA VAL A 269 -35.11 -6.67 3.12
C VAL A 269 -35.91 -6.81 4.41
N ALA A 270 -35.98 -5.74 5.20
CA ALA A 270 -36.74 -5.71 6.45
C ALA A 270 -38.24 -5.94 6.23
N LYS A 271 -38.78 -5.31 5.20
CA LYS A 271 -40.19 -5.44 4.85
C LYS A 271 -40.54 -6.84 4.39
N PHE A 272 -39.60 -7.48 3.69
CA PHE A 272 -39.75 -8.88 3.27
C PHE A 272 -39.73 -9.82 4.48
N LEU A 273 -38.77 -9.60 5.38
CA LEU A 273 -38.63 -10.44 6.58
C LEU A 273 -39.85 -10.32 7.50
N GLU A 274 -40.33 -9.09 7.69
CA GLU A 274 -41.48 -8.83 8.56
C GLU A 274 -42.76 -9.54 8.11
N GLN A 275 -42.95 -9.66 6.80
CA GLN A 275 -44.13 -10.35 6.26
C GLN A 275 -43.94 -11.86 6.14
N HIS A 276 -42.72 -12.33 6.41
CA HIS A 276 -42.40 -13.76 6.32
C HIS A 276 -42.78 -14.51 7.59
N GLU A 277 -43.43 -15.66 7.42
CA GLU A 277 -44.00 -16.44 8.52
C GLU A 277 -42.97 -16.99 9.50
N LYS A 278 -41.74 -17.21 9.02
CA LYS A 278 -40.67 -17.72 9.89
C LYS A 278 -40.11 -16.67 10.85
N ILE A 279 -40.29 -15.39 10.50
CA ILE A 279 -39.75 -14.29 11.29
C ILE A 279 -40.77 -13.78 12.30
N VAL A 280 -40.36 -13.73 13.57
CA VAL A 280 -41.22 -13.28 14.66
C VAL A 280 -41.35 -11.75 14.67
N LYS A 281 -40.21 -11.07 14.55
CA LYS A 281 -40.15 -9.62 14.71
C LYS A 281 -38.94 -9.06 13.97
N VAL A 282 -39.07 -7.84 13.43
CA VAL A 282 -37.97 -7.16 12.76
C VAL A 282 -37.69 -5.80 13.41
N ASN A 283 -36.46 -5.60 13.85
CA ASN A 283 -36.04 -4.36 14.48
C ASN A 283 -35.30 -3.42 13.52
N HIS A 284 -36.05 -2.84 12.59
CA HIS A 284 -35.54 -1.83 11.68
C HIS A 284 -36.17 -0.49 12.04
N PRO A 285 -35.34 0.55 12.28
CA PRO A 285 -35.86 1.85 12.75
C PRO A 285 -36.69 2.61 11.71
N GLY A 286 -36.71 2.11 10.47
CA GLY A 286 -37.47 2.73 9.39
C GLY A 286 -38.85 2.15 9.18
N LEU A 287 -39.16 1.08 9.92
CA LEU A 287 -40.48 0.45 9.87
C LEU A 287 -41.43 1.16 10.82
N GLU A 288 -42.70 1.23 10.45
CA GLU A 288 -43.73 1.87 11.27
C GLU A 288 -44.07 1.08 12.54
N SER A 289 -43.81 -0.22 12.52
CA SER A 289 -44.08 -1.09 13.66
C SER A 289 -43.08 -0.88 14.79
N PHE A 290 -41.92 -0.33 14.45
CA PHE A 290 -40.80 -0.21 15.40
C PHE A 290 -40.95 0.97 16.34
N PRO A 291 -40.84 0.72 17.66
CA PRO A 291 -40.88 1.79 18.67
C PRO A 291 -39.71 2.74 18.51
N GLY A 292 -40.00 4.02 18.34
CA GLY A 292 -38.96 5.03 18.15
C GLY A 292 -38.75 5.41 16.70
N HIS A 293 -39.62 4.90 15.82
CA HIS A 293 -39.59 5.26 14.41
C HIS A 293 -39.86 6.74 14.19
N ASP A 294 -40.81 7.29 14.95
CA ASP A 294 -41.20 8.69 14.85
C ASP A 294 -40.06 9.64 15.22
N ILE A 295 -39.29 9.28 16.26
CA ILE A 295 -38.11 10.04 16.65
C ILE A 295 -36.99 9.89 15.60
N ALA A 296 -36.82 8.66 15.12
CA ALA A 296 -35.80 8.34 14.11
C ALA A 296 -36.02 9.07 12.79
N LYS A 297 -37.26 9.11 12.32
CA LYS A 297 -37.57 9.73 11.03
C LYS A 297 -37.53 11.26 11.07
N LYS A 298 -37.70 11.82 12.27
CA LYS A 298 -37.61 13.26 12.49
C LYS A 298 -36.16 13.72 12.60
N GLN A 299 -35.37 12.98 13.37
CA GLN A 299 -34.01 13.39 13.71
C GLN A 299 -32.94 12.91 12.73
N MET A 300 -33.32 11.99 11.84
CA MET A 300 -32.41 11.47 10.82
C MET A 300 -32.95 11.73 9.41
N THR A 301 -32.03 11.74 8.45
CA THR A 301 -32.33 12.03 7.05
C THR A 301 -32.52 10.73 6.25
N GLY A 302 -32.20 9.60 6.89
CA GLY A 302 -32.39 8.28 6.32
C GLY A 302 -32.09 7.20 7.33
N TYR A 303 -31.80 5.99 6.83
CA TYR A 303 -31.49 4.85 7.70
C TYR A 303 -30.33 4.04 7.16
N GLY A 304 -29.53 3.49 8.07
CA GLY A 304 -28.52 2.50 7.72
C GLY A 304 -29.17 1.19 7.32
N SER A 305 -28.36 0.21 6.93
CA SER A 305 -28.90 -1.07 6.47
C SER A 305 -28.57 -2.24 7.42
N THR A 306 -28.08 -1.91 8.60
CA THR A 306 -27.82 -2.93 9.62
C THR A 306 -28.97 -2.96 10.63
N PHE A 307 -29.62 -4.12 10.72
CA PHE A 307 -30.74 -4.30 11.62
C PHE A 307 -30.84 -5.74 12.11
N LEU A 308 -31.65 -5.94 13.11
CA LEU A 308 -31.73 -7.19 13.83
C LEU A 308 -33.13 -7.76 13.64
N PHE A 309 -33.26 -9.08 13.63
CA PHE A 309 -34.58 -9.71 13.55
C PHE A 309 -34.68 -10.98 14.38
N GLU A 310 -35.90 -11.31 14.79
CA GLU A 310 -36.15 -12.44 15.69
C GLU A 310 -36.65 -13.68 14.96
N MET A 311 -35.96 -14.81 15.20
CA MET A 311 -36.39 -16.11 14.70
C MET A 311 -37.20 -16.83 15.77
N LYS A 312 -37.85 -17.92 15.38
CA LYS A 312 -38.66 -18.71 16.32
C LYS A 312 -37.80 -19.53 17.28
N SER A 313 -36.54 -19.76 16.92
CA SER A 313 -35.61 -20.52 17.76
C SER A 313 -34.15 -20.29 17.37
N PHE A 314 -33.25 -20.66 18.29
CA PHE A 314 -31.83 -20.62 18.06
C PHE A 314 -31.41 -21.52 16.89
N GLU A 315 -32.00 -22.70 16.82
CA GLU A 315 -31.71 -23.66 15.76
C GLU A 315 -32.19 -23.17 14.39
N ALA A 316 -33.33 -22.49 14.38
CA ALA A 316 -33.86 -21.87 13.16
C ALA A 316 -32.93 -20.76 12.68
N ALA A 317 -32.44 -19.98 13.63
CA ALA A 317 -31.46 -18.93 13.35
C ALA A 317 -30.18 -19.53 12.80
N LYS A 318 -29.72 -20.62 13.41
CA LYS A 318 -28.55 -21.36 12.95
C LYS A 318 -28.75 -21.89 11.52
N LYS A 319 -29.94 -22.43 11.25
CA LYS A 319 -30.28 -22.97 9.94
C LYS A 319 -30.24 -21.91 8.84
N LEU A 320 -30.75 -20.72 9.17
CA LEU A 320 -30.77 -19.60 8.23
C LEU A 320 -29.35 -19.09 7.93
N MET A 321 -28.62 -18.75 8.98
CA MET A 321 -27.28 -18.14 8.88
C MET A 321 -26.28 -19.01 8.13
N GLU A 322 -26.43 -20.33 8.22
CA GLU A 322 -25.44 -21.28 7.70
C GLU A 322 -25.78 -21.86 6.33
N HIS A 323 -26.83 -21.33 5.70
CA HIS A 323 -27.26 -21.83 4.40
C HIS A 323 -27.50 -20.71 3.38
N LEU A 324 -26.80 -19.60 3.58
CA LEU A 324 -26.86 -18.48 2.66
C LEU A 324 -25.72 -18.54 1.64
N LYS A 325 -26.00 -18.10 0.41
CA LYS A 325 -25.03 -18.17 -0.67
C LYS A 325 -24.49 -16.79 -1.08
N VAL A 326 -25.29 -15.75 -0.86
CA VAL A 326 -24.86 -14.38 -1.12
C VAL A 326 -24.35 -13.74 0.17
N CYS A 327 -25.19 -13.74 1.20
CA CYS A 327 -24.81 -13.21 2.51
C CYS A 327 -23.67 -14.04 3.10
N THR A 328 -22.68 -13.37 3.67
CA THR A 328 -21.54 -14.05 4.28
C THR A 328 -21.55 -13.95 5.81
N LEU A 329 -21.42 -15.11 6.46
CA LEU A 329 -21.42 -15.20 7.92
C LEU A 329 -20.11 -14.67 8.51
N ALA A 330 -20.19 -13.48 9.11
CA ALA A 330 -19.04 -12.79 9.68
C ALA A 330 -19.50 -11.62 10.55
N VAL A 331 -18.63 -11.16 11.45
CA VAL A 331 -18.91 -9.96 12.25
C VAL A 331 -18.59 -8.70 11.43
N SER A 332 -18.77 -7.54 12.06
CA SER A 332 -18.66 -6.23 11.41
C SER A 332 -19.89 -5.92 10.55
N LEU A 333 -19.94 -4.70 10.01
CA LEU A 333 -21.09 -4.25 9.23
C LEU A 333 -20.71 -3.11 8.28
N GLY A 334 -21.71 -2.59 7.58
CA GLY A 334 -21.54 -1.41 6.73
C GLY A 334 -20.67 -1.64 5.51
N CYS A 335 -20.44 -2.91 5.20
CA CYS A 335 -19.60 -3.29 4.05
CA CYS A 335 -19.60 -3.27 4.06
C CYS A 335 -20.40 -3.27 2.76
N VAL A 336 -19.69 -3.21 1.65
CA VAL A 336 -20.27 -3.16 0.32
C VAL A 336 -21.12 -4.41 0.03
N ASP A 337 -20.71 -5.55 0.60
CA ASP A 337 -21.45 -6.81 0.49
C ASP A 337 -22.15 -7.18 1.80
N THR A 338 -23.18 -8.00 1.70
CA THR A 338 -24.08 -8.31 2.82
C THR A 338 -23.46 -9.25 3.87
N LEU A 339 -23.47 -8.80 5.13
CA LEU A 339 -22.93 -9.58 6.24
C LEU A 339 -24.05 -10.06 7.17
N ILE A 340 -23.77 -11.14 7.91
CA ILE A 340 -24.74 -11.69 8.87
C ILE A 340 -24.03 -12.32 10.07
N GLU A 341 -24.57 -12.10 11.27
CA GLU A 341 -23.97 -12.61 12.50
C GLU A 341 -25.00 -12.90 13.61
N HIS A 342 -24.54 -13.58 14.66
CA HIS A 342 -25.37 -13.99 15.80
C HIS A 342 -24.92 -13.25 17.06
N PRO A 343 -25.63 -12.15 17.41
CA PRO A 343 -25.25 -11.27 18.52
C PRO A 343 -25.02 -11.96 19.87
N ALA A 344 -25.84 -12.96 20.20
CA ALA A 344 -25.75 -13.65 21.49
C ALA A 344 -24.45 -14.44 21.70
N SER A 345 -23.88 -14.94 20.61
CA SER A 345 -22.66 -15.74 20.69
C SER A 345 -21.44 -15.09 20.03
N MET A 346 -21.64 -13.95 19.38
CA MET A 346 -20.55 -13.29 18.66
C MET A 346 -20.24 -11.88 19.19
N THR A 347 -20.82 -10.85 18.57
CA THR A 347 -20.51 -9.45 18.89
C THR A 347 -20.83 -9.03 20.32
N HIS A 348 -21.83 -9.69 20.92
CA HIS A 348 -22.25 -9.37 22.27
C HIS A 348 -22.24 -10.61 23.19
N ALA A 349 -21.21 -11.44 23.03
CA ALA A 349 -21.01 -12.60 23.90
C ALA A 349 -20.16 -12.23 25.11
N ALA A 350 -19.48 -11.08 25.02
CA ALA A 350 -18.57 -10.62 26.07
C ALA A 350 -19.26 -9.75 27.13
N VAL A 351 -20.43 -9.21 26.78
CA VAL A 351 -21.19 -8.36 27.71
C VAL A 351 -21.79 -9.18 28.86
N PRO A 352 -21.68 -8.66 30.10
CA PRO A 352 -22.22 -9.35 31.28
C PRO A 352 -23.70 -9.70 31.14
N GLU A 353 -24.12 -10.77 31.83
CA GLU A 353 -25.49 -11.29 31.73
C GLU A 353 -26.57 -10.31 32.20
N ASN A 354 -26.27 -9.54 33.24
CA ASN A 354 -27.21 -8.53 33.76
C ASN A 354 -27.46 -7.40 32.78
N ILE A 355 -26.47 -7.11 31.94
CA ILE A 355 -26.58 -6.07 30.91
C ILE A 355 -27.19 -6.64 29.64
N MET A 356 -26.88 -7.90 29.32
CA MET A 356 -27.40 -8.57 28.13
C MET A 356 -28.90 -8.83 28.23
N ARG A 357 -29.38 -9.13 29.44
CA ARG A 357 -30.81 -9.29 29.71
C ARG A 357 -31.52 -7.93 29.62
N LYS A 358 -30.83 -6.88 30.04
CA LYS A 358 -31.33 -5.50 29.93
C LYS A 358 -31.40 -5.05 28.47
N GLN A 359 -30.41 -5.48 27.67
CA GLN A 359 -30.34 -5.13 26.24
C GLN A 359 -31.38 -5.87 25.40
N GLY A 360 -31.80 -7.05 25.86
CA GLY A 360 -32.81 -7.84 25.17
C GLY A 360 -32.26 -8.77 24.10
N ILE A 361 -31.00 -9.17 24.27
CA ILE A 361 -30.34 -10.05 23.30
C ILE A 361 -30.52 -11.52 23.67
N THR A 362 -31.24 -12.23 22.81
CA THR A 362 -31.55 -13.66 23.00
C THR A 362 -31.02 -14.47 21.82
N PRO A 363 -30.72 -15.77 22.04
CA PRO A 363 -30.18 -16.65 20.98
C PRO A 363 -31.04 -16.74 19.72
N GLU A 364 -32.26 -16.23 19.78
CA GLU A 364 -33.17 -16.25 18.63
C GLU A 364 -32.89 -15.11 17.65
N LEU A 365 -32.03 -14.17 18.05
CA LEU A 365 -31.80 -12.94 17.30
C LEU A 365 -30.68 -13.07 16.27
N VAL A 366 -30.88 -12.42 15.13
CA VAL A 366 -29.94 -12.43 14.01
C VAL A 366 -29.74 -11.00 13.52
N ARG A 367 -28.49 -10.57 13.41
CA ARG A 367 -28.20 -9.24 12.87
C ARG A 367 -27.72 -9.34 11.43
N ILE A 368 -28.37 -8.58 10.55
CA ILE A 368 -28.03 -8.54 9.14
C ILE A 368 -27.53 -7.15 8.74
N SER A 369 -26.44 -7.12 7.98
CA SER A 369 -25.91 -5.88 7.44
C SER A 369 -26.02 -5.92 5.91
N VAL A 370 -27.09 -5.30 5.40
CA VAL A 370 -27.43 -5.38 3.98
C VAL A 370 -26.51 -4.51 3.11
N GLY A 371 -25.84 -5.16 2.16
CA GLY A 371 -24.92 -4.48 1.24
C GLY A 371 -25.60 -3.83 0.05
N ILE A 372 -24.82 -3.60 -1.01
CA ILE A 372 -25.34 -2.90 -2.19
C ILE A 372 -25.60 -3.82 -3.39
N GLU A 373 -25.65 -5.14 -3.12
CA GLU A 373 -26.08 -6.11 -4.13
C GLU A 373 -27.50 -5.82 -4.57
N ASN A 374 -27.88 -6.30 -5.74
CA ASN A 374 -29.26 -6.22 -6.18
C ASN A 374 -30.16 -6.82 -5.11
N VAL A 375 -31.12 -6.03 -4.64
CA VAL A 375 -31.96 -6.40 -3.49
C VAL A 375 -32.73 -7.72 -3.71
N ASP A 376 -33.16 -7.96 -4.95
CA ASP A 376 -33.88 -9.18 -5.30
C ASP A 376 -33.01 -10.43 -5.11
N ASP A 377 -31.70 -10.29 -5.37
CA ASP A 377 -30.74 -11.37 -5.13
C ASP A 377 -30.56 -11.65 -3.63
N ILE A 378 -30.51 -10.58 -2.83
CA ILE A 378 -30.40 -10.69 -1.38
C ILE A 378 -31.66 -11.34 -0.79
N ILE A 379 -32.82 -10.85 -1.20
CA ILE A 379 -34.12 -11.38 -0.75
C ILE A 379 -34.29 -12.85 -1.15
N ALA A 380 -33.92 -13.18 -2.39
CA ALA A 380 -34.00 -14.56 -2.88
C ALA A 380 -33.09 -15.51 -2.09
N ASP A 381 -31.94 -15.00 -1.66
CA ASP A 381 -30.99 -15.79 -0.89
C ASP A 381 -31.54 -16.12 0.49
N LEU A 382 -32.16 -15.13 1.13
CA LEU A 382 -32.81 -15.32 2.42
C LEU A 382 -34.04 -16.22 2.30
N LYS A 383 -34.80 -16.03 1.22
CA LYS A 383 -36.02 -16.79 0.95
C LYS A 383 -35.78 -18.30 0.86
N GLN A 384 -34.77 -18.70 0.08
CA GLN A 384 -34.44 -20.12 -0.08
C GLN A 384 -33.88 -20.74 1.21
N ALA A 385 -33.16 -19.94 1.99
CA ALA A 385 -32.60 -20.39 3.27
C ALA A 385 -33.69 -20.57 4.32
N LEU A 386 -34.71 -19.71 4.26
CA LEU A 386 -35.85 -19.79 5.18
C LEU A 386 -36.81 -20.92 4.81
N GLU A 387 -36.81 -21.31 3.54
CA GLU A 387 -37.75 -22.30 3.03
C GLU A 387 -37.11 -23.68 2.80
N LEU A 388 -36.01 -23.94 3.50
CA LEU A 388 -35.33 -25.24 3.44
C LEU A 388 -36.17 -26.37 4.04
N TRP A 389 -35.92 -27.59 3.56
CA TRP A 389 -36.48 -28.80 4.14
C TRP A 389 -36.01 -28.93 5.59
N ALA B 3 34.11 13.06 -3.22
CA ALA B 3 32.78 12.51 -3.62
C ALA B 3 32.21 11.60 -2.54
N GLN B 4 30.88 11.58 -2.43
CA GLN B 4 30.17 10.75 -1.46
C GLN B 4 30.32 9.26 -1.75
N ASP B 5 30.26 8.45 -0.69
CA ASP B 5 30.26 7.00 -0.81
C ASP B 5 28.91 6.50 -1.31
N ILE B 6 28.88 5.30 -1.86
CA ILE B 6 27.68 4.72 -2.45
C ILE B 6 26.50 4.62 -1.46
N THR B 7 26.82 4.33 -0.19
CA THR B 7 25.81 4.26 0.87
C THR B 7 25.13 5.61 1.05
N THR B 8 25.94 6.68 1.13
CA THR B 8 25.46 8.03 1.37
C THR B 8 24.67 8.59 0.19
N THR B 9 25.11 8.29 -1.03
CA THR B 9 24.45 8.75 -2.26
C THR B 9 23.02 8.19 -2.37
N LEU B 10 22.87 6.90 -2.07
CA LEU B 10 21.56 6.25 -2.11
C LEU B 10 20.65 6.70 -0.97
N LEU B 11 21.24 7.04 0.18
CA LEU B 11 20.48 7.53 1.33
C LEU B 11 20.02 8.98 1.16
N HIS B 12 20.75 9.74 0.37
CA HIS B 12 20.42 11.13 0.07
C HIS B 12 20.30 11.38 -1.43
N PRO B 13 19.16 10.97 -2.04
CA PRO B 13 18.98 11.11 -3.48
C PRO B 13 18.75 12.56 -3.89
N LYS B 14 19.14 12.89 -5.12
CA LYS B 14 18.94 14.23 -5.67
C LYS B 14 17.45 14.49 -5.92
N GLY B 15 16.95 15.60 -5.42
CA GLY B 15 15.54 15.96 -5.56
C GLY B 15 14.98 16.78 -4.41
N ASP B 16 13.89 17.48 -4.66
CA ASP B 16 13.24 18.31 -3.65
C ASP B 16 12.34 17.45 -2.75
N HIS B 17 12.20 17.89 -1.50
CA HIS B 17 11.27 17.26 -0.58
C HIS B 17 9.84 17.71 -0.87
N VAL B 18 8.90 16.78 -0.71
CA VAL B 18 7.49 17.07 -0.96
C VAL B 18 6.80 17.39 0.37
N LEU B 19 6.34 18.63 0.51
CA LEU B 19 5.77 19.15 1.77
C LEU B 19 6.61 18.84 3.01
N HIS B 20 7.93 18.99 2.88
CA HIS B 20 8.89 18.74 3.95
C HIS B 20 8.92 17.30 4.46
N SER B 21 8.34 16.38 3.69
CA SER B 21 8.28 14.96 4.05
C SER B 21 9.66 14.31 3.95
N HIS B 22 10.06 13.64 5.04
CA HIS B 22 11.35 12.95 5.10
C HIS B 22 11.40 11.78 4.12
N ALA B 23 10.44 10.86 4.26
CA ALA B 23 10.27 9.81 3.27
C ALA B 23 9.54 10.39 2.06
N TYR B 24 9.91 9.92 0.87
CA TYR B 24 9.26 10.41 -0.35
C TYR B 24 7.88 9.78 -0.52
N PRO B 25 6.83 10.62 -0.68
CA PRO B 25 5.43 10.19 -0.74
C PRO B 25 5.13 9.22 -1.88
N ILE B 26 4.21 8.29 -1.62
CA ILE B 26 3.73 7.38 -2.65
C ILE B 26 2.67 8.10 -3.47
N PHE B 27 3.04 8.47 -4.69
CA PHE B 27 2.14 9.16 -5.58
C PHE B 27 1.21 8.18 -6.30
N GLN B 28 0.27 7.65 -5.53
CA GLN B 28 -0.74 6.72 -6.04
C GLN B 28 -1.79 7.53 -6.81
N THR B 29 -1.43 7.94 -8.01
CA THR B 29 -2.30 8.75 -8.86
C THR B 29 -2.17 8.32 -10.31
N SER B 30 -3.23 8.55 -11.08
CA SER B 30 -3.19 8.27 -12.51
C SER B 30 -2.79 9.53 -13.29
N THR B 31 -3.53 10.61 -13.09
CA THR B 31 -3.31 11.84 -13.84
C THR B 31 -2.89 13.01 -12.95
N PHE B 32 -2.54 14.12 -13.58
CA PHE B 32 -2.11 15.34 -12.88
C PHE B 32 -2.89 16.56 -13.37
N CYS B 33 -2.99 17.57 -12.51
CA CYS B 33 -3.74 18.78 -12.81
C CYS B 33 -2.90 19.80 -13.57
N PHE B 34 -3.56 20.65 -14.34
CA PHE B 34 -2.92 21.76 -15.05
C PHE B 34 -3.35 23.10 -14.48
N ASP B 35 -2.44 24.07 -14.48
CA ASP B 35 -2.73 25.44 -14.04
C ASP B 35 -3.53 26.19 -15.10
N SER B 36 -3.24 25.88 -16.36
CA SER B 36 -3.87 26.52 -17.51
C SER B 36 -3.77 25.63 -18.74
N THR B 37 -4.45 26.02 -19.82
CA THR B 37 -4.36 25.33 -21.10
C THR B 37 -2.93 25.35 -21.62
N GLN B 38 -2.32 26.53 -21.60
CA GLN B 38 -0.96 26.73 -22.12
C GLN B 38 0.07 25.91 -21.33
N GLN B 39 -0.11 25.84 -20.02
CA GLN B 39 0.78 25.08 -19.14
C GLN B 39 0.71 23.58 -19.45
N GLY B 40 -0.52 23.09 -19.70
CA GLY B 40 -0.75 21.71 -20.07
C GLY B 40 -0.24 21.38 -21.46
N ALA B 41 -0.54 22.27 -22.42
CA ALA B 41 -0.08 22.12 -23.80
C ALA B 41 1.45 22.17 -23.88
N ASP B 42 2.05 22.99 -23.02
CA ASP B 42 3.51 23.10 -22.93
C ASP B 42 4.17 21.79 -22.48
N LEU B 43 3.62 21.18 -21.44
CA LEU B 43 4.17 19.94 -20.87
C LEU B 43 4.21 18.77 -21.84
N PHE B 44 3.28 18.77 -22.80
CA PHE B 44 3.23 17.73 -23.83
C PHE B 44 4.29 17.88 -24.93
N MET B 45 5.12 18.91 -24.83
CA MET B 45 6.06 19.25 -25.91
C MET B 45 7.55 18.86 -25.72
N GLY B 46 8.13 19.02 -24.53
CA GLY B 46 7.49 19.52 -23.33
C GLY B 46 8.28 20.59 -22.61
N LYS B 47 7.59 21.66 -22.22
CA LYS B 47 8.17 22.75 -21.43
C LYS B 47 7.31 22.97 -20.19
N GLY B 48 7.92 23.03 -19.00
CA GLY B 48 9.33 22.76 -18.80
C GLY B 48 9.46 21.81 -17.62
N GLU B 49 8.81 22.17 -16.51
CA GLU B 49 8.81 21.35 -15.30
C GLU B 49 7.38 21.01 -14.88
N GLY B 50 7.15 19.73 -14.59
CA GLY B 50 5.84 19.27 -14.16
C GLY B 50 5.46 17.89 -14.67
N HIS B 51 4.29 17.42 -14.26
CA HIS B 51 3.82 16.08 -14.63
C HIS B 51 2.47 16.11 -15.33
N ILE B 52 2.22 15.06 -16.11
CA ILE B 52 1.01 14.95 -16.91
C ILE B 52 0.17 13.75 -16.48
N TYR B 53 0.79 12.57 -16.59
CA TYR B 53 0.13 11.29 -16.44
C TYR B 53 1.18 10.27 -16.03
N SER B 54 0.84 9.40 -15.10
CA SER B 54 1.82 8.50 -14.47
C SER B 54 2.62 7.62 -15.44
N ARG B 55 1.98 7.21 -16.54
CA ARG B 55 2.65 6.43 -17.58
C ARG B 55 3.79 7.22 -18.23
N LEU B 56 3.54 8.50 -18.48
CA LEU B 56 4.55 9.40 -19.02
C LEU B 56 5.59 9.75 -17.95
N GLY B 57 5.15 9.80 -16.69
CA GLY B 57 6.04 10.14 -15.58
C GLY B 57 5.35 10.18 -14.23
N ASN B 58 5.92 9.48 -13.26
CA ASN B 58 5.43 9.46 -11.89
C ASN B 58 6.55 9.83 -10.92
N PRO B 59 6.31 10.83 -10.04
CA PRO B 59 7.32 11.36 -9.12
C PRO B 59 7.98 10.29 -8.25
N THR B 60 7.18 9.37 -7.72
CA THR B 60 7.72 8.28 -6.89
C THR B 60 8.57 7.33 -7.73
N VAL B 61 8.13 7.04 -8.95
CA VAL B 61 8.87 6.18 -9.88
C VAL B 61 10.16 6.86 -10.32
N GLU B 62 10.07 8.15 -10.64
CA GLU B 62 11.22 8.95 -11.06
C GLU B 62 12.31 9.02 -9.99
N GLN B 63 11.88 9.03 -8.73
CA GLN B 63 12.78 8.99 -7.58
C GLN B 63 13.67 7.75 -7.57
N PHE B 64 13.05 6.60 -7.81
CA PHE B 64 13.78 5.33 -7.90
C PHE B 64 14.71 5.33 -9.13
N GLU B 65 14.18 5.84 -10.26
CA GLU B 65 14.94 5.92 -11.50
C GLU B 65 16.23 6.73 -11.34
N GLU B 66 16.14 7.83 -10.61
CA GLU B 66 17.30 8.69 -10.35
C GLU B 66 18.32 8.01 -9.42
N MET B 67 17.84 7.17 -8.51
CA MET B 67 18.70 6.39 -7.63
C MET B 67 19.54 5.39 -8.40
N VAL B 68 18.90 4.71 -9.37
CA VAL B 68 19.60 3.75 -10.24
C VAL B 68 20.54 4.49 -11.20
N CYS B 69 20.10 5.64 -11.69
CA CYS B 69 20.92 6.47 -12.57
C CYS B 69 22.22 6.92 -11.91
N SER B 70 22.15 7.23 -10.62
CA SER B 70 23.31 7.70 -9.86
C SER B 70 24.37 6.62 -9.63
N ILE B 71 23.94 5.38 -9.46
CA ILE B 71 24.85 4.25 -9.24
C ILE B 71 25.48 3.75 -10.55
N GLU B 72 24.69 3.77 -11.63
CA GLU B 72 25.14 3.26 -12.93
C GLU B 72 26.08 4.22 -13.67
N GLY B 73 25.97 5.51 -13.36
CA GLY B 73 26.72 6.55 -14.07
C GLY B 73 26.11 6.81 -15.44
N ALA B 74 24.78 6.89 -15.48
CA ALA B 74 24.03 7.01 -16.73
C ALA B 74 23.52 8.43 -16.97
N ALA B 75 22.97 8.65 -18.17
CA ALA B 75 22.30 9.89 -18.50
C ALA B 75 20.87 9.86 -17.97
N GLY B 76 20.30 8.67 -17.87
CA GLY B 76 18.94 8.47 -17.39
C GLY B 76 18.59 7.00 -17.23
N SER B 77 17.58 6.73 -16.41
CA SER B 77 17.10 5.37 -16.18
C SER B 77 15.59 5.29 -16.26
N ALA B 78 15.09 4.16 -16.74
CA ALA B 78 13.65 3.93 -16.86
C ALA B 78 13.25 2.70 -16.06
N ALA B 79 12.20 2.85 -15.24
CA ALA B 79 11.69 1.75 -14.42
C ALA B 79 10.54 1.02 -15.10
N PHE B 80 10.44 -0.27 -14.84
CA PHE B 80 9.45 -1.13 -15.50
C PHE B 80 8.76 -2.05 -14.49
N GLY B 81 7.64 -2.64 -14.91
CA GLY B 81 6.87 -3.56 -14.07
C GLY B 81 7.51 -4.94 -13.91
N SER B 82 8.58 -5.17 -14.66
CA SER B 82 9.33 -6.43 -14.60
C SER B 82 10.67 -6.27 -15.29
N GLY B 83 11.63 -7.12 -14.93
CA GLY B 83 12.91 -7.20 -15.62
C GLY B 83 12.71 -7.50 -17.10
N MET B 84 11.70 -8.32 -17.40
CA MET B 84 11.34 -8.64 -18.78
C MET B 84 10.84 -7.41 -19.52
N GLY B 85 10.14 -6.53 -18.81
CA GLY B 85 9.71 -5.24 -19.35
C GLY B 85 10.92 -4.41 -19.75
N ALA B 86 11.95 -4.44 -18.91
CA ALA B 86 13.21 -3.75 -19.18
C ALA B 86 13.92 -4.33 -20.39
N ILE B 87 13.96 -5.66 -20.46
CA ILE B 87 14.64 -6.38 -21.55
C ILE B 87 13.97 -6.13 -22.91
N SER B 88 12.65 -6.28 -22.95
CA SER B 88 11.86 -6.04 -24.17
C SER B 88 12.01 -4.61 -24.66
N SER B 89 11.94 -3.65 -23.73
CA SER B 89 12.06 -2.23 -24.06
C SER B 89 13.48 -1.80 -24.43
N SER B 90 14.48 -2.54 -23.94
CA SER B 90 15.87 -2.22 -24.23
C SER B 90 16.33 -2.81 -25.57
N THR B 91 15.52 -3.70 -26.14
CA THR B 91 15.85 -4.34 -27.42
C THR B 91 14.91 -3.91 -28.54
N LEU B 92 13.61 -4.05 -28.33
CA LEU B 92 12.61 -3.78 -29.37
C LEU B 92 12.40 -2.29 -29.65
N ALA B 93 12.96 -1.44 -28.79
CA ALA B 93 12.93 0.00 -29.00
C ALA B 93 13.92 0.40 -30.09
N PHE B 94 14.90 -0.47 -30.34
CA PHE B 94 15.96 -0.19 -31.30
C PHE B 94 15.94 -1.14 -32.48
N LEU B 95 15.79 -2.44 -32.18
CA LEU B 95 15.76 -3.47 -33.23
C LEU B 95 14.46 -3.41 -34.03
N GLN B 96 14.60 -3.40 -35.35
CA GLN B 96 13.45 -3.42 -36.26
C GLN B 96 13.63 -4.47 -37.36
N LYS B 97 12.59 -4.67 -38.16
CA LYS B 97 12.60 -5.63 -39.27
C LYS B 97 13.88 -5.52 -40.10
N GLY B 98 14.57 -6.64 -40.26
CA GLY B 98 15.78 -6.70 -41.06
C GLY B 98 17.08 -6.60 -40.28
N ASP B 99 16.99 -6.16 -39.02
CA ASP B 99 18.16 -6.03 -38.15
C ASP B 99 18.62 -7.38 -37.61
N HIS B 100 19.85 -7.42 -37.11
CA HIS B 100 20.44 -8.65 -36.58
C HIS B 100 20.95 -8.45 -35.16
N LEU B 101 20.59 -9.38 -34.27
CA LEU B 101 21.04 -9.38 -32.88
C LEU B 101 21.90 -10.60 -32.59
N ILE B 102 23.03 -10.37 -31.96
CA ILE B 102 23.85 -11.44 -31.38
C ILE B 102 23.63 -11.42 -29.87
N ALA B 103 23.25 -12.57 -29.33
CA ALA B 103 23.03 -12.71 -27.89
C ALA B 103 23.80 -13.91 -27.35
N GLY B 104 24.11 -13.90 -26.05
CA GLY B 104 24.78 -15.01 -25.39
C GLY B 104 23.91 -16.26 -25.42
N ASP B 105 24.55 -17.43 -25.51
CA ASP B 105 23.80 -18.70 -25.58
C ASP B 105 23.12 -19.07 -24.26
N THR B 106 23.71 -18.62 -23.15
CA THR B 106 23.12 -18.85 -21.82
C THR B 106 22.51 -17.57 -21.26
N LEU B 107 21.18 -17.60 -21.12
CA LEU B 107 20.42 -16.46 -20.62
C LEU B 107 19.31 -16.97 -19.71
N TYR B 108 18.62 -16.04 -19.03
CA TYR B 108 17.42 -16.38 -18.29
C TYR B 108 16.35 -16.96 -19.24
N GLY B 109 15.60 -17.94 -18.74
CA GLY B 109 14.61 -18.68 -19.52
C GLY B 109 13.69 -17.86 -20.41
N CYS B 110 13.07 -16.83 -19.84
CA CYS B 110 12.13 -16.00 -20.59
C CYS B 110 12.82 -15.04 -21.56
N THR B 111 14.09 -14.71 -21.29
CA THR B 111 14.91 -13.93 -22.20
C THR B 111 15.21 -14.75 -23.46
N VAL B 112 15.42 -16.06 -23.26
CA VAL B 112 15.55 -17.01 -24.37
C VAL B 112 14.22 -17.09 -25.12
N SER B 113 13.13 -17.18 -24.36
CA SER B 113 11.79 -17.22 -24.94
C SER B 113 11.50 -15.97 -25.78
N LEU B 114 11.88 -14.80 -25.28
CA LEU B 114 11.68 -13.54 -25.98
C LEU B 114 12.48 -13.47 -27.29
N PHE B 115 13.75 -13.85 -27.23
CA PHE B 115 14.66 -13.75 -28.37
C PHE B 115 14.41 -14.81 -29.45
N THR B 116 13.98 -15.99 -29.04
CA THR B 116 13.80 -17.12 -29.97
C THR B 116 12.40 -17.13 -30.61
N HIS B 117 11.38 -16.78 -29.84
CA HIS B 117 10.01 -16.86 -30.32
C HIS B 117 9.49 -15.55 -30.91
N TRP B 118 9.53 -14.47 -30.11
CA TRP B 118 8.88 -13.21 -30.49
C TRP B 118 9.65 -12.32 -31.46
N LEU B 119 10.96 -12.20 -31.28
CA LEU B 119 11.78 -11.34 -32.14
C LEU B 119 11.80 -11.77 -33.62
N PRO B 120 11.94 -13.09 -33.90
CA PRO B 120 11.89 -13.53 -35.31
C PRO B 120 10.52 -13.30 -35.97
N ARG B 121 9.46 -13.25 -35.17
CA ARG B 121 8.12 -12.93 -35.67
C ARG B 121 8.04 -11.47 -36.14
N PHE B 122 8.89 -10.62 -35.59
CA PHE B 122 8.95 -9.21 -35.98
C PHE B 122 10.01 -8.96 -37.04
N GLY B 123 10.49 -10.04 -37.67
CA GLY B 123 11.48 -9.96 -38.74
C GLY B 123 12.88 -9.63 -38.26
N ILE B 124 13.19 -9.99 -37.01
CA ILE B 124 14.50 -9.73 -36.43
C ILE B 124 15.34 -11.00 -36.37
N GLU B 125 16.52 -10.96 -36.99
CA GLU B 125 17.44 -12.08 -37.00
C GLU B 125 18.16 -12.21 -35.66
N VAL B 126 18.07 -13.38 -35.06
CA VAL B 126 18.70 -13.64 -33.75
C VAL B 126 19.61 -14.88 -33.81
N ASP B 127 20.84 -14.71 -33.33
CA ASP B 127 21.78 -15.83 -33.19
C ASP B 127 22.27 -15.92 -31.75
N LEU B 128 22.14 -17.10 -31.16
CA LEU B 128 22.65 -17.34 -29.81
C LEU B 128 24.06 -17.90 -29.86
N ILE B 129 25.01 -17.10 -29.39
CA ILE B 129 26.44 -17.36 -29.57
C ILE B 129 27.17 -17.43 -28.23
N ASP B 130 28.18 -18.30 -28.18
CA ASP B 130 29.09 -18.36 -27.04
C ASP B 130 29.90 -17.07 -26.96
N THR B 131 29.52 -16.22 -26.00
CA THR B 131 30.10 -14.86 -25.89
C THR B 131 31.26 -14.76 -24.90
N SER B 132 31.64 -15.89 -24.30
CA SER B 132 32.84 -15.95 -23.46
C SER B 132 34.11 -15.91 -24.32
N ASP B 133 33.94 -16.23 -25.60
CA ASP B 133 35.00 -16.09 -26.59
C ASP B 133 34.69 -14.88 -27.47
N VAL B 134 35.59 -13.89 -27.44
CA VAL B 134 35.40 -12.62 -28.14
C VAL B 134 35.46 -12.79 -29.67
N GLU B 135 36.41 -13.61 -30.13
CA GLU B 135 36.58 -13.86 -31.58
C GLU B 135 35.40 -14.62 -32.17
N LYS B 136 34.63 -15.28 -31.31
CA LYS B 136 33.43 -16.01 -31.72
C LYS B 136 32.27 -15.05 -32.01
N VAL B 137 32.30 -13.88 -31.37
CA VAL B 137 31.35 -12.81 -31.63
C VAL B 137 31.67 -12.13 -32.97
N LYS B 138 32.97 -11.97 -33.24
CA LYS B 138 33.45 -11.40 -34.50
C LYS B 138 33.06 -12.25 -35.71
N ALA B 139 33.07 -13.57 -35.53
CA ALA B 139 32.72 -14.50 -36.61
C ALA B 139 31.21 -14.55 -36.85
N ALA B 140 30.43 -14.28 -35.81
CA ALA B 140 28.97 -14.30 -35.90
C ALA B 140 28.41 -12.99 -36.44
N TRP B 141 29.30 -12.05 -36.76
CA TRP B 141 28.91 -10.71 -37.19
C TRP B 141 28.42 -10.66 -38.64
N LYS B 142 27.46 -9.77 -38.89
CA LYS B 142 26.88 -9.56 -40.21
C LYS B 142 26.84 -8.05 -40.51
N PRO B 143 26.65 -7.67 -41.80
CA PRO B 143 26.50 -6.25 -42.13
C PRO B 143 25.28 -5.58 -41.47
N ASN B 144 24.25 -6.36 -41.18
CA ASN B 144 23.03 -5.84 -40.57
C ASN B 144 22.95 -6.00 -39.04
N THR B 145 24.10 -6.27 -38.41
CA THR B 145 24.16 -6.41 -36.95
C THR B 145 24.05 -5.04 -36.28
N LYS B 146 23.06 -4.90 -35.41
CA LYS B 146 22.74 -3.62 -34.77
C LYS B 146 22.90 -3.66 -33.25
N MET B 147 22.99 -4.85 -32.68
CA MET B 147 23.05 -5.01 -31.23
C MET B 147 23.73 -6.30 -30.78
N VAL B 148 24.38 -6.22 -29.61
CA VAL B 148 24.82 -7.40 -28.87
C VAL B 148 24.20 -7.36 -27.46
N TYR B 149 23.64 -8.49 -27.03
CA TYR B 149 22.99 -8.60 -25.72
C TYR B 149 23.73 -9.61 -24.83
N LEU B 150 24.06 -9.19 -23.61
CA LEU B 150 24.90 -10.01 -22.71
C LEU B 150 24.34 -10.20 -21.31
N GLU B 151 24.60 -11.38 -20.75
CA GLU B 151 24.43 -11.65 -19.33
C GLU B 151 25.76 -12.15 -18.79
N SER B 152 26.32 -11.44 -17.81
CA SER B 152 27.62 -11.81 -17.26
C SER B 152 27.75 -11.39 -15.79
N PRO B 153 27.87 -12.37 -14.86
CA PRO B 153 27.74 -13.82 -15.07
C PRO B 153 26.32 -14.21 -15.52
N ALA B 154 26.23 -15.23 -16.37
CA ALA B 154 24.97 -15.62 -16.99
C ALA B 154 24.14 -16.56 -16.11
N ASN B 155 22.82 -16.41 -16.21
CA ASN B 155 21.87 -17.32 -15.57
C ASN B 155 21.76 -18.60 -16.38
N PRO B 156 22.02 -19.77 -15.76
CA PRO B 156 22.43 -19.99 -14.38
C PRO B 156 23.90 -20.43 -14.18
N THR B 157 24.59 -20.71 -15.28
CA THR B 157 25.93 -21.32 -15.24
C THR B 157 27.04 -20.41 -14.74
N CYS B 158 26.73 -19.12 -14.59
CA CYS B 158 27.70 -18.07 -14.18
C CYS B 158 28.78 -17.82 -15.23
N LYS B 159 28.49 -18.20 -16.47
CA LYS B 159 29.41 -18.01 -17.60
C LYS B 159 29.73 -16.52 -17.79
N VAL B 160 31.02 -16.22 -17.84
CA VAL B 160 31.52 -14.84 -17.88
C VAL B 160 31.86 -14.41 -19.30
N SER B 161 31.46 -13.19 -19.65
CA SER B 161 31.81 -12.61 -20.94
C SER B 161 32.68 -11.37 -20.77
N ASP B 162 33.62 -11.21 -21.72
CA ASP B 162 34.49 -10.03 -21.76
C ASP B 162 33.70 -8.85 -22.30
N ILE B 163 32.96 -8.18 -21.41
CA ILE B 163 32.10 -7.04 -21.77
C ILE B 163 32.94 -5.92 -22.38
N LYS B 164 34.06 -5.61 -21.74
CA LYS B 164 34.99 -4.57 -22.18
C LYS B 164 35.51 -4.84 -23.59
N GLY B 165 35.82 -6.10 -23.87
CA GLY B 165 36.31 -6.52 -25.17
C GLY B 165 35.26 -6.52 -26.26
N ILE B 166 34.05 -6.97 -25.90
CA ILE B 166 32.92 -6.98 -26.83
C ILE B 166 32.44 -5.55 -27.13
N ALA B 167 32.59 -4.66 -26.16
CA ALA B 167 32.23 -3.25 -26.32
C ALA B 167 33.06 -2.55 -27.41
N VAL B 168 34.34 -2.89 -27.47
CA VAL B 168 35.25 -2.37 -28.51
C VAL B 168 34.76 -2.77 -29.90
N VAL B 169 34.33 -4.02 -30.05
CA VAL B 169 33.79 -4.54 -31.30
C VAL B 169 32.49 -3.84 -31.69
N CYS B 170 31.65 -3.58 -30.69
CA CYS B 170 30.37 -2.90 -30.90
C CYS B 170 30.53 -1.44 -31.32
N HIS B 171 31.53 -0.76 -30.74
CA HIS B 171 31.82 0.63 -31.05
C HIS B 171 32.36 0.82 -32.47
N GLU B 172 33.24 -0.10 -32.87
CA GLU B 172 33.88 -0.06 -34.19
C GLU B 172 32.93 -0.42 -35.34
N ARG B 173 31.95 -1.27 -35.06
CA ARG B 173 31.07 -1.81 -36.11
C ARG B 173 29.65 -1.24 -36.07
N GLY B 174 29.41 -0.29 -35.17
CA GLY B 174 28.15 0.47 -35.14
C GLY B 174 26.99 -0.13 -34.36
N ALA B 175 27.28 -1.14 -33.56
CA ALA B 175 26.24 -1.84 -32.79
C ALA B 175 26.15 -1.36 -31.34
N ARG B 176 24.96 -1.47 -30.76
CA ARG B 176 24.74 -1.17 -29.35
C ARG B 176 25.09 -2.36 -28.48
N LEU B 177 25.62 -2.10 -27.30
CA LEU B 177 25.86 -3.15 -26.31
C LEU B 177 24.88 -3.02 -25.14
N VAL B 178 24.02 -4.02 -24.99
CA VAL B 178 23.05 -4.08 -23.89
C VAL B 178 23.48 -5.21 -22.95
N VAL B 179 23.60 -4.89 -21.66
CA VAL B 179 24.09 -5.87 -20.68
C VAL B 179 23.12 -6.05 -19.52
N ASP B 180 22.73 -7.31 -19.29
CA ASP B 180 21.92 -7.68 -18.15
C ASP B 180 22.84 -7.96 -16.96
N ALA B 181 22.79 -7.08 -15.97
CA ALA B 181 23.68 -7.15 -14.81
C ALA B 181 22.95 -7.57 -13.54
N THR B 182 21.80 -8.22 -13.71
CA THR B 182 20.96 -8.67 -12.60
C THR B 182 21.73 -9.46 -11.54
N PHE B 183 22.54 -10.41 -11.98
CA PHE B 183 23.26 -11.33 -11.09
C PHE B 183 24.23 -10.68 -10.11
N THR B 184 24.85 -9.58 -10.52
CA THR B 184 25.94 -8.97 -9.75
C THR B 184 25.52 -7.67 -9.06
N SER B 185 24.47 -7.04 -9.58
CA SER B 185 23.96 -5.74 -9.09
C SER B 185 24.87 -4.57 -9.48
N PRO B 186 24.32 -3.33 -9.51
CA PRO B 186 25.12 -2.16 -9.90
C PRO B 186 26.20 -1.77 -8.89
N CYS B 187 26.19 -2.42 -7.72
CA CYS B 187 27.22 -2.20 -6.70
C CYS B 187 28.56 -2.78 -7.13
N PHE B 188 28.52 -3.92 -7.83
CA PHE B 188 29.73 -4.63 -8.22
C PHE B 188 29.99 -4.62 -9.73
N LEU B 189 28.92 -4.42 -10.52
CA LEU B 189 29.03 -4.39 -11.97
C LEU B 189 28.38 -3.14 -12.55
N LYS B 190 29.20 -2.28 -13.15
CA LYS B 190 28.72 -1.07 -13.81
C LYS B 190 29.11 -1.13 -15.29
N PRO B 191 28.26 -1.76 -16.13
CA PRO B 191 28.55 -2.02 -17.55
C PRO B 191 28.87 -0.77 -18.36
N LEU B 192 28.25 0.36 -18.02
CA LEU B 192 28.50 1.63 -18.73
C LEU B 192 29.91 2.17 -18.50
N GLU B 193 30.58 1.65 -17.47
CA GLU B 193 31.99 1.98 -17.21
C GLU B 193 32.91 1.07 -18.02
N LEU B 194 32.35 -0.04 -18.52
CA LEU B 194 33.10 -1.00 -19.32
C LEU B 194 32.92 -0.75 -20.81
N GLY B 195 32.09 0.23 -21.16
CA GLY B 195 31.90 0.63 -22.55
C GLY B 195 30.55 0.28 -23.13
N ALA B 196 29.71 -0.39 -22.34
CA ALA B 196 28.36 -0.77 -22.77
C ALA B 196 27.47 0.46 -22.97
N ASP B 197 26.45 0.30 -23.81
CA ASP B 197 25.53 1.40 -24.12
C ASP B 197 24.31 1.40 -23.19
N ILE B 198 23.85 0.20 -22.84
CA ILE B 198 22.70 0.04 -21.95
C ILE B 198 23.01 -1.00 -20.87
N ALA B 199 22.65 -0.66 -19.63
CA ALA B 199 22.77 -1.57 -18.50
C ALA B 199 21.42 -1.75 -17.83
N LEU B 200 20.98 -3.00 -17.72
CA LEU B 200 19.64 -3.28 -17.18
C LEU B 200 19.66 -4.31 -16.05
N HIS B 201 18.60 -4.30 -15.25
CA HIS B 201 18.43 -5.23 -14.15
C HIS B 201 17.00 -5.70 -14.00
N SER B 202 16.86 -6.93 -13.51
CA SER B 202 15.62 -7.37 -12.90
C SER B 202 15.69 -6.86 -11.46
N VAL B 203 14.98 -5.78 -11.18
CA VAL B 203 14.95 -5.18 -9.84
C VAL B 203 14.38 -6.16 -8.81
N SER B 204 13.51 -7.04 -9.27
CA SER B 204 12.89 -8.09 -8.45
C SER B 204 13.92 -8.85 -7.61
N LYS B 205 15.17 -8.82 -8.07
CA LYS B 205 16.25 -9.58 -7.46
C LYS B 205 16.99 -8.79 -6.37
N TYR B 206 18.26 -8.48 -6.62
CA TYR B 206 19.12 -7.86 -5.60
C TYR B 206 18.74 -6.42 -5.23
N ILE B 207 18.46 -5.58 -6.23
CA ILE B 207 18.20 -4.15 -6.02
C ILE B 207 17.09 -3.91 -5.01
N ASN B 208 15.95 -4.57 -5.18
CA ASN B 208 14.91 -4.57 -4.16
C ASN B 208 15.32 -5.43 -2.97
N GLY B 209 15.69 -6.68 -3.26
CA GLY B 209 16.31 -7.57 -2.28
C GLY B 209 15.42 -8.18 -1.22
N HIS B 210 14.16 -7.77 -1.17
CA HIS B 210 13.24 -8.23 -0.11
C HIS B 210 12.18 -9.21 -0.61
N GLY B 211 12.28 -9.58 -1.89
CA GLY B 211 11.43 -10.60 -2.50
C GLY B 211 9.95 -10.33 -2.46
N ASP B 212 9.57 -9.06 -2.48
CA ASP B 212 8.16 -8.69 -2.37
C ASP B 212 7.62 -7.83 -3.52
N VAL B 213 8.44 -7.64 -4.56
CA VAL B 213 8.03 -6.89 -5.75
C VAL B 213 8.73 -7.35 -7.05
N ILE B 214 7.96 -7.34 -8.14
CA ILE B 214 8.48 -7.57 -9.49
C ILE B 214 8.74 -6.21 -10.15
N GLY B 215 9.96 -6.03 -10.66
CA GLY B 215 10.31 -4.78 -11.34
C GLY B 215 11.56 -4.88 -12.20
N GLY B 216 11.70 -3.90 -13.09
CA GLY B 216 12.87 -3.81 -13.96
C GLY B 216 13.34 -2.37 -14.09
N VAL B 217 14.62 -2.21 -14.43
CA VAL B 217 15.19 -0.90 -14.70
C VAL B 217 16.22 -0.99 -15.83
N SER B 218 16.24 0.04 -16.68
CA SER B 218 17.22 0.14 -17.76
C SER B 218 17.90 1.50 -17.73
N SER B 219 19.22 1.50 -17.89
CA SER B 219 20.01 2.74 -17.86
C SER B 219 20.84 2.89 -19.13
N ALA B 220 20.73 4.06 -19.76
CA ALA B 220 21.42 4.32 -21.02
C ALA B 220 22.53 5.35 -20.85
N LYS B 221 23.59 5.18 -21.64
CA LYS B 221 24.73 6.08 -21.59
C LYS B 221 24.39 7.46 -22.16
N THR B 222 23.65 7.48 -23.26
CA THR B 222 23.28 8.72 -23.93
C THR B 222 21.85 9.14 -23.59
N ALA B 223 21.58 10.44 -23.69
CA ALA B 223 20.25 10.99 -23.43
C ALA B 223 19.23 10.59 -24.51
N GLU B 224 19.71 10.43 -25.74
CA GLU B 224 18.84 10.03 -26.87
C GLU B 224 18.28 8.61 -26.70
N ASP B 225 19.15 7.67 -26.33
CA ASP B 225 18.77 6.28 -26.12
C ASP B 225 17.73 6.08 -25.02
N ILE B 226 17.89 6.79 -23.91
CA ILE B 226 16.96 6.67 -22.79
C ILE B 226 15.59 7.28 -23.12
N ALA B 227 15.59 8.33 -23.95
CA ALA B 227 14.36 8.95 -24.43
C ALA B 227 13.59 7.99 -25.33
N THR B 228 14.33 7.25 -26.16
CA THR B 228 13.76 6.25 -27.06
C THR B 228 13.19 5.07 -26.27
N ILE B 229 13.92 4.66 -25.23
CA ILE B 229 13.45 3.60 -24.32
C ILE B 229 12.12 3.99 -23.65
N LYS B 230 12.07 5.22 -23.12
CA LYS B 230 10.87 5.74 -22.45
C LYS B 230 9.74 6.01 -23.44
N PHE B 231 10.09 6.30 -24.68
CA PHE B 231 9.12 6.43 -25.76
C PHE B 231 8.50 5.07 -26.10
N TYR B 232 9.29 4.01 -26.00
CA TYR B 232 8.79 2.65 -26.18
C TYR B 232 7.90 2.21 -25.01
N ARG B 233 8.34 2.50 -23.79
CA ARG B 233 7.56 2.20 -22.58
C ARG B 233 6.20 2.90 -22.59
N LYS B 234 6.16 4.11 -23.19
CA LYS B 234 4.94 4.88 -23.35
C LYS B 234 3.85 4.09 -24.11
N ASP B 235 4.26 3.34 -25.13
CA ASP B 235 3.33 2.59 -25.96
C ASP B 235 3.23 1.11 -25.58
N ALA B 236 4.35 0.53 -25.13
CA ALA B 236 4.37 -0.87 -24.70
C ALA B 236 3.63 -1.07 -23.38
N GLY B 237 3.88 -0.16 -22.44
CA GLY B 237 3.08 -0.08 -21.21
C GLY B 237 3.50 -0.93 -20.02
N SER B 238 4.77 -1.32 -19.97
CA SER B 238 5.31 -2.02 -18.80
C SER B 238 5.79 -1.00 -17.77
N LEU B 239 4.94 -0.69 -16.81
CA LEU B 239 5.22 0.37 -15.84
C LEU B 239 5.44 -0.19 -14.45
N MET B 240 6.25 0.52 -13.67
CA MET B 240 6.40 0.23 -12.25
C MET B 240 5.31 0.97 -11.50
N ALA B 241 4.55 0.25 -10.68
CA ALA B 241 3.52 0.84 -9.84
C ALA B 241 4.13 1.78 -8.80
N PRO B 242 3.43 2.90 -8.50
CA PRO B 242 3.87 3.84 -7.47
C PRO B 242 4.29 3.17 -6.16
N MET B 243 3.47 2.23 -5.68
CA MET B 243 3.77 1.47 -4.46
C MET B 243 5.05 0.64 -4.60
N ASP B 244 5.20 -0.03 -5.75
CA ASP B 244 6.38 -0.82 -6.04
C ASP B 244 7.64 0.02 -6.13
N ALA B 245 7.51 1.23 -6.70
CA ALA B 245 8.61 2.19 -6.76
C ALA B 245 9.05 2.61 -5.36
N PHE B 246 8.07 2.87 -4.50
CA PHE B 246 8.31 3.18 -3.09
C PHE B 246 9.08 2.06 -2.41
N LEU B 247 8.64 0.83 -2.63
CA LEU B 247 9.24 -0.36 -2.02
C LEU B 247 10.64 -0.67 -2.58
N CYS B 248 10.84 -0.40 -3.87
CA CYS B 248 12.14 -0.63 -4.50
C CYS B 248 13.20 0.36 -4.02
N ALA B 249 12.82 1.64 -3.97
CA ALA B 249 13.70 2.68 -3.45
C ALA B 249 14.05 2.41 -1.99
N ARG B 250 13.04 2.02 -1.21
CA ARG B 250 13.20 1.64 0.19
C ARG B 250 14.17 0.48 0.35
N GLY B 251 14.03 -0.53 -0.50
CA GLY B 251 14.90 -1.70 -0.49
C GLY B 251 16.33 -1.39 -0.91
N MET B 252 16.46 -0.44 -1.83
CA MET B 252 17.77 -0.04 -2.35
C MET B 252 18.59 0.75 -1.34
N LYS B 253 17.93 1.24 -0.30
CA LYS B 253 18.60 1.98 0.80
C LYS B 253 19.65 1.13 1.51
N THR B 254 19.41 -0.17 1.63
CA THR B 254 20.34 -1.08 2.29
C THR B 254 21.13 -1.95 1.30
N LEU B 255 21.00 -1.66 0.01
CA LEU B 255 21.66 -2.46 -1.04
C LEU B 255 23.18 -2.66 -0.85
N PRO B 256 23.94 -1.55 -0.62
CA PRO B 256 25.40 -1.74 -0.49
C PRO B 256 25.81 -2.69 0.64
N ILE B 257 25.18 -2.56 1.81
CA ILE B 257 25.49 -3.44 2.94
C ILE B 257 24.94 -4.87 2.76
N ARG B 258 23.84 -4.99 2.01
CA ARG B 258 23.28 -6.31 1.68
C ARG B 258 24.19 -7.05 0.71
N MET B 259 24.66 -6.35 -0.32
CA MET B 259 25.53 -6.94 -1.35
C MET B 259 26.85 -7.40 -0.78
N GLN B 260 27.41 -6.64 0.15
CA GLN B 260 28.66 -6.99 0.81
C GLN B 260 28.53 -8.31 1.56
N ILE B 261 27.39 -8.51 2.23
CA ILE B 261 27.12 -9.75 2.94
C ILE B 261 26.79 -10.88 1.98
N HIS B 262 25.99 -10.59 0.94
CA HIS B 262 25.71 -11.55 -0.13
C HIS B 262 27.01 -12.12 -0.70
N MET B 263 27.93 -11.23 -1.05
CA MET B 263 29.21 -11.60 -1.65
C MET B 263 30.04 -12.52 -0.75
N GLU B 264 30.21 -12.14 0.51
CA GLU B 264 31.01 -12.90 1.46
C GLU B 264 30.38 -14.26 1.75
N ASN B 265 29.04 -14.26 1.90
CA ASN B 265 28.30 -15.49 2.14
C ASN B 265 28.36 -16.46 0.98
N GLY B 266 28.13 -15.95 -0.23
CA GLY B 266 28.20 -16.74 -1.46
C GLY B 266 29.56 -17.38 -1.70
N LEU B 267 30.63 -16.69 -1.32
CA LEU B 267 32.00 -17.19 -1.49
C LEU B 267 32.33 -18.34 -0.54
N LYS B 268 31.92 -18.22 0.72
CA LYS B 268 32.20 -19.25 1.72
C LYS B 268 31.38 -20.51 1.49
N VAL B 269 30.13 -20.33 1.06
CA VAL B 269 29.24 -21.45 0.74
C VAL B 269 29.74 -22.21 -0.49
N ALA B 270 30.22 -21.48 -1.49
CA ALA B 270 30.80 -22.08 -2.69
C ALA B 270 32.06 -22.88 -2.38
N LYS B 271 32.92 -22.32 -1.53
CA LYS B 271 34.15 -22.98 -1.10
C LYS B 271 33.88 -24.22 -0.24
N PHE B 272 32.80 -24.18 0.53
CA PHE B 272 32.37 -25.33 1.32
C PHE B 272 31.86 -26.45 0.42
N LEU B 273 31.09 -26.09 -0.60
CA LEU B 273 30.57 -27.05 -1.56
C LEU B 273 31.66 -27.64 -2.43
N GLU B 274 32.67 -26.83 -2.77
CA GLU B 274 33.78 -27.29 -3.61
C GLU B 274 34.64 -28.36 -2.93
N GLN B 275 34.80 -28.24 -1.61
CA GLN B 275 35.61 -29.20 -0.84
C GLN B 275 34.84 -30.48 -0.47
N HIS B 276 33.52 -30.44 -0.63
CA HIS B 276 32.65 -31.58 -0.33
C HIS B 276 32.78 -32.65 -1.42
N GLU B 277 32.80 -33.92 -1.02
CA GLU B 277 33.05 -35.03 -1.95
C GLU B 277 31.82 -35.42 -2.78
N LYS B 278 30.64 -34.97 -2.36
CA LYS B 278 29.40 -35.26 -3.09
C LYS B 278 29.11 -34.24 -4.19
N ILE B 279 29.98 -33.24 -4.31
CA ILE B 279 29.85 -32.18 -5.32
C ILE B 279 30.92 -32.34 -6.39
N VAL B 280 30.49 -32.39 -7.64
CA VAL B 280 31.40 -32.56 -8.78
C VAL B 280 32.16 -31.27 -9.08
N LYS B 281 31.44 -30.17 -9.26
CA LYS B 281 32.03 -28.85 -9.50
C LYS B 281 31.11 -27.72 -9.04
N VAL B 282 31.71 -26.59 -8.66
CA VAL B 282 30.96 -25.41 -8.27
C VAL B 282 31.26 -24.27 -9.24
N ASN B 283 30.19 -23.72 -9.82
CA ASN B 283 30.30 -22.66 -10.82
C ASN B 283 30.11 -21.27 -10.22
N HIS B 284 31.13 -20.81 -9.51
CA HIS B 284 31.13 -19.47 -8.90
C HIS B 284 32.24 -18.63 -9.52
N PRO B 285 31.89 -17.43 -10.03
CA PRO B 285 32.84 -16.54 -10.72
C PRO B 285 33.97 -16.00 -9.83
N GLY B 286 33.80 -16.13 -8.51
CA GLY B 286 34.80 -15.67 -7.55
C GLY B 286 35.79 -16.74 -7.14
N LEU B 287 35.60 -17.96 -7.64
CA LEU B 287 36.52 -19.07 -7.38
C LEU B 287 37.68 -19.06 -8.37
N GLU B 288 38.88 -19.30 -7.85
CA GLU B 288 40.11 -19.35 -8.65
C GLU B 288 40.04 -20.42 -9.74
N SER B 289 39.34 -21.51 -9.44
CA SER B 289 39.22 -22.67 -10.34
C SER B 289 38.33 -22.39 -11.56
N PHE B 290 37.34 -21.51 -11.38
CA PHE B 290 36.35 -21.23 -12.41
C PHE B 290 36.95 -20.57 -13.66
N PRO B 291 36.63 -21.13 -14.85
CA PRO B 291 37.06 -20.54 -16.12
C PRO B 291 36.46 -19.16 -16.35
N GLY B 292 37.33 -18.17 -16.56
CA GLY B 292 36.90 -16.78 -16.74
C GLY B 292 36.85 -16.01 -15.44
N HIS B 293 37.56 -16.50 -14.42
CA HIS B 293 37.65 -15.84 -13.12
C HIS B 293 38.39 -14.52 -13.21
N ASP B 294 39.46 -14.50 -14.02
CA ASP B 294 40.30 -13.32 -14.21
C ASP B 294 39.58 -12.19 -14.93
N ILE B 295 38.73 -12.56 -15.88
CA ILE B 295 37.89 -11.59 -16.60
C ILE B 295 36.87 -10.97 -15.65
N ALA B 296 36.31 -11.81 -14.78
CA ALA B 296 35.34 -11.36 -13.78
C ALA B 296 35.98 -10.56 -12.66
N LYS B 297 37.24 -10.88 -12.34
CA LYS B 297 37.99 -10.20 -11.28
C LYS B 297 38.31 -8.76 -11.65
N LYS B 298 38.74 -8.56 -12.90
CA LYS B 298 39.17 -7.25 -13.39
C LYS B 298 38.00 -6.31 -13.70
N GLN B 299 36.93 -6.86 -14.28
CA GLN B 299 35.81 -6.06 -14.77
C GLN B 299 34.72 -5.78 -13.73
N MET B 300 34.70 -6.58 -12.67
CA MET B 300 33.73 -6.39 -11.58
C MET B 300 34.45 -6.09 -10.27
N THR B 301 33.83 -5.26 -9.43
CA THR B 301 34.39 -4.91 -8.13
C THR B 301 33.98 -5.89 -7.03
N GLY B 302 33.08 -6.81 -7.37
CA GLY B 302 32.65 -7.86 -6.46
C GLY B 302 31.88 -8.95 -7.19
N TYR B 303 31.19 -9.80 -6.41
CA TYR B 303 30.43 -10.91 -6.99
C TYR B 303 29.05 -11.03 -6.35
N GLY B 304 28.09 -11.54 -7.12
CA GLY B 304 26.76 -11.88 -6.60
C GLY B 304 26.81 -13.15 -5.78
N SER B 305 25.67 -13.56 -5.23
CA SER B 305 25.60 -14.74 -4.37
C SER B 305 24.82 -15.89 -4.99
N THR B 306 24.45 -15.73 -6.26
CA THR B 306 23.73 -16.77 -7.00
C THR B 306 24.70 -17.55 -7.88
N PHE B 307 24.78 -18.85 -7.65
CA PHE B 307 25.66 -19.71 -8.43
C PHE B 307 25.11 -21.13 -8.57
N LEU B 308 25.72 -21.89 -9.44
CA LEU B 308 25.28 -23.22 -9.81
C LEU B 308 26.33 -24.24 -9.37
N PHE B 309 25.92 -25.47 -9.10
CA PHE B 309 26.86 -26.56 -8.80
C PHE B 309 26.33 -27.92 -9.27
N GLU B 310 27.23 -28.88 -9.39
CA GLU B 310 26.90 -30.20 -9.93
C GLU B 310 26.87 -31.29 -8.86
N MET B 311 25.83 -32.13 -8.93
CA MET B 311 25.68 -33.28 -8.04
C MET B 311 26.07 -34.56 -8.77
N LYS B 312 26.22 -35.66 -8.02
CA LYS B 312 26.55 -36.96 -8.59
C LYS B 312 25.45 -37.51 -9.50
N SER B 313 24.20 -37.32 -9.09
CA SER B 313 23.04 -37.78 -9.87
C SER B 313 21.82 -36.87 -9.65
N PHE B 314 20.73 -37.20 -10.33
CA PHE B 314 19.47 -36.48 -10.16
C PHE B 314 18.83 -36.78 -8.80
N GLU B 315 18.89 -38.04 -8.37
CA GLU B 315 18.38 -38.46 -7.07
C GLU B 315 19.12 -37.78 -5.91
N ALA B 316 20.44 -37.62 -6.07
CA ALA B 316 21.27 -36.90 -5.10
C ALA B 316 20.87 -35.43 -5.01
N ALA B 317 20.64 -34.82 -6.18
CA ALA B 317 20.16 -33.44 -6.25
C ALA B 317 18.76 -33.31 -5.63
N LYS B 318 17.91 -34.28 -5.92
CA LYS B 318 16.54 -34.36 -5.37
C LYS B 318 16.56 -34.41 -3.84
N LYS B 319 17.42 -35.26 -3.29
CA LYS B 319 17.54 -35.43 -1.83
C LYS B 319 18.02 -34.16 -1.12
N LEU B 320 18.95 -33.44 -1.76
CA LEU B 320 19.48 -32.21 -1.21
C LEU B 320 18.43 -31.11 -1.13
N MET B 321 17.72 -30.89 -2.25
CA MET B 321 16.73 -29.82 -2.36
C MET B 321 15.49 -30.01 -1.49
N GLU B 322 15.18 -31.27 -1.19
CA GLU B 322 13.96 -31.62 -0.46
C GLU B 322 14.14 -31.82 1.04
N HIS B 323 15.39 -31.74 1.52
CA HIS B 323 15.68 -31.93 2.94
C HIS B 323 16.44 -30.77 3.57
N LEU B 324 16.13 -29.56 3.11
CA LEU B 324 16.71 -28.34 3.67
C LEU B 324 15.72 -27.66 4.61
N LYS B 325 16.20 -27.21 5.75
CA LYS B 325 15.36 -26.60 6.78
C LYS B 325 15.37 -25.08 6.72
N VAL B 326 16.52 -24.50 6.36
CA VAL B 326 16.68 -23.06 6.29
C VAL B 326 16.46 -22.56 4.86
N CYS B 327 17.18 -23.15 3.90
CA CYS B 327 17.00 -22.82 2.49
C CYS B 327 15.58 -23.15 2.02
N THR B 328 15.02 -22.26 1.20
CA THR B 328 13.68 -22.45 0.66
C THR B 328 13.74 -22.84 -0.82
N LEU B 329 13.05 -23.94 -1.15
CA LEU B 329 12.95 -24.39 -2.53
C LEU B 329 11.96 -23.51 -3.29
N ALA B 330 12.51 -22.62 -4.12
CA ALA B 330 11.73 -21.65 -4.89
C ALA B 330 12.59 -21.05 -6.00
N VAL B 331 11.95 -20.60 -7.08
CA VAL B 331 12.65 -19.85 -8.13
C VAL B 331 12.92 -18.41 -7.67
N SER B 332 13.53 -17.61 -8.54
CA SER B 332 13.95 -16.24 -8.23
C SER B 332 15.27 -16.23 -7.46
N LEU B 333 15.83 -15.05 -7.27
CA LEU B 333 17.14 -14.89 -6.62
C LEU B 333 17.32 -13.48 -6.07
N GLY B 334 18.41 -13.27 -5.34
CA GLY B 334 18.75 -11.96 -4.82
C GLY B 334 17.90 -11.51 -3.65
N CYS B 335 17.24 -12.45 -2.99
CA CYS B 335 16.42 -12.16 -1.83
CA CYS B 335 16.41 -12.19 -1.82
C CYS B 335 17.25 -12.24 -0.55
N VAL B 336 16.75 -11.60 0.52
CA VAL B 336 17.45 -11.56 1.80
C VAL B 336 17.65 -12.95 2.44
N ASP B 337 16.73 -13.86 2.20
CA ASP B 337 16.87 -15.25 2.65
C ASP B 337 17.35 -16.14 1.51
N THR B 338 17.81 -17.34 1.86
CA THR B 338 18.46 -18.24 0.90
C THR B 338 17.46 -19.08 0.10
N LEU B 339 17.62 -19.05 -1.23
CA LEU B 339 16.77 -19.79 -2.16
C LEU B 339 17.52 -20.90 -2.88
N ILE B 340 16.80 -21.96 -3.24
CA ILE B 340 17.37 -23.08 -3.98
C ILE B 340 16.41 -23.54 -5.10
N GLU B 341 16.98 -24.00 -6.21
CA GLU B 341 16.22 -24.20 -7.45
C GLU B 341 16.83 -25.28 -8.35
N HIS B 342 15.98 -25.91 -9.17
CA HIS B 342 16.41 -26.93 -10.12
C HIS B 342 16.20 -26.46 -11.57
N PRO B 343 17.26 -25.94 -12.21
CA PRO B 343 17.22 -25.30 -13.54
C PRO B 343 16.58 -26.16 -14.64
N ALA B 344 16.93 -27.43 -14.70
CA ALA B 344 16.47 -28.33 -15.78
C ALA B 344 14.95 -28.43 -15.89
N SER B 345 14.28 -28.50 -14.74
CA SER B 345 12.83 -28.68 -14.70
C SER B 345 12.07 -27.47 -14.16
N MET B 346 12.77 -26.34 -13.98
CA MET B 346 12.14 -25.12 -13.48
C MET B 346 12.44 -23.88 -14.34
N THR B 347 13.45 -23.10 -13.97
CA THR B 347 13.76 -21.83 -14.65
C THR B 347 14.10 -21.99 -16.13
N HIS B 348 14.79 -23.07 -16.47
CA HIS B 348 15.21 -23.32 -17.84
C HIS B 348 14.58 -24.61 -18.40
N ALA B 349 13.30 -24.79 -18.11
CA ALA B 349 12.56 -25.97 -18.58
C ALA B 349 11.86 -25.72 -19.92
N ALA B 350 11.48 -24.46 -20.16
CA ALA B 350 10.81 -24.07 -21.41
C ALA B 350 11.80 -23.76 -22.53
N VAL B 351 13.07 -23.65 -22.17
CA VAL B 351 14.17 -23.43 -23.13
C VAL B 351 14.27 -24.64 -24.06
N PRO B 352 14.30 -24.41 -25.39
CA PRO B 352 14.44 -25.50 -26.35
C PRO B 352 15.65 -26.38 -26.07
N GLU B 353 15.44 -27.69 -26.12
CA GLU B 353 16.48 -28.68 -25.78
C GLU B 353 17.74 -28.56 -26.65
N ASN B 354 17.59 -27.92 -27.82
CA ASN B 354 18.73 -27.57 -28.67
C ASN B 354 19.67 -26.57 -27.99
N ILE B 355 19.09 -25.53 -27.40
CA ILE B 355 19.85 -24.46 -26.73
C ILE B 355 20.31 -24.88 -25.33
N MET B 356 19.51 -25.71 -24.66
CA MET B 356 19.81 -26.20 -23.32
C MET B 356 21.10 -27.03 -23.31
N ARG B 357 21.39 -27.67 -24.45
CA ARG B 357 22.59 -28.47 -24.64
C ARG B 357 23.84 -27.58 -24.67
N LYS B 358 23.74 -26.46 -25.39
CA LYS B 358 24.86 -25.53 -25.54
C LYS B 358 25.13 -24.73 -24.27
N GLN B 359 24.10 -24.52 -23.47
CA GLN B 359 24.21 -23.84 -22.17
C GLN B 359 24.93 -24.72 -21.16
N GLY B 360 24.81 -26.05 -21.34
CA GLY B 360 25.38 -27.02 -20.42
C GLY B 360 24.53 -27.16 -19.16
N ILE B 361 23.23 -27.39 -19.36
CA ILE B 361 22.30 -27.57 -18.25
C ILE B 361 21.80 -29.01 -18.18
N THR B 362 22.13 -29.68 -17.08
CA THR B 362 21.84 -31.09 -16.88
C THR B 362 20.95 -31.30 -15.64
N PRO B 363 20.25 -32.45 -15.56
CA PRO B 363 19.42 -32.77 -14.39
C PRO B 363 20.20 -32.89 -13.07
N GLU B 364 21.53 -32.89 -13.16
CA GLU B 364 22.39 -33.00 -11.97
C GLU B 364 22.76 -31.65 -11.37
N LEU B 365 22.41 -30.56 -12.07
CA LEU B 365 22.80 -29.21 -11.67
C LEU B 365 21.78 -28.55 -10.74
N VAL B 366 22.28 -27.89 -9.69
CA VAL B 366 21.46 -27.20 -8.71
C VAL B 366 21.92 -25.75 -8.55
N ARG B 367 20.97 -24.82 -8.58
CA ARG B 367 21.27 -23.39 -8.43
C ARG B 367 20.82 -22.87 -7.06
N ILE B 368 21.74 -22.22 -6.36
CA ILE B 368 21.48 -21.65 -5.04
C ILE B 368 21.68 -20.13 -5.03
N SER B 369 20.81 -19.44 -4.31
CA SER B 369 20.91 -18.00 -4.13
C SER B 369 21.12 -17.72 -2.64
N VAL B 370 22.38 -17.51 -2.25
CA VAL B 370 22.73 -17.36 -0.84
C VAL B 370 22.31 -16.00 -0.31
N GLY B 371 21.47 -16.02 0.73
CA GLY B 371 20.95 -14.79 1.34
C GLY B 371 21.89 -14.17 2.35
N ILE B 372 21.34 -13.32 3.22
CA ILE B 372 22.13 -12.62 4.23
C ILE B 372 21.99 -13.21 5.63
N GLU B 373 21.58 -14.47 5.71
CA GLU B 373 21.61 -15.23 6.97
C GLU B 373 23.07 -15.41 7.41
N ASN B 374 23.27 -15.93 8.63
CA ASN B 374 24.60 -16.31 9.08
C ASN B 374 25.12 -17.44 8.21
N VAL B 375 26.35 -17.30 7.72
CA VAL B 375 26.96 -18.27 6.80
C VAL B 375 26.94 -19.69 7.38
N ASP B 376 27.18 -19.78 8.69
CA ASP B 376 27.24 -21.07 9.38
C ASP B 376 25.88 -21.76 9.44
N ASP B 377 24.80 -20.99 9.46
CA ASP B 377 23.44 -21.53 9.43
C ASP B 377 23.12 -22.18 8.08
N ILE B 378 23.57 -21.56 7.00
CA ILE B 378 23.36 -22.06 5.65
C ILE B 378 24.24 -23.28 5.38
N ILE B 379 25.52 -23.18 5.76
CA ILE B 379 26.47 -24.29 5.64
C ILE B 379 26.01 -25.51 6.42
N ALA B 380 25.55 -25.30 7.66
CA ALA B 380 25.04 -26.38 8.52
C ALA B 380 23.79 -27.04 7.94
N ASP B 381 22.92 -26.23 7.34
CA ASP B 381 21.71 -26.73 6.69
C ASP B 381 22.04 -27.61 5.49
N LEU B 382 23.06 -27.20 4.73
CA LEU B 382 23.56 -27.99 3.60
C LEU B 382 24.28 -29.25 4.08
N LYS B 383 25.09 -29.10 5.13
CA LYS B 383 25.85 -30.20 5.73
C LYS B 383 24.93 -31.32 6.20
N GLN B 384 23.83 -30.95 6.85
CA GLN B 384 22.83 -31.89 7.34
C GLN B 384 22.12 -32.63 6.20
N ALA B 385 21.78 -31.89 5.15
CA ALA B 385 21.07 -32.45 4.00
C ALA B 385 21.95 -33.34 3.12
N LEU B 386 23.22 -32.98 2.99
CA LEU B 386 24.16 -33.74 2.15
C LEU B 386 24.60 -35.06 2.79
N GLU B 387 24.61 -35.11 4.12
CA GLU B 387 25.14 -36.26 4.85
C GLU B 387 24.06 -37.24 5.33
N LEU B 388 22.97 -37.34 4.56
CA LEU B 388 21.90 -38.29 4.87
C LEU B 388 22.06 -39.60 4.10
N ALA C 3 -31.90 -14.29 -13.55
CA ALA C 3 -30.44 -14.53 -13.33
C ALA C 3 -29.84 -13.56 -12.33
N GLN C 4 -28.73 -13.96 -11.72
CA GLN C 4 -28.02 -13.13 -10.73
C GLN C 4 -27.50 -11.84 -11.37
N ASP C 5 -27.72 -10.72 -10.67
CA ASP C 5 -27.33 -9.40 -11.17
C ASP C 5 -25.82 -9.19 -11.09
N ILE C 6 -25.31 -8.37 -12.01
CA ILE C 6 -23.88 -8.09 -12.10
C ILE C 6 -23.28 -7.42 -10.86
N THR C 7 -24.10 -6.63 -10.17
CA THR C 7 -23.69 -6.01 -8.92
C THR C 7 -23.34 -7.10 -7.90
N THR C 8 -24.20 -8.12 -7.83
CA THR C 8 -23.98 -9.27 -6.96
C THR C 8 -22.76 -10.08 -7.39
N THR C 9 -22.62 -10.28 -8.71
CA THR C 9 -21.50 -11.02 -9.28
C THR C 9 -20.14 -10.41 -8.92
N LEU C 10 -20.04 -9.09 -9.03
CA LEU C 10 -18.79 -8.39 -8.74
C LEU C 10 -18.47 -8.36 -7.24
N LEU C 11 -19.51 -8.29 -6.42
CA LEU C 11 -19.34 -8.28 -4.97
C LEU C 11 -19.08 -9.68 -4.41
N HIS C 12 -19.39 -10.70 -5.22
CA HIS C 12 -19.17 -12.09 -4.83
C HIS C 12 -18.42 -12.87 -5.90
N PRO C 13 -17.10 -12.61 -6.04
CA PRO C 13 -16.31 -13.32 -7.03
C PRO C 13 -16.09 -14.78 -6.63
N LYS C 14 -15.97 -15.65 -7.63
CA LYS C 14 -15.66 -17.06 -7.37
C LYS C 14 -14.24 -17.20 -6.82
N GLY C 15 -13.99 -18.33 -6.16
CA GLY C 15 -12.69 -18.58 -5.55
C GLY C 15 -12.78 -18.66 -4.03
N ASP C 16 -11.87 -19.42 -3.43
CA ASP C 16 -11.82 -19.61 -1.99
C ASP C 16 -11.29 -18.38 -1.29
N HIS C 17 -11.74 -18.17 -0.05
CA HIS C 17 -11.16 -17.15 0.81
C HIS C 17 -9.81 -17.63 1.33
N VAL C 18 -8.92 -16.68 1.60
CA VAL C 18 -7.57 -17.00 2.10
C VAL C 18 -7.51 -16.74 3.60
N LEU C 19 -7.20 -17.78 4.36
CA LEU C 19 -7.23 -17.75 5.84
C LEU C 19 -8.52 -17.12 6.39
N HIS C 20 -9.64 -17.47 5.76
CA HIS C 20 -10.98 -16.97 6.12
C HIS C 20 -11.16 -15.45 6.02
N SER C 21 -10.19 -14.78 5.36
CA SER C 21 -10.24 -13.33 5.18
C SER C 21 -11.39 -12.90 4.26
N HIS C 22 -12.13 -11.88 4.70
CA HIS C 22 -13.26 -11.37 3.95
C HIS C 22 -12.80 -10.62 2.70
N ALA C 23 -11.90 -9.65 2.89
CA ALA C 23 -11.24 -8.99 1.77
C ALA C 23 -10.09 -9.87 1.29
N TYR C 24 -9.91 -9.97 -0.02
CA TYR C 24 -8.83 -10.78 -0.57
C TYR C 24 -7.47 -10.13 -0.28
N PRO C 25 -6.55 -10.89 0.33
CA PRO C 25 -5.23 -10.38 0.74
C PRO C 25 -4.41 -9.87 -0.43
N ILE C 26 -3.50 -8.93 -0.14
CA ILE C 26 -2.56 -8.43 -1.12
C ILE C 26 -1.30 -9.30 -1.07
N PHE C 27 -1.10 -10.09 -2.11
CA PHE C 27 0.06 -10.95 -2.20
C PHE C 27 1.26 -10.18 -2.76
N GLN C 28 1.79 -9.30 -1.92
CA GLN C 28 2.97 -8.51 -2.23
C GLN C 28 4.20 -9.42 -2.15
N THR C 29 4.39 -10.22 -3.20
CA THR C 29 5.48 -11.17 -3.25
C THR C 29 6.01 -11.32 -4.67
N SER C 30 7.24 -11.81 -4.80
CA SER C 30 7.83 -12.07 -6.10
C SER C 30 7.70 -13.55 -6.47
N THR C 31 8.17 -14.42 -5.58
CA THR C 31 8.18 -15.86 -5.85
C THR C 31 7.29 -16.64 -4.87
N PHE C 32 7.12 -17.93 -5.17
CA PHE C 32 6.34 -18.84 -4.34
C PHE C 32 7.15 -20.09 -3.98
N CYS C 33 6.82 -20.71 -2.85
CA CYS C 33 7.56 -21.88 -2.36
C CYS C 33 7.00 -23.18 -2.91
N PHE C 34 7.88 -24.14 -3.19
CA PHE C 34 7.48 -25.46 -3.65
C PHE C 34 7.47 -26.47 -2.51
N ASP C 35 6.52 -27.41 -2.57
CA ASP C 35 6.46 -28.51 -1.61
C ASP C 35 7.57 -29.52 -1.87
N SER C 36 7.83 -29.76 -3.15
CA SER C 36 8.84 -30.72 -3.60
C SER C 36 9.34 -30.34 -4.99
N THR C 37 10.43 -30.96 -5.43
CA THR C 37 10.99 -30.71 -6.76
C THR C 37 10.02 -31.12 -7.88
N GLN C 38 9.25 -32.18 -7.64
CA GLN C 38 8.26 -32.66 -8.61
C GLN C 38 7.09 -31.69 -8.74
N GLN C 39 6.57 -31.24 -7.60
CA GLN C 39 5.47 -30.28 -7.55
C GLN C 39 5.83 -28.96 -8.24
N GLY C 40 7.10 -28.57 -8.11
CA GLY C 40 7.63 -27.40 -8.81
C GLY C 40 7.79 -27.64 -10.30
N ALA C 41 8.31 -28.82 -10.65
CA ALA C 41 8.47 -29.22 -12.05
C ALA C 41 7.12 -29.31 -12.76
N ASP C 42 6.12 -29.83 -12.04
CA ASP C 42 4.77 -29.99 -12.59
C ASP C 42 4.08 -28.67 -12.89
N LEU C 43 4.26 -27.70 -11.99
CA LEU C 43 3.66 -26.37 -12.16
C LEU C 43 4.16 -25.62 -13.39
N PHE C 44 5.41 -25.89 -13.76
CA PHE C 44 6.00 -25.36 -14.99
C PHE C 44 5.44 -26.07 -16.23
N MET C 45 5.11 -27.35 -16.08
CA MET C 45 4.51 -28.15 -17.15
C MET C 45 3.04 -27.80 -17.38
N GLY C 46 2.40 -27.23 -16.37
CA GLY C 46 0.98 -26.88 -16.44
C GLY C 46 0.08 -27.79 -15.62
N LYS C 47 0.65 -28.85 -15.06
CA LYS C 47 -0.09 -29.80 -14.22
C LYS C 47 -0.06 -29.40 -12.75
N GLY C 48 -1.20 -29.59 -12.08
CA GLY C 48 -1.34 -29.24 -10.67
C GLY C 48 -1.81 -27.81 -10.46
N GLU C 49 -2.35 -27.53 -9.28
CA GLU C 49 -2.81 -26.20 -8.94
C GLU C 49 -1.90 -25.52 -7.93
N GLY C 50 -1.60 -24.24 -8.18
CA GLY C 50 -0.68 -23.48 -7.35
C GLY C 50 0.09 -22.45 -8.14
N HIS C 51 0.95 -21.70 -7.46
CA HIS C 51 1.68 -20.60 -8.08
C HIS C 51 3.20 -20.83 -8.12
N ILE C 52 3.87 -20.10 -9.00
CA ILE C 52 5.32 -20.20 -9.17
C ILE C 52 5.97 -18.84 -8.90
N TYR C 53 5.56 -17.84 -9.67
CA TYR C 53 6.22 -16.54 -9.72
C TYR C 53 5.20 -15.51 -10.21
N SER C 54 5.17 -14.35 -9.53
CA SER C 54 4.12 -13.35 -9.75
C SER C 54 3.91 -12.89 -11.19
N ARG C 55 4.98 -12.97 -12.00
CA ARG C 55 4.89 -12.62 -13.42
C ARG C 55 4.02 -13.60 -14.21
N LEU C 56 4.04 -14.87 -13.79
CA LEU C 56 3.23 -15.90 -14.43
C LEU C 56 1.81 -15.91 -13.87
N GLY C 57 1.69 -15.67 -12.56
CA GLY C 57 0.39 -15.61 -11.90
C GLY C 57 0.49 -15.17 -10.44
N ASN C 58 -0.31 -14.17 -10.08
CA ASN C 58 -0.38 -13.64 -8.72
C ASN C 58 -1.82 -13.67 -8.22
N PRO C 59 -2.05 -14.24 -7.02
CA PRO C 59 -3.41 -14.50 -6.52
C PRO C 59 -4.35 -13.30 -6.50
N THR C 60 -3.89 -12.17 -5.94
CA THR C 60 -4.69 -10.95 -5.91
C THR C 60 -4.90 -10.34 -7.30
N VAL C 61 -3.91 -10.50 -8.17
CA VAL C 61 -4.04 -10.09 -9.58
C VAL C 61 -5.06 -10.97 -10.31
N GLU C 62 -4.94 -12.29 -10.10
CA GLU C 62 -5.87 -13.28 -10.68
C GLU C 62 -7.31 -13.06 -10.22
N GLN C 63 -7.47 -12.55 -9.00
CA GLN C 63 -8.79 -12.18 -8.46
C GLN C 63 -9.47 -11.10 -9.28
N PHE C 64 -8.72 -10.05 -9.62
CA PHE C 64 -9.23 -8.97 -10.46
C PHE C 64 -9.59 -9.49 -11.85
N GLU C 65 -8.71 -10.32 -12.42
CA GLU C 65 -8.94 -10.94 -13.73
C GLU C 65 -10.24 -11.72 -13.79
N GLU C 66 -10.53 -12.48 -12.73
CA GLU C 66 -11.78 -13.24 -12.60
C GLU C 66 -13.00 -12.33 -12.63
N MET C 67 -12.91 -11.19 -11.94
CA MET C 67 -14.01 -10.22 -11.89
C MET C 67 -14.32 -9.63 -13.26
N VAL C 68 -13.27 -9.27 -14.00
CA VAL C 68 -13.42 -8.74 -15.35
C VAL C 68 -13.97 -9.82 -16.28
N CYS C 69 -13.37 -11.00 -16.23
CA CYS C 69 -13.81 -12.15 -17.01
C CYS C 69 -15.31 -12.43 -16.83
N SER C 70 -15.83 -12.11 -15.65
CA SER C 70 -17.23 -12.38 -15.32
C SER C 70 -18.25 -11.41 -15.92
N ILE C 71 -17.89 -10.13 -16.08
CA ILE C 71 -18.78 -9.17 -16.77
C ILE C 71 -18.68 -9.35 -18.27
N GLU C 72 -17.48 -9.67 -18.75
CA GLU C 72 -17.20 -9.77 -20.18
C GLU C 72 -17.82 -11.02 -20.79
N GLY C 73 -17.91 -12.10 -20.01
CA GLY C 73 -18.39 -13.38 -20.50
C GLY C 73 -17.31 -14.08 -21.31
N ALA C 74 -16.06 -13.90 -20.87
CA ALA C 74 -14.88 -14.42 -21.58
C ALA C 74 -14.46 -15.79 -21.06
N ALA C 75 -13.49 -16.39 -21.76
CA ALA C 75 -12.86 -17.64 -21.32
C ALA C 75 -11.78 -17.36 -20.28
N GLY C 76 -11.23 -16.15 -20.30
CA GLY C 76 -10.18 -15.72 -19.37
C GLY C 76 -9.81 -14.27 -19.56
N SER C 77 -9.15 -13.69 -18.56
CA SER C 77 -8.72 -12.30 -18.62
C SER C 77 -7.27 -12.13 -18.16
N ALA C 78 -6.59 -11.14 -18.73
CA ALA C 78 -5.22 -10.83 -18.36
C ALA C 78 -5.10 -9.39 -17.90
N ALA C 79 -4.53 -9.19 -16.70
CA ALA C 79 -4.29 -7.86 -16.15
C ALA C 79 -2.93 -7.33 -16.57
N PHE C 80 -2.84 -6.01 -16.73
CA PHE C 80 -1.61 -5.36 -17.21
C PHE C 80 -1.27 -4.11 -16.41
N GLY C 81 -0.04 -3.62 -16.60
CA GLY C 81 0.44 -2.42 -15.91
C GLY C 81 -0.17 -1.14 -16.44
N SER C 82 -0.72 -1.20 -17.66
CA SER C 82 -1.37 -0.07 -18.30
C SER C 82 -2.31 -0.56 -19.39
N GLY C 83 -3.22 0.31 -19.80
CA GLY C 83 -4.10 0.05 -20.95
C GLY C 83 -3.29 -0.21 -22.20
N MET C 84 -2.20 0.53 -22.35
CA MET C 84 -1.27 0.36 -23.46
C MET C 84 -0.56 -0.99 -23.40
N GLY C 85 -0.41 -1.52 -22.18
CA GLY C 85 0.10 -2.87 -21.98
C GLY C 85 -0.88 -3.89 -22.54
N ALA C 86 -2.17 -3.64 -22.31
CA ALA C 86 -3.24 -4.50 -22.82
C ALA C 86 -3.34 -4.45 -24.34
N ILE C 87 -3.21 -3.25 -24.91
CA ILE C 87 -3.32 -3.05 -26.36
C ILE C 87 -2.16 -3.70 -27.11
N SER C 88 -0.95 -3.56 -26.57
CA SER C 88 0.25 -4.17 -27.14
C SER C 88 0.19 -5.69 -27.08
N SER C 89 -0.36 -6.21 -25.98
CA SER C 89 -0.43 -7.66 -25.76
C SER C 89 -1.67 -8.29 -26.39
N SER C 90 -2.57 -7.46 -26.91
CA SER C 90 -3.75 -7.96 -27.63
C SER C 90 -3.55 -7.92 -29.13
N THR C 91 -2.53 -7.19 -29.57
CA THR C 91 -2.21 -7.07 -30.99
C THR C 91 -0.91 -7.79 -31.35
N LEU C 92 0.16 -7.48 -30.64
CA LEU C 92 1.48 -8.05 -30.94
C LEU C 92 1.66 -9.50 -30.48
N ALA C 93 0.68 -10.01 -29.73
CA ALA C 93 0.66 -11.42 -29.35
C ALA C 93 0.24 -12.29 -30.53
N PHE C 94 -0.40 -11.68 -31.52
CA PHE C 94 -0.93 -12.42 -32.67
C PHE C 94 -0.33 -11.96 -34.00
N LEU C 95 -0.11 -10.65 -34.15
CA LEU C 95 0.38 -10.09 -35.40
C LEU C 95 1.88 -10.29 -35.57
N GLN C 96 2.29 -10.69 -36.76
CA GLN C 96 3.70 -10.90 -37.09
C GLN C 96 4.03 -10.33 -38.47
N LYS C 97 5.32 -10.32 -38.80
CA LYS C 97 5.81 -9.85 -40.10
C LYS C 97 4.98 -10.42 -41.25
N GLY C 98 4.44 -9.53 -42.09
CA GLY C 98 3.63 -9.94 -43.24
C GLY C 98 2.12 -9.85 -43.01
N ASP C 99 1.72 -9.76 -41.74
CA ASP C 99 0.31 -9.66 -41.39
C ASP C 99 -0.24 -8.25 -41.59
N HIS C 100 -1.53 -8.16 -41.88
CA HIS C 100 -2.19 -6.88 -42.09
C HIS C 100 -3.17 -6.56 -40.96
N LEU C 101 -3.13 -5.31 -40.50
CA LEU C 101 -4.06 -4.82 -39.49
C LEU C 101 -4.91 -3.70 -40.07
N ILE C 102 -6.22 -3.84 -39.95
CA ILE C 102 -7.14 -2.73 -40.17
C ILE C 102 -7.54 -2.20 -38.81
N ALA C 103 -7.40 -0.89 -38.62
CA ALA C 103 -7.76 -0.24 -37.37
C ALA C 103 -8.50 1.07 -37.63
N GLY C 104 -9.29 1.51 -36.66
CA GLY C 104 -10.03 2.77 -36.76
C GLY C 104 -9.09 3.95 -36.96
N ASP C 105 -9.56 4.97 -37.67
CA ASP C 105 -8.74 6.17 -37.90
C ASP C 105 -8.79 7.11 -36.69
N THR C 106 -9.87 7.05 -35.94
CA THR C 106 -9.99 7.80 -34.69
C THR C 106 -9.75 6.88 -33.51
N LEU C 107 -8.56 6.98 -32.93
CA LEU C 107 -8.18 6.16 -31.79
C LEU C 107 -7.56 7.02 -30.69
N TYR C 108 -7.33 6.42 -29.53
CA TYR C 108 -6.57 7.05 -28.46
C TYR C 108 -5.17 7.40 -28.95
N GLY C 109 -4.67 8.57 -28.54
CA GLY C 109 -3.40 9.11 -29.01
C GLY C 109 -2.23 8.14 -29.08
N CYS C 110 -1.97 7.43 -27.98
CA CYS C 110 -0.83 6.52 -27.89
C CYS C 110 -1.05 5.21 -28.66
N THR C 111 -2.32 4.83 -28.85
CA THR C 111 -2.66 3.69 -29.71
C THR C 111 -2.25 4.00 -31.15
N VAL C 112 -2.53 5.23 -31.58
CA VAL C 112 -2.09 5.73 -32.89
C VAL C 112 -0.56 5.66 -32.98
N SER C 113 0.12 6.04 -31.91
CA SER C 113 1.57 5.98 -31.83
C SER C 113 2.09 4.55 -31.96
N LEU C 114 1.49 3.62 -31.23
CA LEU C 114 1.86 2.21 -31.29
C LEU C 114 1.65 1.62 -32.69
N PHE C 115 0.51 1.97 -33.29
CA PHE C 115 0.09 1.42 -34.57
C PHE C 115 0.84 1.99 -35.77
N THR C 116 1.16 3.28 -35.72
CA THR C 116 1.79 3.96 -36.87
C THR C 116 3.32 3.96 -36.82
N HIS C 117 3.88 3.84 -35.62
CA HIS C 117 5.34 3.88 -35.46
C HIS C 117 5.98 2.51 -35.17
N TRP C 118 5.42 1.78 -34.20
CA TRP C 118 6.05 0.55 -33.73
C TRP C 118 5.71 -0.70 -34.55
N LEU C 119 4.45 -0.89 -34.90
CA LEU C 119 4.03 -2.05 -35.70
C LEU C 119 4.71 -2.16 -37.07
N PRO C 120 4.78 -1.05 -37.85
CA PRO C 120 5.45 -1.11 -39.15
C PRO C 120 6.93 -1.46 -39.04
N ARG C 121 7.56 -1.12 -37.91
CA ARG C 121 8.94 -1.49 -37.63
C ARG C 121 9.08 -3.00 -37.45
N PHE C 122 7.99 -3.65 -37.04
CA PHE C 122 7.99 -5.09 -36.83
C PHE C 122 7.47 -5.86 -38.06
N GLY C 123 7.44 -5.18 -39.21
CA GLY C 123 7.03 -5.79 -40.47
C GLY C 123 5.53 -5.95 -40.65
N ILE C 124 4.76 -5.35 -39.77
CA ILE C 124 3.29 -5.45 -39.78
C ILE C 124 2.67 -4.30 -40.58
N GLU C 125 1.84 -4.65 -41.55
CA GLU C 125 1.15 -3.67 -42.38
C GLU C 125 -0.07 -3.12 -41.64
N VAL C 126 -0.17 -1.80 -41.56
CA VAL C 126 -1.26 -1.14 -40.82
C VAL C 126 -1.99 -0.11 -41.68
N ASP C 127 -3.33 -0.15 -41.64
CA ASP C 127 -4.16 0.84 -42.30
C ASP C 127 -5.19 1.43 -41.33
N LEU C 128 -5.21 2.76 -41.23
CA LEU C 128 -6.20 3.44 -40.42
C LEU C 128 -7.41 3.80 -41.29
N ILE C 129 -8.55 3.20 -40.96
CA ILE C 129 -9.74 3.23 -41.80
C ILE C 129 -10.95 3.73 -41.01
N ASP C 130 -11.83 4.49 -41.67
CA ASP C 130 -13.10 4.90 -41.07
C ASP C 130 -13.98 3.68 -40.88
N THR C 131 -14.05 3.21 -39.62
CA THR C 131 -14.77 1.97 -39.29
C THR C 131 -16.25 2.19 -38.98
N SER C 132 -16.71 3.44 -39.11
CA SER C 132 -18.13 3.75 -39.03
C SER C 132 -18.85 3.25 -40.29
N ASP C 133 -18.07 3.01 -41.33
CA ASP C 133 -18.57 2.50 -42.61
C ASP C 133 -17.96 1.13 -42.84
N VAL C 134 -18.81 0.09 -42.77
CA VAL C 134 -18.39 -1.29 -42.97
C VAL C 134 -17.82 -1.54 -44.39
N GLU C 135 -18.32 -0.78 -45.36
CA GLU C 135 -17.89 -0.91 -46.76
C GLU C 135 -16.44 -0.44 -46.97
N LYS C 136 -16.03 0.57 -46.21
CA LYS C 136 -14.64 1.03 -46.21
C LYS C 136 -13.72 -0.02 -45.60
N VAL C 137 -14.23 -0.72 -44.58
CA VAL C 137 -13.49 -1.82 -43.94
C VAL C 137 -13.29 -2.98 -44.91
N LYS C 138 -14.35 -3.30 -45.66
CA LYS C 138 -14.30 -4.33 -46.70
C LYS C 138 -13.35 -3.95 -47.83
N ALA C 139 -13.32 -2.66 -48.18
CA ALA C 139 -12.49 -2.16 -49.26
C ALA C 139 -11.00 -2.19 -48.93
N ALA C 140 -10.68 -2.06 -47.64
CA ALA C 140 -9.30 -2.06 -47.17
C ALA C 140 -8.77 -3.47 -46.92
N TRP C 141 -9.66 -4.45 -47.00
CA TRP C 141 -9.32 -5.84 -46.71
C TRP C 141 -8.37 -6.43 -47.74
N LYS C 142 -7.42 -7.22 -47.26
CA LYS C 142 -6.39 -7.83 -48.09
C LYS C 142 -6.24 -9.33 -47.74
N PRO C 143 -5.63 -10.13 -48.65
CA PRO C 143 -5.47 -11.56 -48.38
C PRO C 143 -4.74 -11.85 -47.07
N ASN C 144 -3.88 -10.93 -46.64
CA ASN C 144 -3.11 -11.08 -45.40
C ASN C 144 -3.71 -10.36 -44.18
N THR C 145 -4.97 -9.94 -44.27
CA THR C 145 -5.65 -9.30 -43.14
C THR C 145 -5.91 -10.30 -42.02
N LYS C 146 -5.34 -10.02 -40.84
CA LYS C 146 -5.44 -10.92 -39.69
C LYS C 146 -6.21 -10.32 -38.52
N MET C 147 -6.30 -9.00 -38.48
CA MET C 147 -6.91 -8.31 -37.35
C MET C 147 -7.61 -7.01 -37.72
N VAL C 148 -8.73 -6.76 -37.05
CA VAL C 148 -9.41 -5.47 -37.08
C VAL C 148 -9.51 -4.93 -35.65
N TYR C 149 -9.00 -3.73 -35.43
CA TYR C 149 -8.98 -3.09 -34.11
C TYR C 149 -9.94 -1.91 -34.05
N LEU C 150 -10.89 -1.95 -33.12
CA LEU C 150 -11.91 -0.91 -33.02
C LEU C 150 -11.99 -0.23 -31.66
N GLU C 151 -12.20 1.09 -31.69
CA GLU C 151 -12.64 1.85 -30.53
C GLU C 151 -14.04 2.39 -30.85
N SER C 152 -15.00 2.11 -29.98
CA SER C 152 -16.36 2.63 -30.17
C SER C 152 -17.12 2.72 -28.86
N PRO C 153 -17.58 3.94 -28.48
CA PRO C 153 -17.32 5.21 -29.16
C PRO C 153 -15.85 5.63 -29.06
N ALA C 154 -15.34 6.23 -30.13
CA ALA C 154 -13.92 6.55 -30.26
C ALA C 154 -13.45 7.69 -29.36
N ASN C 155 -12.20 7.60 -28.92
CA ASN C 155 -11.53 8.67 -28.20
C ASN C 155 -10.90 9.63 -29.21
N PRO C 156 -11.31 10.92 -29.19
CA PRO C 156 -12.28 11.57 -28.30
C PRO C 156 -13.61 11.96 -28.94
N THR C 157 -13.79 11.68 -30.22
CA THR C 157 -14.92 12.23 -30.99
C THR C 157 -16.23 11.47 -30.81
N CYS C 158 -16.17 10.36 -30.07
CA CYS C 158 -17.31 9.47 -29.84
C CYS C 158 -17.87 8.82 -31.10
N LYS C 159 -17.08 8.85 -32.17
CA LYS C 159 -17.39 8.22 -33.44
C LYS C 159 -17.79 6.75 -33.23
N VAL C 160 -18.95 6.38 -33.75
CA VAL C 160 -19.52 5.05 -33.54
C VAL C 160 -19.20 4.12 -34.72
N SER C 161 -18.73 2.91 -34.40
CA SER C 161 -18.49 1.87 -35.41
C SER C 161 -19.48 0.71 -35.26
N ASP C 162 -19.79 0.06 -36.37
CA ASP C 162 -20.67 -1.09 -36.39
C ASP C 162 -19.88 -2.35 -36.05
N ILE C 163 -19.73 -2.62 -34.75
CA ILE C 163 -18.98 -3.78 -34.25
C ILE C 163 -19.58 -5.10 -34.77
N LYS C 164 -20.88 -5.24 -34.62
CA LYS C 164 -21.61 -6.43 -35.04
C LYS C 164 -21.40 -6.74 -36.53
N GLY C 165 -21.58 -5.70 -37.35
CA GLY C 165 -21.40 -5.83 -38.81
C GLY C 165 -19.98 -6.17 -39.24
N ILE C 166 -19.00 -5.55 -38.58
CA ILE C 166 -17.59 -5.81 -38.86
C ILE C 166 -17.18 -7.21 -38.38
N ALA C 167 -17.73 -7.62 -37.24
CA ALA C 167 -17.51 -8.96 -36.69
C ALA C 167 -17.81 -10.06 -37.70
N VAL C 168 -18.93 -9.93 -38.41
CA VAL C 168 -19.32 -10.86 -39.47
C VAL C 168 -18.20 -11.03 -40.51
N VAL C 169 -17.72 -9.91 -41.03
CA VAL C 169 -16.64 -9.90 -42.02
C VAL C 169 -15.38 -10.56 -41.46
N CYS C 170 -15.07 -10.26 -40.19
CA CYS C 170 -13.96 -10.87 -39.48
C CYS C 170 -14.12 -12.39 -39.33
N HIS C 171 -15.34 -12.82 -39.04
CA HIS C 171 -15.65 -14.24 -38.85
C HIS C 171 -15.62 -15.03 -40.15
N GLU C 172 -16.02 -14.39 -41.24
CA GLU C 172 -16.08 -15.05 -42.55
C GLU C 172 -14.70 -15.18 -43.19
N ARG C 173 -13.80 -14.26 -42.86
CA ARG C 173 -12.49 -14.18 -43.52
C ARG C 173 -11.31 -14.58 -42.61
N GLY C 174 -11.61 -15.05 -41.41
CA GLY C 174 -10.57 -15.55 -40.50
C GLY C 174 -9.68 -14.47 -39.92
N ALA C 175 -10.28 -13.34 -39.54
CA ALA C 175 -9.56 -12.26 -38.88
C ALA C 175 -10.05 -12.08 -37.44
N ARG C 176 -9.12 -11.83 -36.54
CA ARG C 176 -9.42 -11.62 -35.12
C ARG C 176 -9.96 -10.20 -34.93
N LEU C 177 -11.09 -10.08 -34.23
CA LEU C 177 -11.64 -8.75 -33.91
C LEU C 177 -11.35 -8.35 -32.47
N VAL C 178 -10.65 -7.24 -32.32
CA VAL C 178 -10.29 -6.68 -31.02
C VAL C 178 -11.00 -5.35 -30.84
N VAL C 179 -11.71 -5.20 -29.72
CA VAL C 179 -12.41 -3.95 -29.42
C VAL C 179 -11.91 -3.36 -28.09
N ASP C 180 -11.55 -2.07 -28.14
CA ASP C 180 -11.22 -1.31 -26.94
C ASP C 180 -12.50 -0.64 -26.43
N ALA C 181 -12.98 -1.13 -25.30
CA ALA C 181 -14.26 -0.68 -24.76
C ALA C 181 -14.11 0.25 -23.54
N THR C 182 -12.93 0.86 -23.43
CA THR C 182 -12.59 1.76 -22.32
C THR C 182 -13.64 2.84 -22.07
N PHE C 183 -14.04 3.55 -23.12
CA PHE C 183 -14.98 4.67 -23.05
C PHE C 183 -16.35 4.37 -22.47
N THR C 184 -16.80 3.12 -22.58
CA THR C 184 -18.15 2.75 -22.21
C THR C 184 -18.23 1.88 -20.94
N SER C 185 -17.17 1.11 -20.69
CA SER C 185 -17.09 0.14 -19.57
C SER C 185 -17.83 -1.16 -19.89
N PRO C 186 -17.40 -2.28 -19.28
CA PRO C 186 -18.04 -3.58 -19.53
C PRO C 186 -19.47 -3.67 -18.98
N CYS C 187 -19.92 -2.63 -18.27
CA CYS C 187 -21.31 -2.56 -17.82
C CYS C 187 -22.27 -2.30 -18.97
N PHE C 188 -21.86 -1.46 -19.92
CA PHE C 188 -22.72 -1.07 -21.04
C PHE C 188 -22.27 -1.63 -22.39
N LEU C 189 -20.98 -1.92 -22.54
CA LEU C 189 -20.48 -2.49 -23.77
C LEU C 189 -19.76 -3.82 -23.50
N LYS C 190 -20.28 -4.88 -24.12
CA LYS C 190 -19.70 -6.21 -24.02
C LYS C 190 -19.41 -6.74 -25.42
N PRO C 191 -18.22 -6.40 -25.96
CA PRO C 191 -17.86 -6.71 -27.36
C PRO C 191 -17.97 -8.20 -27.72
N LEU C 192 -17.65 -9.08 -26.78
CA LEU C 192 -17.72 -10.53 -27.02
C LEU C 192 -19.14 -11.03 -27.28
N GLU C 193 -20.15 -10.29 -26.81
CA GLU C 193 -21.54 -10.54 -27.15
C GLU C 193 -21.86 -10.05 -28.56
N LEU C 194 -21.09 -9.05 -29.02
CA LEU C 194 -21.31 -8.44 -30.34
C LEU C 194 -20.52 -9.11 -31.46
N GLY C 195 -19.77 -10.16 -31.11
CA GLY C 195 -19.00 -10.92 -32.10
C GLY C 195 -17.50 -10.75 -32.01
N ALA C 196 -17.03 -9.84 -31.17
CA ALA C 196 -15.60 -9.60 -31.02
C ALA C 196 -14.88 -10.81 -30.40
N ASP C 197 -13.59 -10.93 -30.71
CA ASP C 197 -12.77 -12.02 -30.20
C ASP C 197 -12.05 -11.63 -28.92
N ILE C 198 -11.68 -10.35 -28.84
CA ILE C 198 -10.96 -9.81 -27.68
C ILE C 198 -11.54 -8.46 -27.26
N ALA C 199 -11.92 -8.36 -25.99
CA ALA C 199 -12.38 -7.11 -25.40
C ALA C 199 -11.33 -6.61 -24.42
N LEU C 200 -10.95 -5.34 -24.55
CA LEU C 200 -9.93 -4.76 -23.68
C LEU C 200 -10.31 -3.41 -23.10
N HIS C 201 -9.62 -3.02 -22.03
CA HIS C 201 -9.88 -1.77 -21.34
C HIS C 201 -8.61 -1.16 -20.79
N SER C 202 -8.60 0.16 -20.70
CA SER C 202 -7.72 0.85 -19.78
C SER C 202 -8.46 0.88 -18.44
N VAL C 203 -7.99 0.06 -17.50
CA VAL C 203 -8.58 -0.01 -16.16
C VAL C 203 -8.36 1.31 -15.42
N SER C 204 -7.32 2.04 -15.84
CA SER C 204 -7.01 3.38 -15.30
C SER C 204 -8.22 4.30 -15.29
N TYR C 206 -12.64 3.97 -16.19
CA TYR C 206 -13.92 3.66 -15.53
C TYR C 206 -13.88 2.49 -14.55
N ILE C 207 -13.29 1.37 -14.97
CA ILE C 207 -13.31 0.14 -14.16
C ILE C 207 -12.78 0.37 -12.74
N ASN C 208 -11.58 0.95 -12.62
CA ASN C 208 -11.09 1.39 -11.32
C ASN C 208 -11.91 2.57 -10.81
N GLY C 209 -11.97 3.63 -11.61
CA GLY C 209 -12.87 4.76 -11.36
C GLY C 209 -12.42 5.81 -10.36
N HIS C 210 -11.32 5.53 -9.65
CA HIS C 210 -10.89 6.40 -8.55
C HIS C 210 -9.65 7.23 -8.86
N GLY C 211 -9.12 7.08 -10.07
CA GLY C 211 -8.02 7.89 -10.58
C GLY C 211 -6.70 7.74 -9.83
N ASP C 212 -6.49 6.59 -9.20
CA ASP C 212 -5.28 6.37 -8.40
C ASP C 212 -4.36 5.25 -8.90
N VAL C 213 -4.78 4.53 -9.94
CA VAL C 213 -3.96 3.47 -10.51
C VAL C 213 -3.98 3.44 -12.04
N ILE C 214 -2.81 3.21 -12.64
CA ILE C 214 -2.69 2.93 -14.05
C ILE C 214 -2.78 1.42 -14.25
N GLY C 215 -3.73 0.97 -15.06
CA GLY C 215 -3.91 -0.45 -15.31
C GLY C 215 -4.61 -0.77 -16.61
N GLY C 216 -4.47 -2.02 -17.04
CA GLY C 216 -5.11 -2.49 -18.27
C GLY C 216 -5.57 -3.93 -18.14
N VAL C 217 -6.64 -4.26 -18.84
CA VAL C 217 -7.14 -5.64 -18.88
C VAL C 217 -7.53 -6.04 -20.30
N SER C 218 -7.36 -7.33 -20.60
CA SER C 218 -7.75 -7.88 -21.88
C SER C 218 -8.45 -9.21 -21.68
N SER C 219 -9.59 -9.38 -22.37
CA SER C 219 -10.40 -10.59 -22.26
C SER C 219 -10.55 -11.28 -23.61
N ALA C 220 -10.54 -12.61 -23.60
CA ALA C 220 -10.65 -13.39 -24.83
C ALA C 220 -11.82 -14.35 -24.82
N LYS C 221 -12.46 -14.50 -25.96
CA LYS C 221 -13.55 -15.46 -26.18
C LYS C 221 -13.06 -16.90 -26.05
N THR C 222 -11.76 -17.09 -26.27
CA THR C 222 -11.16 -18.41 -26.42
C THR C 222 -10.04 -18.64 -25.40
N ALA C 223 -9.89 -19.89 -24.95
CA ALA C 223 -8.84 -20.28 -24.01
C ALA C 223 -7.43 -20.19 -24.64
N GLU C 224 -7.32 -20.60 -25.89
CA GLU C 224 -6.07 -20.53 -26.65
C GLU C 224 -5.61 -19.08 -26.80
N ASP C 225 -6.56 -18.18 -27.02
CA ASP C 225 -6.27 -16.76 -27.23
C ASP C 225 -5.81 -16.06 -25.97
N ILE C 226 -6.42 -16.38 -24.82
CA ILE C 226 -6.00 -15.80 -23.55
C ILE C 226 -4.66 -16.37 -23.07
N ALA C 227 -4.39 -17.63 -23.41
CA ALA C 227 -3.12 -18.25 -23.11
C ALA C 227 -1.98 -17.60 -23.90
N THR C 228 -2.27 -17.23 -25.15
CA THR C 228 -1.31 -16.53 -26.01
C THR C 228 -1.02 -15.13 -25.47
N ILE C 229 -2.07 -14.42 -25.05
CA ILE C 229 -1.92 -13.09 -24.47
C ILE C 229 -1.05 -13.13 -23.21
N LYS C 230 -1.32 -14.09 -22.33
CA LYS C 230 -0.54 -14.29 -21.11
C LYS C 230 0.89 -14.76 -21.41
N PHE C 231 1.03 -15.54 -22.48
CA PHE C 231 2.34 -15.98 -22.96
C PHE C 231 3.19 -14.78 -23.39
N TYR C 232 2.58 -13.87 -24.17
CA TYR C 232 3.24 -12.63 -24.58
C TYR C 232 3.58 -11.73 -23.38
N ARG C 233 2.64 -11.61 -22.44
CA ARG C 233 2.82 -10.79 -21.24
C ARG C 233 4.01 -11.26 -20.39
N LYS C 234 4.21 -12.57 -20.38
CA LYS C 234 5.34 -13.20 -19.67
C LYS C 234 6.68 -12.67 -20.17
N ASP C 235 6.78 -12.43 -21.47
CA ASP C 235 8.02 -11.98 -22.10
C ASP C 235 8.09 -10.47 -22.29
N ALA C 236 6.95 -9.85 -22.59
CA ALA C 236 6.88 -8.39 -22.75
C ALA C 236 6.96 -7.67 -21.40
N GLY C 237 6.27 -8.21 -20.40
CA GLY C 237 6.46 -7.80 -19.01
C GLY C 237 5.61 -6.68 -18.45
N SER C 238 4.47 -6.40 -19.08
CA SER C 238 3.53 -5.40 -18.56
C SER C 238 2.59 -6.03 -17.54
N LEU C 239 2.88 -5.84 -16.27
CA LEU C 239 2.17 -6.52 -15.20
C LEU C 239 1.44 -5.55 -14.27
N MET C 240 0.26 -5.96 -13.83
CA MET C 240 -0.46 -5.25 -12.77
C MET C 240 0.17 -5.62 -11.43
N ALA C 241 0.50 -4.61 -10.64
CA ALA C 241 1.08 -4.81 -9.31
C ALA C 241 0.02 -5.33 -8.34
N PRO C 242 0.44 -6.14 -7.33
CA PRO C 242 -0.50 -6.68 -6.34
C PRO C 242 -1.34 -5.59 -5.65
N MET C 243 -0.70 -4.49 -5.27
CA MET C 243 -1.40 -3.35 -4.66
C MET C 243 -2.38 -2.71 -5.63
N ASP C 244 -1.95 -2.57 -6.89
CA ASP C 244 -2.79 -2.00 -7.94
C ASP C 244 -3.99 -2.89 -8.27
N ALA C 245 -3.76 -4.20 -8.25
CA ALA C 245 -4.83 -5.18 -8.46
C ALA C 245 -5.85 -5.13 -7.33
N PHE C 246 -5.37 -5.05 -6.09
CA PHE C 246 -6.21 -4.87 -4.92
C PHE C 246 -7.11 -3.65 -5.06
N LEU C 247 -6.51 -2.53 -5.47
CA LEU C 247 -7.23 -1.28 -5.65
C LEU C 247 -8.27 -1.34 -6.78
N CYS C 248 -7.90 -1.99 -7.89
CA CYS C 248 -8.78 -2.12 -9.05
C CYS C 248 -10.01 -2.97 -8.76
N ALA C 249 -9.81 -4.08 -8.06
CA ALA C 249 -10.90 -4.95 -7.62
C ALA C 249 -11.82 -4.18 -6.67
N ARG C 250 -11.21 -3.48 -5.71
CA ARG C 250 -11.91 -2.64 -4.76
C ARG C 250 -12.77 -1.59 -5.48
N GLY C 251 -12.17 -0.90 -6.44
CA GLY C 251 -12.86 0.13 -7.22
C GLY C 251 -13.99 -0.45 -8.07
N MET C 252 -13.79 -1.69 -8.52
CA MET C 252 -14.75 -2.37 -9.38
C MET C 252 -16.00 -2.82 -8.61
N LYS C 253 -15.84 -2.98 -7.29
CA LYS C 253 -16.96 -3.27 -6.38
C LYS C 253 -18.16 -2.34 -6.60
N THR C 254 -17.88 -1.08 -6.91
CA THR C 254 -18.93 -0.06 -7.08
C THR C 254 -19.13 0.36 -8.54
N LEU C 255 -18.55 -0.40 -9.48
CA LEU C 255 -18.64 -0.04 -10.90
C LEU C 255 -20.07 0.11 -11.46
N PRO C 256 -20.96 -0.89 -11.22
CA PRO C 256 -22.30 -0.79 -11.80
C PRO C 256 -23.05 0.48 -11.40
N ILE C 257 -22.99 0.85 -10.12
CA ILE C 257 -23.70 2.04 -9.66
C ILE C 257 -23.01 3.35 -10.07
N ARG C 258 -21.68 3.33 -10.13
CA ARG C 258 -20.93 4.48 -10.63
C ARG C 258 -21.29 4.76 -12.08
N MET C 259 -21.34 3.69 -12.89
CA MET C 259 -21.68 3.80 -14.31
C MET C 259 -23.10 4.32 -14.54
N GLN C 260 -24.03 3.93 -13.66
CA GLN C 260 -25.40 4.40 -13.73
C GLN C 260 -25.45 5.93 -13.61
N ILE C 261 -24.73 6.45 -12.62
CA ILE C 261 -24.65 7.90 -12.39
C ILE C 261 -23.88 8.58 -13.51
N HIS C 262 -22.74 8.00 -13.91
CA HIS C 262 -21.98 8.50 -15.05
C HIS C 262 -22.88 8.69 -16.27
N MET C 263 -23.62 7.64 -16.64
CA MET C 263 -24.50 7.67 -17.79
C MET C 263 -25.55 8.79 -17.71
N GLU C 264 -26.22 8.90 -16.56
CA GLU C 264 -27.29 9.87 -16.41
C GLU C 264 -26.75 11.30 -16.30
N ASN C 265 -25.67 11.49 -15.55
CA ASN C 265 -25.01 12.79 -15.46
C ASN C 265 -24.52 13.27 -16.82
N GLY C 266 -23.83 12.38 -17.54
CA GLY C 266 -23.30 12.67 -18.87
C GLY C 266 -24.36 13.10 -19.87
N LEU C 267 -25.48 12.37 -19.89
CA LEU C 267 -26.60 12.70 -20.77
C LEU C 267 -27.21 14.07 -20.46
N LYS C 268 -27.34 14.39 -19.17
CA LYS C 268 -27.92 15.66 -18.74
C LYS C 268 -27.00 16.85 -19.03
N VAL C 269 -25.70 16.65 -18.84
CA VAL C 269 -24.69 17.65 -19.16
C VAL C 269 -24.69 17.94 -20.67
N ALA C 270 -24.72 16.87 -21.47
CA ALA C 270 -24.74 16.97 -22.93
C ALA C 270 -26.01 17.66 -23.44
N LYS C 271 -27.16 17.31 -22.86
CA LYS C 271 -28.44 17.93 -23.19
C LYS C 271 -28.44 19.42 -22.87
N PHE C 272 -27.80 19.78 -21.74
CA PHE C 272 -27.66 21.18 -21.33
C PHE C 272 -26.73 21.96 -22.27
N LEU C 273 -25.63 21.34 -22.68
CA LEU C 273 -24.67 21.98 -23.57
C LEU C 273 -25.25 22.19 -24.96
N GLU C 274 -25.92 21.17 -25.49
CA GLU C 274 -26.51 21.23 -26.84
C GLU C 274 -27.55 22.35 -27.00
N GLN C 275 -28.19 22.72 -25.90
CA GLN C 275 -29.18 23.80 -25.91
C GLN C 275 -28.56 25.17 -25.59
N HIS C 276 -27.26 25.18 -25.27
CA HIS C 276 -26.58 26.42 -24.88
C HIS C 276 -26.05 27.22 -26.07
N GLU C 277 -26.23 28.54 -25.98
CA GLU C 277 -25.89 29.50 -27.03
C GLU C 277 -24.43 29.43 -27.46
N LYS C 278 -23.52 29.30 -26.50
CA LYS C 278 -22.08 29.29 -26.77
C LYS C 278 -21.57 28.01 -27.42
N ILE C 279 -22.38 26.95 -27.34
CA ILE C 279 -21.98 25.64 -27.86
C ILE C 279 -22.48 25.42 -29.30
N VAL C 280 -21.54 25.05 -30.18
CA VAL C 280 -21.84 24.81 -31.60
C VAL C 280 -22.41 23.41 -31.83
N LYS C 281 -21.76 22.41 -31.24
CA LYS C 281 -22.10 21.01 -31.47
C LYS C 281 -21.70 20.16 -30.26
N VAL C 282 -22.48 19.12 -29.98
CA VAL C 282 -22.17 18.17 -28.91
C VAL C 282 -22.08 16.74 -29.45
N ASN C 283 -20.92 16.13 -29.27
CA ASN C 283 -20.67 14.77 -29.71
C ASN C 283 -20.85 13.76 -28.58
N HIS C 284 -22.10 13.56 -28.18
CA HIS C 284 -22.44 12.51 -27.24
C HIS C 284 -23.23 11.43 -27.99
N PRO C 285 -22.81 10.15 -27.86
CA PRO C 285 -23.43 9.04 -28.60
C PRO C 285 -24.87 8.74 -28.19
N GLY C 286 -25.32 9.33 -27.08
CA GLY C 286 -26.66 9.11 -26.56
C GLY C 286 -27.69 10.14 -27.03
N LEU C 287 -27.21 11.18 -27.71
CA LEU C 287 -28.09 12.20 -28.30
C LEU C 287 -28.62 11.72 -29.65
N GLU C 288 -29.87 12.07 -29.95
CA GLU C 288 -30.49 11.72 -31.22
C GLU C 288 -29.86 12.43 -32.42
N SER C 289 -29.29 13.60 -32.18
CA SER C 289 -28.65 14.40 -33.23
C SER C 289 -27.36 13.76 -33.74
N PHE C 290 -26.75 12.92 -32.91
CA PHE C 290 -25.47 12.29 -33.25
C PHE C 290 -25.63 11.21 -34.31
N PRO C 291 -24.83 11.27 -35.39
CA PRO C 291 -24.88 10.36 -36.53
C PRO C 291 -24.93 8.87 -36.20
N GLY C 292 -24.11 8.42 -35.25
CA GLY C 292 -24.02 6.99 -34.93
C GLY C 292 -24.90 6.52 -33.78
N HIS C 293 -25.93 7.30 -33.45
CA HIS C 293 -26.79 7.01 -32.29
C HIS C 293 -27.54 5.69 -32.40
N ASP C 294 -28.11 5.40 -33.56
CA ASP C 294 -28.93 4.20 -33.75
C ASP C 294 -28.15 2.90 -33.62
N ILE C 295 -26.87 2.93 -33.96
CA ILE C 295 -25.99 1.76 -33.79
C ILE C 295 -25.61 1.62 -32.32
N ALA C 296 -25.31 2.75 -31.67
CA ALA C 296 -24.89 2.78 -30.27
C ALA C 296 -25.97 2.29 -29.30
N LYS C 297 -27.22 2.71 -29.53
CA LYS C 297 -28.33 2.32 -28.64
C LYS C 297 -28.74 0.87 -28.85
N LYS C 298 -28.36 0.30 -29.98
CA LYS C 298 -28.70 -1.08 -30.32
C LYS C 298 -27.63 -2.05 -29.83
N GLN C 299 -26.37 -1.62 -29.85
CA GLN C 299 -25.24 -2.49 -29.55
C GLN C 299 -24.69 -2.33 -28.13
N MET C 300 -25.15 -1.30 -27.44
CA MET C 300 -24.75 -1.04 -26.06
C MET C 300 -25.98 -0.93 -25.16
N THR C 301 -25.80 -1.18 -23.87
CA THR C 301 -26.91 -1.12 -22.91
C THR C 301 -26.86 0.19 -22.09
N GLY C 302 -26.02 1.11 -22.53
CA GLY C 302 -25.90 2.43 -21.91
C GLY C 302 -24.75 3.22 -22.51
N TYR C 303 -24.39 4.33 -21.87
CA TYR C 303 -23.33 5.20 -22.38
C TYR C 303 -22.37 5.62 -21.29
N GLY C 304 -21.10 5.79 -21.66
CA GLY C 304 -20.11 6.41 -20.79
C GLY C 304 -20.38 7.89 -20.68
N SER C 305 -19.64 8.57 -19.80
CA SER C 305 -19.87 9.99 -19.53
C SER C 305 -18.77 10.89 -20.10
N THR C 306 -17.90 10.32 -20.93
CA THR C 306 -16.87 11.11 -21.60
C THR C 306 -17.29 11.41 -23.03
N PHE C 307 -17.30 12.70 -23.36
CA PHE C 307 -17.71 13.15 -24.69
C PHE C 307 -17.07 14.47 -25.07
N LEU C 308 -17.21 14.84 -26.32
CA LEU C 308 -16.58 15.99 -26.91
C LEU C 308 -17.64 17.02 -27.27
N PHE C 309 -17.27 18.30 -27.25
CA PHE C 309 -18.16 19.35 -27.74
C PHE C 309 -17.41 20.50 -28.38
N GLU C 310 -18.08 21.20 -29.30
CA GLU C 310 -17.47 22.26 -30.09
C GLU C 310 -17.84 23.66 -29.58
N MET C 311 -16.80 24.46 -29.32
CA MET C 311 -16.96 25.87 -28.96
C MET C 311 -16.86 26.72 -30.23
N LYS C 312 -17.22 28.00 -30.11
CA LYS C 312 -17.17 28.93 -31.24
C LYS C 312 -15.75 29.35 -31.61
N SER C 313 -14.81 29.15 -30.69
CA SER C 313 -13.40 29.49 -30.91
C SER C 313 -12.48 28.82 -29.90
N PHE C 314 -11.19 28.83 -30.21
CA PHE C 314 -10.16 28.35 -29.29
C PHE C 314 -10.15 29.18 -28.00
N GLU C 315 -10.25 30.49 -28.14
CA GLU C 315 -10.21 31.41 -27.00
C GLU C 315 -11.40 31.21 -26.05
N ALA C 316 -12.56 30.89 -26.63
CA ALA C 316 -13.77 30.59 -25.86
C ALA C 316 -13.62 29.27 -25.10
N ALA C 317 -13.01 28.29 -25.77
CA ALA C 317 -12.72 26.99 -25.18
C ALA C 317 -11.72 27.14 -24.04
N LYS C 318 -10.73 27.99 -24.25
CA LYS C 318 -9.71 28.33 -23.26
C LYS C 318 -10.33 29.06 -22.08
N LYS C 319 -11.35 29.86 -22.34
CA LYS C 319 -12.07 30.61 -21.31
C LYS C 319 -12.89 29.68 -20.41
N LEU C 320 -13.57 28.71 -21.02
CA LEU C 320 -14.37 27.75 -20.28
C LEU C 320 -13.50 26.87 -19.37
N MET C 321 -12.51 26.23 -19.97
CA MET C 321 -11.63 25.28 -19.29
C MET C 321 -10.88 25.83 -18.07
N GLU C 322 -10.53 27.11 -18.12
CA GLU C 322 -9.66 27.73 -17.11
C GLU C 322 -10.41 28.44 -15.98
N HIS C 323 -11.73 28.49 -16.06
CA HIS C 323 -12.53 29.20 -15.06
C HIS C 323 -13.57 28.30 -14.41
N LEU C 324 -13.31 27.00 -14.37
CA LEU C 324 -14.19 26.04 -13.71
C LEU C 324 -13.72 25.81 -12.28
N LYS C 325 -14.68 25.57 -11.39
CA LYS C 325 -14.39 25.43 -9.95
C LYS C 325 -14.66 24.01 -9.45
N VAL C 326 -15.54 23.30 -10.14
CA VAL C 326 -15.84 21.91 -9.82
C VAL C 326 -15.04 20.99 -10.76
N CYS C 327 -15.18 21.19 -12.07
CA CYS C 327 -14.40 20.45 -13.04
C CYS C 327 -12.92 20.79 -12.89
N THR C 328 -12.07 19.78 -13.01
CA THR C 328 -10.63 19.98 -12.91
C THR C 328 -9.93 19.76 -14.25
N LEU C 329 -9.12 20.74 -14.65
CA LEU C 329 -8.37 20.70 -15.91
C LEU C 329 -7.23 19.70 -15.85
N ALA C 330 -7.38 18.59 -16.58
CA ALA C 330 -6.42 17.48 -16.58
C ALA C 330 -6.79 16.45 -17.65
N VAL C 331 -5.81 15.66 -18.07
CA VAL C 331 -6.07 14.54 -18.98
C VAL C 331 -6.62 13.33 -18.22
N SER C 332 -6.81 12.22 -18.94
CA SER C 332 -7.46 11.00 -18.43
C SER C 332 -8.97 11.19 -18.30
N LEU C 333 -9.67 10.12 -17.90
CA LEU C 333 -11.13 10.10 -17.86
C LEU C 333 -11.67 8.97 -17.00
N GLY C 334 -13.00 8.92 -16.87
CA GLY C 334 -13.66 7.82 -16.17
C GLY C 334 -13.48 7.84 -14.66
N CYS C 335 -13.04 8.99 -14.15
CA CYS C 335 -12.82 9.14 -12.72
CA CYS C 335 -12.82 9.15 -12.72
C CYS C 335 -14.10 9.54 -12.01
N VAL C 336 -14.11 9.38 -10.69
CA VAL C 336 -15.27 9.70 -9.86
C VAL C 336 -15.61 11.19 -9.91
N ASP C 337 -14.58 12.03 -10.01
CA ASP C 337 -14.76 13.48 -10.17
C ASP C 337 -14.61 13.90 -11.63
N THR C 338 -15.22 15.04 -11.98
CA THR C 338 -15.30 15.50 -13.37
C THR C 338 -13.99 16.08 -13.90
N LEU C 339 -13.51 15.49 -14.99
CA LEU C 339 -12.29 15.96 -15.66
C LEU C 339 -12.62 16.70 -16.95
N ILE C 340 -11.75 17.63 -17.34
CA ILE C 340 -11.93 18.39 -18.58
C ILE C 340 -10.58 18.69 -19.25
N GLU C 341 -10.57 18.65 -20.58
CA GLU C 341 -9.32 18.60 -21.34
C GLU C 341 -9.47 19.18 -22.76
N HIS C 342 -8.34 19.57 -23.34
CA HIS C 342 -8.28 20.13 -24.72
C HIS C 342 -7.55 19.16 -25.65
N PRO C 343 -8.31 18.36 -26.43
CA PRO C 343 -7.75 17.30 -27.28
C PRO C 343 -6.66 17.76 -28.25
N ALA C 344 -6.85 18.92 -28.89
CA ALA C 344 -5.97 19.40 -29.94
C ALA C 344 -4.53 19.68 -29.49
N SER C 345 -4.37 20.05 -28.21
CA SER C 345 -3.06 20.42 -27.69
C SER C 345 -2.57 19.53 -26.54
N MET C 346 -3.39 18.56 -26.15
CA MET C 346 -3.03 17.67 -25.03
C MET C 346 -3.02 16.18 -25.43
N THR C 347 -4.17 15.51 -25.38
CA THR C 347 -4.26 14.07 -25.64
C THR C 347 -3.91 13.68 -27.07
N HIS C 348 -4.19 14.56 -28.02
CA HIS C 348 -3.95 14.29 -29.43
C HIS C 348 -3.08 15.37 -30.09
N ALA C 349 -2.07 15.82 -29.35
CA ALA C 349 -1.07 16.75 -29.88
C ALA C 349 0.03 16.01 -30.61
N ALA C 350 0.29 14.77 -30.17
CA ALA C 350 1.33 13.91 -30.76
C ALA C 350 0.87 13.21 -32.04
N VAL C 351 -0.44 13.18 -32.26
CA VAL C 351 -1.03 12.58 -33.46
C VAL C 351 -0.71 13.44 -34.68
N PRO C 352 -0.11 12.83 -35.74
CA PRO C 352 0.22 13.55 -36.97
C PRO C 352 -1.00 14.21 -37.61
N GLU C 353 -0.80 15.38 -38.22
CA GLU C 353 -1.90 16.17 -38.79
C GLU C 353 -2.60 15.50 -39.96
N ASN C 354 -1.89 14.58 -40.63
CA ASN C 354 -2.49 13.70 -41.65
C ASN C 354 -3.69 12.94 -41.09
N ILE C 355 -3.56 12.45 -39.86
CA ILE C 355 -4.60 11.71 -39.17
C ILE C 355 -5.48 12.67 -38.35
N MET C 356 -4.90 13.78 -37.91
CA MET C 356 -5.59 14.82 -37.15
C MET C 356 -6.78 15.42 -37.92
N ARG C 357 -6.59 15.65 -39.22
CA ARG C 357 -7.63 16.27 -40.06
C ARG C 357 -8.85 15.36 -40.26
N LYS C 358 -8.60 14.06 -40.36
CA LYS C 358 -9.66 13.08 -40.63
C LYS C 358 -10.33 12.51 -39.38
N GLN C 359 -9.88 12.96 -38.21
CA GLN C 359 -10.39 12.42 -36.93
C GLN C 359 -11.73 12.97 -36.41
N GLY C 360 -12.01 14.26 -36.55
CA GLY C 360 -11.09 15.31 -37.01
C GLY C 360 -11.04 16.40 -35.95
N ILE C 361 -9.89 16.54 -35.33
CA ILE C 361 -9.76 17.35 -34.11
C ILE C 361 -9.27 18.78 -34.39
N THR C 362 -10.07 19.75 -33.94
CA THR C 362 -9.79 21.16 -34.11
C THR C 362 -9.63 21.85 -32.75
N PRO C 363 -8.91 22.99 -32.69
CA PRO C 363 -8.70 23.74 -31.44
C PRO C 363 -9.98 24.22 -30.74
N GLU C 364 -11.10 24.19 -31.45
CA GLU C 364 -12.39 24.60 -30.88
C GLU C 364 -13.01 23.51 -30.00
N LEU C 365 -12.45 22.31 -30.03
CA LEU C 365 -13.04 21.15 -29.37
C LEU C 365 -12.58 21.01 -27.93
N VAL C 366 -13.52 20.63 -27.06
CA VAL C 366 -13.26 20.40 -25.65
C VAL C 366 -13.80 19.03 -25.28
N ARG C 367 -12.99 18.21 -24.61
CA ARG C 367 -13.46 16.92 -24.12
C ARG C 367 -13.74 16.97 -22.62
N ILE C 368 -14.93 16.50 -22.24
CA ILE C 368 -15.35 16.47 -20.85
C ILE C 368 -15.63 15.04 -20.39
N SER C 369 -15.18 14.71 -19.19
CA SER C 369 -15.47 13.42 -18.59
C SER C 369 -16.27 13.64 -17.30
N VAL C 370 -17.58 13.47 -17.40
CA VAL C 370 -18.51 13.81 -16.31
C VAL C 370 -18.49 12.78 -15.18
N GLY C 371 -18.09 13.23 -14.00
CA GLY C 371 -18.03 12.37 -12.81
C GLY C 371 -19.38 12.11 -12.16
N ILE C 372 -19.33 11.72 -10.89
CA ILE C 372 -20.55 11.34 -10.17
C ILE C 372 -21.04 12.39 -9.16
N GLU C 373 -20.47 13.60 -9.26
CA GLU C 373 -20.98 14.75 -8.50
C GLU C 373 -22.44 15.00 -8.85
N ASN C 374 -23.17 15.66 -7.95
CA ASN C 374 -24.53 16.06 -8.25
C ASN C 374 -24.54 16.82 -9.58
N VAL C 375 -25.38 16.37 -10.50
CA VAL C 375 -25.39 16.89 -11.87
C VAL C 375 -25.65 18.41 -11.93
N ASP C 376 -26.51 18.91 -11.05
CA ASP C 376 -26.83 20.34 -11.00
C ASP C 376 -25.63 21.21 -10.63
N ASP C 377 -24.78 20.69 -9.75
CA ASP C 377 -23.51 21.34 -9.40
C ASP C 377 -22.56 21.42 -10.60
N ILE C 378 -22.48 20.33 -11.36
CA ILE C 378 -21.66 20.27 -12.57
C ILE C 378 -22.19 21.26 -13.61
N ILE C 379 -23.50 21.23 -13.83
CA ILE C 379 -24.16 22.13 -14.79
C ILE C 379 -24.01 23.61 -14.43
N ALA C 380 -24.19 23.93 -13.15
CA ALA C 380 -24.02 25.30 -12.65
C ALA C 380 -22.58 25.79 -12.83
N ASP C 381 -21.62 24.88 -12.66
CA ASP C 381 -20.21 25.20 -12.79
C ASP C 381 -19.85 25.56 -14.24
N LEU C 382 -20.41 24.81 -15.18
CA LEU C 382 -20.23 25.08 -16.61
C LEU C 382 -20.97 26.34 -17.02
N LYS C 383 -22.17 26.54 -16.46
CA LYS C 383 -23.01 27.70 -16.77
C LYS C 383 -22.33 29.03 -16.46
N GLN C 384 -21.81 29.16 -15.23
CA GLN C 384 -21.15 30.40 -14.81
C GLN C 384 -19.86 30.67 -15.60
N ALA C 385 -19.18 29.61 -16.01
CA ALA C 385 -17.98 29.72 -16.82
C ALA C 385 -18.32 30.12 -18.25
N LEU C 386 -19.44 29.63 -18.77
CA LEU C 386 -19.92 29.96 -20.11
C LEU C 386 -20.50 31.38 -20.17
N GLU C 387 -20.91 31.90 -19.01
CA GLU C 387 -21.55 33.20 -18.93
C GLU C 387 -20.67 34.25 -18.25
N LEU C 388 -19.35 34.14 -18.45
CA LEU C 388 -18.40 35.08 -17.91
C LEU C 388 -18.41 36.41 -18.66
N TRP C 389 -17.96 37.47 -17.97
CA TRP C 389 -17.70 38.77 -18.59
C TRP C 389 -16.65 38.60 -19.69
N ASP D 5 23.70 -15.73 14.26
CA ASP D 5 23.02 -14.43 14.00
C ASP D 5 21.54 -14.44 14.33
N ILE D 6 21.05 -13.29 14.79
CA ILE D 6 19.63 -13.04 14.97
C ILE D 6 18.95 -12.92 13.59
N THR D 7 19.75 -12.56 12.59
CA THR D 7 19.30 -12.40 11.20
C THR D 7 18.54 -13.63 10.69
N THR D 8 19.11 -14.82 10.91
CA THR D 8 18.52 -16.08 10.48
C THR D 8 17.13 -16.29 11.08
N THR D 9 16.98 -15.98 12.37
CA THR D 9 15.70 -16.10 13.08
C THR D 9 14.65 -15.16 12.46
N LEU D 10 15.07 -13.92 12.19
CA LEU D 10 14.19 -12.91 11.62
C LEU D 10 13.82 -13.18 10.15
N LEU D 11 14.76 -13.74 9.40
CA LEU D 11 14.51 -14.08 7.99
C LEU D 11 13.67 -15.35 7.83
N HIS D 12 13.68 -16.20 8.86
CA HIS D 12 12.89 -17.43 8.85
C HIS D 12 12.02 -17.53 10.09
N PRO D 13 10.91 -16.76 10.13
CA PRO D 13 10.06 -16.71 11.31
C PRO D 13 9.17 -17.95 11.44
N LYS D 14 8.62 -18.13 12.64
CA LYS D 14 7.69 -19.21 12.95
C LYS D 14 6.38 -18.99 12.20
N GLY D 15 5.80 -20.07 11.69
CA GLY D 15 4.51 -20.00 11.02
C GLY D 15 4.44 -20.66 9.65
N ASP D 16 3.22 -20.93 9.20
CA ASP D 16 2.99 -21.55 7.90
C ASP D 16 2.85 -20.50 6.81
N HIS D 17 3.33 -20.83 5.62
CA HIS D 17 3.17 -19.98 4.45
C HIS D 17 1.71 -19.92 4.03
N VAL D 18 1.33 -18.82 3.38
CA VAL D 18 -0.04 -18.60 2.95
C VAL D 18 -0.10 -18.74 1.42
N LEU D 19 -0.82 -19.77 0.95
CA LEU D 19 -0.87 -20.13 -0.47
C LEU D 19 0.52 -20.23 -1.11
N HIS D 20 1.46 -20.78 -0.35
CA HIS D 20 2.86 -20.95 -0.78
C HIS D 20 3.61 -19.65 -1.07
N SER D 21 3.05 -18.53 -0.62
CA SER D 21 3.68 -17.22 -0.82
C SER D 21 4.96 -17.09 0.00
N HIS D 22 6.03 -16.67 -0.66
CA HIS D 22 7.32 -16.48 -0.01
C HIS D 22 7.25 -15.36 1.01
N ALA D 23 6.86 -14.16 0.56
CA ALA D 23 6.60 -13.05 1.45
C ALA D 23 5.21 -13.22 2.06
N TYR D 24 5.07 -12.90 3.34
CA TYR D 24 3.78 -13.00 4.01
C TYR D 24 2.83 -11.93 3.49
N PRO D 25 1.62 -12.35 3.06
CA PRO D 25 0.63 -11.44 2.46
C PRO D 25 0.18 -10.31 3.38
N ILE D 26 -0.20 -9.19 2.77
CA ILE D 26 -0.76 -8.07 3.50
C ILE D 26 -2.26 -8.28 3.63
N PHE D 27 -2.69 -8.68 4.82
CA PHE D 27 -4.11 -8.93 5.09
C PHE D 27 -4.87 -7.63 5.34
N GLN D 28 -5.01 -6.84 4.28
CA GLN D 28 -5.76 -5.58 4.31
C GLN D 28 -7.25 -5.88 4.37
N THR D 29 -7.70 -6.36 5.52
CA THR D 29 -9.09 -6.72 5.73
C THR D 29 -9.55 -6.24 7.11
N SER D 30 -10.84 -5.98 7.24
CA SER D 30 -11.40 -5.61 8.54
C SER D 30 -11.87 -6.85 9.29
N THR D 31 -12.70 -7.66 8.63
CA THR D 31 -13.29 -8.84 9.28
C THR D 31 -12.91 -10.16 8.62
N PHE D 32 -13.30 -11.26 9.26
CA PHE D 32 -13.03 -12.62 8.77
C PHE D 32 -14.30 -13.44 8.73
N CYS D 33 -14.31 -14.49 7.92
CA CYS D 33 -15.49 -15.32 7.70
C CYS D 33 -15.57 -16.48 8.68
N PHE D 34 -16.78 -17.00 8.87
CA PHE D 34 -16.99 -18.19 9.71
C PHE D 34 -17.54 -19.34 8.88
N ASP D 35 -17.14 -20.57 9.25
CA ASP D 35 -17.63 -21.78 8.59
C ASP D 35 -19.03 -22.14 9.08
N SER D 36 -19.31 -21.79 10.34
CA SER D 36 -20.58 -22.07 10.99
C SER D 36 -20.77 -21.14 12.18
N THR D 37 -21.93 -21.21 12.82
CA THR D 37 -22.20 -20.46 14.03
C THR D 37 -21.29 -20.94 15.16
N GLN D 38 -21.16 -22.27 15.29
CA GLN D 38 -20.36 -22.90 16.34
C GLN D 38 -18.88 -22.51 16.25
N GLN D 39 -18.33 -22.52 15.04
CA GLN D 39 -16.93 -22.17 14.82
C GLN D 39 -16.65 -20.72 15.20
N GLY D 40 -17.57 -19.83 14.82
CA GLY D 40 -17.48 -18.41 15.16
C GLY D 40 -17.63 -18.14 16.65
N ALA D 41 -18.59 -18.84 17.27
CA ALA D 41 -18.81 -18.75 18.72
C ALA D 41 -17.59 -19.24 19.50
N ASP D 42 -16.96 -20.32 19.01
CA ASP D 42 -15.77 -20.90 19.63
C ASP D 42 -14.61 -19.91 19.68
N LEU D 43 -14.38 -19.21 18.58
CA LEU D 43 -13.28 -18.26 18.46
C LEU D 43 -13.44 -17.06 19.40
N PHE D 44 -14.70 -16.67 19.64
CA PHE D 44 -15.01 -15.63 20.62
C PHE D 44 -14.78 -16.09 22.06
N MET D 45 -14.80 -17.40 22.28
CA MET D 45 -14.54 -17.99 23.59
C MET D 45 -13.09 -18.47 23.74
N GLY D 46 -12.33 -18.38 22.66
CA GLY D 46 -10.92 -18.77 22.67
C GLY D 46 -10.63 -20.19 22.20
N LYS D 47 -11.69 -20.94 21.86
CA LYS D 47 -11.53 -22.30 21.35
C LYS D 47 -11.17 -22.33 19.86
N GLY D 48 -10.21 -23.18 19.53
CA GLY D 48 -9.81 -23.40 18.13
C GLY D 48 -8.90 -22.33 17.55
N GLU D 49 -8.44 -22.58 16.32
CA GLU D 49 -7.56 -21.68 15.59
C GLU D 49 -8.34 -20.89 14.54
N GLY D 50 -7.90 -19.66 14.28
CA GLY D 50 -8.54 -18.81 13.28
C GLY D 50 -8.69 -17.37 13.73
N HIS D 51 -9.27 -16.55 12.84
CA HIS D 51 -9.41 -15.12 13.11
C HIS D 51 -10.86 -14.65 13.08
N ILE D 52 -11.11 -13.51 13.72
CA ILE D 52 -12.45 -12.93 13.80
C ILE D 52 -12.49 -11.54 13.15
N TYR D 53 -11.64 -10.65 13.66
CA TYR D 53 -11.67 -9.23 13.33
C TYR D 53 -10.26 -8.68 13.58
N SER D 54 -9.80 -7.80 12.71
CA SER D 54 -8.41 -7.33 12.71
C SER D 54 -7.96 -6.67 14.02
N ARG D 55 -8.87 -6.01 14.72
CA ARG D 55 -8.57 -5.41 16.02
C ARG D 55 -8.24 -6.48 17.07
N LEU D 56 -8.96 -7.59 17.03
CA LEU D 56 -8.68 -8.73 17.91
C LEU D 56 -7.43 -9.48 17.46
N GLY D 57 -7.17 -9.46 16.16
CA GLY D 57 -6.02 -10.14 15.58
C GLY D 57 -5.99 -10.10 14.06
N ASN D 58 -4.83 -9.73 13.52
CA ASN D 58 -4.59 -9.69 12.09
C ASN D 58 -3.33 -10.49 11.76
N PRO D 59 -3.43 -11.45 10.83
CA PRO D 59 -2.34 -12.38 10.50
C PRO D 59 -1.02 -11.69 10.16
N THR D 60 -1.09 -10.62 9.37
CA THR D 60 0.10 -9.84 9.00
C THR D 60 0.71 -9.16 10.23
N VAL D 61 -0.16 -8.61 11.08
CA VAL D 61 0.26 -7.93 12.31
C VAL D 61 0.88 -8.93 13.31
N GLU D 62 0.21 -10.08 13.46
CA GLU D 62 0.67 -11.15 14.35
C GLU D 62 2.04 -11.69 13.93
N GLN D 63 2.29 -11.68 12.63
CA GLN D 63 3.56 -12.13 12.06
C GLN D 63 4.72 -11.23 12.52
N PHE D 64 4.46 -9.93 12.62
CA PHE D 64 5.44 -8.97 13.14
C PHE D 64 5.60 -9.12 14.65
N GLU D 65 4.49 -9.32 15.34
CA GLU D 65 4.49 -9.53 16.80
C GLU D 65 5.36 -10.72 17.18
N GLU D 66 5.26 -11.80 16.41
CA GLU D 66 6.02 -13.03 16.64
C GLU D 66 7.52 -12.86 16.36
N MET D 67 7.84 -11.95 15.44
CA MET D 67 9.24 -11.59 15.16
C MET D 67 9.87 -10.87 16.34
N VAL D 68 9.11 -9.95 16.93
CA VAL D 68 9.55 -9.19 18.11
C VAL D 68 9.58 -10.11 19.33
N CYS D 69 8.58 -10.98 19.43
CA CYS D 69 8.49 -11.96 20.52
C CYS D 69 9.70 -12.89 20.59
N SER D 70 10.28 -13.20 19.43
CA SER D 70 11.44 -14.09 19.35
C SER D 70 12.73 -13.43 19.83
N ILE D 71 13.00 -12.22 19.34
CA ILE D 71 14.20 -11.48 19.72
C ILE D 71 14.18 -11.02 21.19
N GLU D 72 13.00 -10.66 21.69
CA GLU D 72 12.84 -10.22 23.07
C GLU D 72 12.94 -11.37 24.08
N GLY D 73 12.53 -12.56 23.64
CA GLY D 73 12.45 -13.73 24.52
C GLY D 73 11.23 -13.68 25.41
N ALA D 74 10.11 -13.26 24.82
CA ALA D 74 8.87 -13.00 25.54
C ALA D 74 7.87 -14.15 25.46
N ALA D 75 6.82 -14.06 26.28
CA ALA D 75 5.69 -14.98 26.19
C ALA D 75 4.75 -14.54 25.07
N GLY D 76 4.75 -13.24 24.78
CA GLY D 76 3.95 -12.67 23.71
C GLY D 76 4.29 -11.21 23.46
N SER D 77 3.91 -10.72 22.29
CA SER D 77 4.13 -9.32 21.92
C SER D 77 2.90 -8.73 21.26
N ALA D 78 2.67 -7.44 21.50
CA ALA D 78 1.52 -6.74 20.93
C ALA D 78 1.97 -5.52 20.13
N ALA D 79 1.51 -5.42 18.90
CA ALA D 79 1.82 -4.28 18.04
C ALA D 79 0.78 -3.17 18.20
N PHE D 80 1.22 -1.92 18.02
CA PHE D 80 0.36 -0.76 18.19
C PHE D 80 0.55 0.24 17.05
N GLY D 81 -0.32 1.24 16.98
CA GLY D 81 -0.23 2.28 15.96
C GLY D 81 0.89 3.27 16.20
N SER D 82 1.42 3.28 17.42
CA SER D 82 2.50 4.18 17.81
C SER D 82 3.23 3.64 19.02
N GLY D 83 4.44 4.14 19.25
CA GLY D 83 5.19 3.87 20.47
C GLY D 83 4.44 4.34 21.69
N MET D 84 3.75 5.48 21.56
CA MET D 84 2.89 6.01 22.62
C MET D 84 1.71 5.10 22.89
N GLY D 85 1.23 4.44 21.84
CA GLY D 85 0.18 3.43 21.97
C GLY D 85 0.66 2.26 22.82
N ALA D 86 1.93 1.90 22.64
CA ALA D 86 2.56 0.84 23.42
C ALA D 86 2.78 1.27 24.87
N ILE D 87 3.27 2.50 25.05
CA ILE D 87 3.58 3.04 26.38
C ILE D 87 2.33 3.14 27.27
N SER D 88 1.27 3.76 26.74
CA SER D 88 0.03 3.93 27.52
C SER D 88 -0.68 2.59 27.76
N SER D 89 -0.49 1.64 26.85
CA SER D 89 -1.08 0.30 26.99
C SER D 89 -0.27 -0.59 27.93
N SER D 90 1.00 -0.25 28.13
CA SER D 90 1.86 -1.02 29.04
C SER D 90 1.77 -0.50 30.47
N THR D 91 1.08 0.63 30.66
CA THR D 91 0.92 1.24 31.98
C THR D 91 -0.53 1.25 32.44
N LEU D 92 -1.40 1.88 31.64
CA LEU D 92 -2.81 2.04 32.00
C LEU D 92 -3.63 0.76 31.94
N ALA D 93 -3.01 -0.33 31.50
CA ALA D 93 -3.62 -1.65 31.53
C ALA D 93 -3.50 -2.27 32.92
N PHE D 94 -2.56 -1.76 33.72
CA PHE D 94 -2.26 -2.32 35.03
C PHE D 94 -2.54 -1.31 36.15
N LEU D 95 -2.11 -0.07 35.94
CA LEU D 95 -2.30 0.99 36.92
C LEU D 95 -3.76 1.44 36.97
N GLN D 96 -4.29 1.50 38.19
CA GLN D 96 -5.65 1.98 38.44
C GLN D 96 -5.67 3.03 39.56
N LYS D 97 -6.85 3.60 39.80
CA LYS D 97 -7.03 4.61 40.86
C LYS D 97 -6.45 4.14 42.19
N GLY D 98 -5.63 4.99 42.79
CA GLY D 98 -5.02 4.69 44.10
C GLY D 98 -3.63 4.09 44.02
N ASP D 99 -3.18 3.76 42.82
CA ASP D 99 -1.85 3.18 42.61
C ASP D 99 -0.77 4.25 42.52
N HIS D 100 0.48 3.84 42.72
CA HIS D 100 1.63 4.72 42.63
C HIS D 100 2.63 4.21 41.60
N LEU D 101 3.13 5.13 40.77
CA LEU D 101 4.13 4.81 39.75
C LEU D 101 5.40 5.64 39.92
N ILE D 102 6.54 4.97 39.99
CA ILE D 102 7.84 5.62 39.99
C ILE D 102 8.42 5.52 38.58
N ALA D 103 8.70 6.68 37.98
CA ALA D 103 9.27 6.73 36.64
C ALA D 103 10.53 7.59 36.63
N GLY D 104 11.43 7.32 35.69
CA GLY D 104 12.66 8.10 35.53
C GLY D 104 12.36 9.56 35.24
N ASP D 105 13.20 10.46 35.75
CA ASP D 105 13.01 11.89 35.54
C ASP D 105 13.22 12.29 34.09
N THR D 106 14.07 11.54 33.40
CA THR D 106 14.35 11.78 31.98
C THR D 106 13.62 10.75 31.13
N LEU D 107 12.61 11.24 30.39
CA LEU D 107 11.83 10.41 29.48
C LEU D 107 11.55 11.22 28.21
N TYR D 108 11.07 10.52 27.18
CA TYR D 108 10.62 11.18 25.95
C TYR D 108 9.45 12.13 26.26
N GLY D 109 9.47 13.30 25.60
CA GLY D 109 8.51 14.39 25.84
C GLY D 109 7.06 14.01 26.06
N CYS D 110 6.52 13.17 25.17
CA CYS D 110 5.11 12.77 25.27
C CYS D 110 4.85 11.70 26.33
N THR D 111 5.91 10.97 26.72
CA THR D 111 5.83 10.03 27.84
C THR D 111 5.75 10.80 29.16
N VAL D 112 6.41 11.96 29.21
CA VAL D 112 6.28 12.89 30.33
C VAL D 112 4.88 13.50 30.33
N SER D 113 4.40 13.86 29.15
CA SER D 113 3.05 14.43 28.99
C SER D 113 1.98 13.45 29.45
N LEU D 114 2.17 12.18 29.13
CA LEU D 114 1.24 11.12 29.54
C LEU D 114 1.21 10.95 31.07
N PHE D 115 2.39 10.87 31.67
CA PHE D 115 2.53 10.60 33.10
C PHE D 115 2.17 11.81 33.99
N THR D 116 2.37 13.01 33.48
CA THR D 116 2.18 14.23 34.28
C THR D 116 0.77 14.82 34.14
N HIS D 117 0.17 14.68 32.96
CA HIS D 117 -1.15 15.25 32.72
C HIS D 117 -2.27 14.22 32.82
N TRP D 118 -2.18 13.14 32.05
CA TRP D 118 -3.28 12.17 31.95
C TRP D 118 -3.33 11.17 33.12
N LEU D 119 -2.19 10.62 33.50
CA LEU D 119 -2.11 9.64 34.59
C LEU D 119 -2.70 10.15 35.93
N PRO D 120 -2.36 11.39 36.36
CA PRO D 120 -2.95 11.90 37.60
C PRO D 120 -4.43 12.25 37.49
N ARG D 121 -4.94 12.38 36.27
CA ARG D 121 -6.37 12.58 36.05
C ARG D 121 -7.17 11.31 36.33
N PHE D 122 -6.50 10.17 36.22
CA PHE D 122 -7.13 8.88 36.46
C PHE D 122 -6.94 8.35 37.89
N GLY D 123 -6.43 9.21 38.77
CA GLY D 123 -6.20 8.86 40.17
C GLY D 123 -4.94 8.05 40.39
N ILE D 124 -3.96 8.20 39.50
CA ILE D 124 -2.68 7.50 39.62
C ILE D 124 -1.59 8.48 40.04
N GLU D 125 -1.00 8.24 41.20
CA GLU D 125 0.06 9.07 41.74
C GLU D 125 1.36 8.80 40.98
N VAL D 126 1.99 9.88 40.50
CA VAL D 126 3.22 9.76 39.71
C VAL D 126 4.33 10.66 40.29
N ASP D 127 5.47 10.04 40.56
CA ASP D 127 6.67 10.77 40.96
C ASP D 127 7.81 10.48 39.98
N LEU D 128 8.44 11.54 39.49
CA LEU D 128 9.57 11.42 38.58
C LEU D 128 10.87 11.63 39.35
N ILE D 129 11.69 10.58 39.40
CA ILE D 129 12.93 10.61 40.18
C ILE D 129 14.13 10.18 39.35
N ASP D 130 15.32 10.34 39.93
CA ASP D 130 16.57 9.92 39.29
C ASP D 130 16.77 8.41 39.47
N THR D 131 16.47 7.65 38.42
CA THR D 131 16.56 6.19 38.46
C THR D 131 17.96 5.64 38.19
N SER D 132 18.91 6.54 37.95
CA SER D 132 20.32 6.16 37.81
C SER D 132 20.92 5.77 39.17
N ASP D 133 20.29 6.27 40.24
CA ASP D 133 20.62 5.87 41.61
C ASP D 133 19.54 4.92 42.10
N VAL D 134 19.94 3.68 42.40
CA VAL D 134 19.01 2.65 42.84
C VAL D 134 18.46 2.89 44.26
N GLU D 135 19.25 3.58 45.09
CA GLU D 135 18.84 3.90 46.46
C GLU D 135 17.75 4.97 46.48
N LYS D 136 17.72 5.79 45.44
CA LYS D 136 16.67 6.81 45.28
C LYS D 136 15.31 6.19 44.92
N VAL D 137 15.35 5.04 44.25
CA VAL D 137 14.14 4.28 43.93
C VAL D 137 13.53 3.71 45.22
N LYS D 138 14.38 3.28 46.14
CA LYS D 138 13.95 2.76 47.43
C LYS D 138 13.30 3.84 48.30
N ALA D 139 13.80 5.08 48.21
CA ALA D 139 13.30 6.20 49.00
C ALA D 139 11.96 6.74 48.48
N ALA D 140 11.76 6.67 47.17
CA ALA D 140 10.52 7.13 46.54
C ALA D 140 9.38 6.14 46.75
N TRP D 141 9.72 4.92 47.19
CA TRP D 141 8.76 3.83 47.35
C TRP D 141 7.69 4.13 48.39
N LYS D 142 6.45 3.74 48.05
CA LYS D 142 5.30 3.90 48.93
C LYS D 142 4.57 2.57 49.03
N PRO D 143 3.71 2.39 50.07
CA PRO D 143 2.98 1.12 50.21
C PRO D 143 2.11 0.75 49.01
N ASN D 144 1.72 1.74 48.21
CA ASN D 144 0.85 1.52 47.05
C ASN D 144 1.58 1.56 45.71
N THR D 145 2.90 1.38 45.73
CA THR D 145 3.71 1.37 44.50
C THR D 145 3.48 0.07 43.73
N LYS D 146 2.99 0.20 42.50
CA LYS D 146 2.62 -0.96 41.69
C LYS D 146 3.50 -1.14 40.45
N MET D 147 4.17 -0.07 40.04
CA MET D 147 4.97 -0.09 38.82
C MET D 147 6.16 0.86 38.85
N VAL D 148 7.27 0.42 38.25
CA VAL D 148 8.39 1.30 37.94
C VAL D 148 8.58 1.34 36.42
N TYR D 149 8.52 2.55 35.86
CA TYR D 149 8.72 2.74 34.42
C TYR D 149 10.12 3.28 34.14
N LEU D 150 10.84 2.60 33.24
CA LEU D 150 12.22 2.96 32.92
C LEU D 150 12.46 3.24 31.44
N GLU D 151 13.52 4.00 31.19
CA GLU D 151 13.96 4.33 29.84
C GLU D 151 15.47 4.52 29.89
N SER D 152 16.21 3.53 29.39
CA SER D 152 17.68 3.53 29.49
C SER D 152 18.35 2.97 28.25
N PRO D 153 19.23 3.75 27.60
CA PRO D 153 19.53 5.16 27.88
C PRO D 153 18.33 6.05 27.57
N ALA D 154 18.20 7.14 28.32
CA ALA D 154 17.02 8.01 28.24
C ALA D 154 17.10 9.03 27.11
N ASN D 155 15.93 9.38 26.58
CA ASN D 155 15.81 10.46 25.59
C ASN D 155 15.73 11.80 26.34
N PRO D 156 16.64 12.74 26.02
CA PRO D 156 17.74 12.66 25.06
C PRO D 156 19.14 12.53 25.68
N THR D 157 19.25 12.66 26.99
CA THR D 157 20.54 12.77 27.69
C THR D 157 21.33 11.46 27.79
N CYS D 158 20.70 10.36 27.41
CA CYS D 158 21.29 9.01 27.49
C CYS D 158 21.59 8.55 28.92
N LYS D 159 20.84 9.09 29.89
CA LYS D 159 21.02 8.77 31.31
C LYS D 159 20.71 7.29 31.56
N VAL D 160 21.74 6.55 31.99
CA VAL D 160 21.65 5.10 32.17
C VAL D 160 21.14 4.75 33.58
N SER D 161 20.22 3.79 33.64
CA SER D 161 19.66 3.29 34.89
C SER D 161 19.99 1.82 35.09
N ASP D 162 20.28 1.44 36.33
CA ASP D 162 20.55 0.06 36.70
C ASP D 162 19.26 -0.76 36.64
N ILE D 163 19.01 -1.38 35.49
CA ILE D 163 17.77 -2.12 35.26
C ILE D 163 17.65 -3.35 36.15
N LYS D 164 18.70 -4.18 36.17
CA LYS D 164 18.69 -5.41 36.97
C LYS D 164 18.62 -5.14 38.47
N GLY D 165 19.24 -4.04 38.90
CA GLY D 165 19.18 -3.60 40.29
C GLY D 165 17.79 -3.18 40.71
N ILE D 166 17.15 -2.37 39.87
CA ILE D 166 15.78 -1.92 40.09
C ILE D 166 14.80 -3.09 39.99
N ALA D 167 15.05 -4.01 39.07
CA ALA D 167 14.23 -5.22 38.89
C ALA D 167 14.16 -6.07 40.16
N VAL D 168 15.27 -6.18 40.88
CA VAL D 168 15.32 -6.90 42.15
C VAL D 168 14.38 -6.24 43.18
N VAL D 169 14.43 -4.92 43.26
CA VAL D 169 13.57 -4.14 44.17
C VAL D 169 12.09 -4.33 43.82
N CYS D 170 11.79 -4.34 42.52
CA CYS D 170 10.43 -4.52 42.02
C CYS D 170 9.86 -5.91 42.34
N HIS D 171 10.69 -6.94 42.20
CA HIS D 171 10.28 -8.33 42.45
C HIS D 171 10.02 -8.60 43.93
N GLU D 172 10.86 -8.04 44.80
CA GLU D 172 10.76 -8.23 46.23
C GLU D 172 9.54 -7.52 46.84
N ARG D 173 9.18 -6.38 46.26
CA ARG D 173 8.10 -5.55 46.79
C ARG D 173 6.79 -5.65 46.00
N GLY D 174 6.78 -6.52 44.99
CA GLY D 174 5.58 -6.81 44.21
C GLY D 174 5.15 -5.70 43.28
N ALA D 175 6.03 -5.33 42.36
CA ALA D 175 5.76 -4.27 41.39
C ALA D 175 6.28 -4.65 40.02
N ARG D 176 5.56 -4.21 38.98
CA ARG D 176 5.97 -4.45 37.60
C ARG D 176 7.05 -3.48 37.14
N LEU D 177 7.99 -3.98 36.37
CA LEU D 177 9.02 -3.15 35.75
C LEU D 177 8.77 -3.06 34.24
N VAL D 178 8.56 -1.83 33.77
CA VAL D 178 8.38 -1.55 32.36
C VAL D 178 9.58 -0.76 31.87
N VAL D 179 10.20 -1.22 30.78
CA VAL D 179 11.39 -0.57 30.24
C VAL D 179 11.19 -0.17 28.77
N ASP D 180 11.42 1.11 28.50
CA ASP D 180 11.40 1.63 27.14
C ASP D 180 12.81 1.49 26.54
N ALA D 181 12.97 0.52 25.66
CA ALA D 181 14.28 0.20 25.08
C ALA D 181 14.43 0.68 23.63
N THR D 182 13.68 1.73 23.29
CA THR D 182 13.68 2.29 21.93
C THR D 182 15.08 2.70 21.46
N PHE D 183 15.81 3.39 22.32
CA PHE D 183 17.13 3.94 21.98
C PHE D 183 18.21 2.91 21.64
N THR D 184 18.01 1.67 22.08
CA THR D 184 19.05 0.64 21.93
C THR D 184 18.62 -0.52 21.03
N SER D 185 17.31 -0.77 20.96
CA SER D 185 16.72 -1.86 20.16
C SER D 185 16.94 -3.25 20.80
N PRO D 186 16.08 -4.23 20.46
CA PRO D 186 16.17 -5.56 21.06
C PRO D 186 17.42 -6.36 20.62
N CYS D 187 18.19 -5.80 19.69
CA CYS D 187 19.46 -6.39 19.29
C CYS D 187 20.50 -6.27 20.40
N PHE D 188 20.47 -5.14 21.11
CA PHE D 188 21.47 -4.85 22.13
C PHE D 188 20.92 -4.82 23.55
N LEU D 189 19.64 -4.45 23.70
CA LEU D 189 19.01 -4.42 25.02
C LEU D 189 17.77 -5.31 25.07
N LYS D 190 17.85 -6.34 25.91
CA LYS D 190 16.75 -7.27 26.13
C LYS D 190 16.35 -7.23 27.61
N PRO D 191 15.48 -6.26 27.98
CA PRO D 191 15.13 -5.99 29.38
C PRO D 191 14.55 -7.20 30.13
N LEU D 192 13.78 -8.04 29.42
CA LEU D 192 13.14 -9.21 30.02
C LEU D 192 14.16 -10.21 30.55
N GLU D 193 15.38 -10.15 30.01
CA GLU D 193 16.47 -11.03 30.43
C GLU D 193 17.30 -10.38 31.54
N LEU D 194 16.94 -9.14 31.89
CA LEU D 194 17.53 -8.43 33.02
C LEU D 194 16.58 -8.41 34.21
N GLY D 195 15.42 -9.05 34.05
CA GLY D 195 14.44 -9.19 35.12
C GLY D 195 13.24 -8.29 34.99
N ALA D 196 13.15 -7.55 33.89
CA ALA D 196 12.02 -6.66 33.63
C ALA D 196 10.76 -7.45 33.28
N ASP D 197 9.61 -6.86 33.56
CA ASP D 197 8.32 -7.51 33.32
C ASP D 197 7.78 -7.23 31.93
N ILE D 198 7.95 -5.98 31.48
CA ILE D 198 7.48 -5.55 30.17
C ILE D 198 8.59 -4.77 29.46
N ALA D 199 8.81 -5.10 28.18
CA ALA D 199 9.78 -4.40 27.34
C ALA D 199 9.11 -3.85 26.09
N LEU D 200 9.22 -2.55 25.89
CA LEU D 200 8.52 -1.89 24.78
C LEU D 200 9.43 -1.04 23.89
N HIS D 201 8.95 -0.77 22.69
CA HIS D 201 9.68 0.04 21.71
C HIS D 201 8.76 0.95 20.91
N SER D 202 9.31 2.08 20.49
CA SER D 202 8.74 2.85 19.40
C SER D 202 9.31 2.28 18.11
N VAL D 203 8.53 1.42 17.45
CA VAL D 203 8.96 0.76 16.20
C VAL D 203 9.29 1.79 15.12
N SER D 204 8.65 2.95 15.20
CA SER D 204 8.92 4.08 14.31
C SER D 204 10.42 4.36 14.13
N LYS D 205 11.22 3.94 15.11
CA LYS D 205 12.65 4.24 15.13
C LYS D 205 13.48 3.11 14.52
N TYR D 206 14.28 2.44 15.35
CA TYR D 206 15.26 1.45 14.86
C TYR D 206 14.65 0.18 14.26
N ILE D 207 13.66 -0.39 14.93
CA ILE D 207 13.04 -1.66 14.50
C ILE D 207 12.59 -1.62 13.03
N ASN D 208 11.81 -0.58 12.68
CA ASN D 208 11.46 -0.35 11.29
C ASN D 208 12.66 0.21 10.51
N GLY D 209 13.26 1.28 11.05
CA GLY D 209 14.52 1.80 10.56
C GLY D 209 14.51 2.62 9.28
N HIS D 210 13.37 2.68 8.61
CA HIS D 210 13.28 3.34 7.30
C HIS D 210 12.49 4.65 7.30
N GLY D 211 12.05 5.06 8.49
CA GLY D 211 11.41 6.36 8.70
C GLY D 211 10.15 6.60 7.90
N ASP D 212 9.40 5.52 7.63
CA ASP D 212 8.20 5.62 6.80
C ASP D 212 6.93 5.06 7.46
N VAL D 213 7.05 4.63 8.72
CA VAL D 213 5.88 4.15 9.48
C VAL D 213 5.98 4.45 10.97
N ILE D 214 4.87 4.91 11.55
CA ILE D 214 4.74 5.05 12.99
C ILE D 214 4.15 3.77 13.57
N GLY D 215 4.81 3.23 14.58
CA GLY D 215 4.34 2.02 15.25
C GLY D 215 4.98 1.79 16.60
N GLY D 216 4.34 0.94 17.40
CA GLY D 216 4.86 0.54 18.69
C GLY D 216 4.68 -0.95 18.92
N VAL D 217 5.49 -1.50 19.81
CA VAL D 217 5.37 -2.90 20.19
C VAL D 217 5.67 -3.06 21.69
N SER D 218 4.95 -3.97 22.34
CA SER D 218 5.17 -4.25 23.76
C SER D 218 5.27 -5.76 23.97
N SER D 219 6.31 -6.18 24.67
CA SER D 219 6.55 -7.60 24.94
C SER D 219 6.49 -7.87 26.44
N ALA D 220 5.76 -8.91 26.82
CA ALA D 220 5.57 -9.24 28.23
C ALA D 220 6.25 -10.56 28.62
N LYS D 221 6.73 -10.60 29.86
CA LYS D 221 7.41 -11.78 30.41
C LYS D 221 6.44 -12.97 30.54
N THR D 222 5.25 -12.70 31.06
CA THR D 222 4.26 -13.75 31.32
C THR D 222 3.11 -13.72 30.30
N ALA D 223 2.46 -14.88 30.13
CA ALA D 223 1.32 -15.01 29.22
C ALA D 223 0.11 -14.21 29.69
N GLU D 224 -0.06 -14.10 31.00
CA GLU D 224 -1.17 -13.36 31.59
C GLU D 224 -1.06 -11.85 31.35
N ASP D 225 0.16 -11.32 31.44
CA ASP D 225 0.42 -9.89 31.26
C ASP D 225 0.16 -9.41 29.84
N ILE D 226 0.58 -10.19 28.84
CA ILE D 226 0.35 -9.82 27.44
C ILE D 226 -1.12 -9.93 27.05
N ALA D 227 -1.82 -10.89 27.68
CA ALA D 227 -3.26 -11.04 27.48
C ALA D 227 -4.01 -9.81 28.03
N THR D 228 -3.53 -9.28 29.16
CA THR D 228 -4.05 -8.05 29.74
C THR D 228 -3.80 -6.85 28.83
N ILE D 229 -2.58 -6.77 28.29
CA ILE D 229 -2.19 -5.73 27.34
C ILE D 229 -3.07 -5.75 26.09
N LYS D 230 -3.25 -6.94 25.51
CA LYS D 230 -4.07 -7.11 24.31
C LYS D 230 -5.56 -6.89 24.58
N PHE D 231 -5.99 -7.18 25.80
CA PHE D 231 -7.35 -6.88 26.26
C PHE D 231 -7.56 -5.37 26.37
N TYR D 232 -6.51 -4.66 26.78
CA TYR D 232 -6.54 -3.19 26.84
C TYR D 232 -6.54 -2.57 25.45
N ARG D 233 -5.65 -3.05 24.57
CA ARG D 233 -5.55 -2.57 23.18
C ARG D 233 -6.90 -2.72 22.46
N LYS D 234 -7.58 -3.82 22.74
CA LYS D 234 -8.91 -4.10 22.19
C LYS D 234 -9.89 -2.96 22.44
N ASP D 235 -9.78 -2.33 23.61
CA ASP D 235 -10.68 -1.24 24.00
C ASP D 235 -10.10 0.15 23.75
N ALA D 236 -8.78 0.30 23.91
CA ALA D 236 -8.11 1.57 23.68
C ALA D 236 -8.03 1.91 22.19
N GLY D 237 -7.70 0.91 21.37
CA GLY D 237 -7.81 1.02 19.92
C GLY D 237 -6.57 1.43 19.13
N SER D 238 -5.42 1.46 19.78
CA SER D 238 -4.17 1.76 19.09
C SER D 238 -3.64 0.51 18.40
N LEU D 239 -3.89 0.41 17.09
CA LEU D 239 -3.52 -0.78 16.33
C LEU D 239 -2.53 -0.46 15.22
N MET D 240 -1.64 -1.41 14.96
CA MET D 240 -0.75 -1.34 13.81
C MET D 240 -1.53 -1.76 12.57
N ALA D 241 -1.51 -0.91 11.55
CA ALA D 241 -2.18 -1.20 10.29
C ALA D 241 -1.49 -2.36 9.56
N PRO D 242 -2.27 -3.20 8.85
CA PRO D 242 -1.70 -4.34 8.12
C PRO D 242 -0.53 -3.96 7.21
N MET D 243 -0.67 -2.86 6.46
CA MET D 243 0.39 -2.35 5.59
C MET D 243 1.64 -1.94 6.40
N ASP D 244 1.42 -1.25 7.52
CA ASP D 244 2.51 -0.83 8.41
C ASP D 244 3.23 -2.05 9.00
N ALA D 245 2.46 -3.07 9.38
CA ALA D 245 3.02 -4.32 9.89
C ALA D 245 3.88 -5.02 8.85
N PHE D 246 3.42 -5.01 7.60
CA PHE D 246 4.18 -5.52 6.47
C PHE D 246 5.51 -4.78 6.34
N LEU D 247 5.47 -3.46 6.43
CA LEU D 247 6.67 -2.62 6.31
C LEU D 247 7.63 -2.78 7.48
N CYS D 248 7.08 -2.97 8.68
CA CYS D 248 7.90 -3.15 9.89
C CYS D 248 8.62 -4.49 9.89
N ALA D 249 7.92 -5.55 9.52
CA ALA D 249 8.51 -6.88 9.37
C ALA D 249 9.61 -6.86 8.30
N ARG D 250 9.34 -6.15 7.20
CA ARG D 250 10.29 -5.97 6.11
C ARG D 250 11.53 -5.20 6.59
N GLY D 251 11.30 -4.16 7.39
CA GLY D 251 12.37 -3.36 7.97
C GLY D 251 13.21 -4.15 8.97
N MET D 252 12.55 -5.01 9.73
CA MET D 252 13.21 -5.87 10.71
C MET D 252 14.18 -6.89 10.09
N LYS D 253 14.01 -7.18 8.80
CA LYS D 253 14.87 -8.14 8.11
C LYS D 253 16.33 -7.72 8.11
N THR D 254 16.58 -6.42 8.05
CA THR D 254 17.93 -5.86 8.04
C THR D 254 18.35 -5.27 9.40
N LEU D 255 17.52 -5.48 10.43
CA LEU D 255 17.74 -4.88 11.74
C LEU D 255 19.12 -5.16 12.36
N PRO D 256 19.53 -6.44 12.50
CA PRO D 256 20.83 -6.70 13.15
C PRO D 256 21.99 -6.09 12.37
N ILE D 257 21.88 -6.15 11.04
CA ILE D 257 22.88 -5.60 10.13
C ILE D 257 22.95 -4.07 10.23
N ARG D 258 21.79 -3.43 10.28
CA ARG D 258 21.70 -1.97 10.46
C ARG D 258 22.24 -1.52 11.82
N MET D 259 21.94 -2.29 12.87
CA MET D 259 22.37 -1.95 14.22
C MET D 259 23.89 -2.03 14.39
N GLN D 260 24.51 -2.97 13.68
CA GLN D 260 25.95 -3.13 13.70
C GLN D 260 26.65 -1.87 13.18
N ILE D 261 26.15 -1.33 12.08
CA ILE D 261 26.72 -0.12 11.48
C ILE D 261 26.26 1.15 12.21
N HIS D 262 25.06 1.13 12.80
CA HIS D 262 24.61 2.24 13.66
C HIS D 262 25.57 2.44 14.83
N MET D 263 25.79 1.35 15.58
CA MET D 263 26.65 1.36 16.77
C MET D 263 28.05 1.88 16.47
N GLU D 264 28.70 1.34 15.44
CA GLU D 264 30.05 1.71 15.07
C GLU D 264 30.14 3.16 14.57
N ASN D 265 29.14 3.57 13.78
CA ASN D 265 29.06 4.94 13.28
C ASN D 265 28.89 5.96 14.40
N GLY D 266 27.93 5.70 15.29
CA GLY D 266 27.66 6.55 16.45
C GLY D 266 28.85 6.73 17.38
N LEU D 267 29.62 5.66 17.55
CA LEU D 267 30.83 5.71 18.38
C LEU D 267 31.92 6.59 17.78
N LYS D 268 32.19 6.39 16.48
CA LYS D 268 33.22 7.16 15.77
C LYS D 268 32.86 8.65 15.67
N VAL D 269 31.57 8.93 15.52
CA VAL D 269 31.08 10.31 15.48
C VAL D 269 31.26 10.98 16.85
N ALA D 270 30.83 10.30 17.91
CA ALA D 270 30.94 10.82 19.27
C ALA D 270 32.40 11.06 19.68
N LYS D 271 33.29 10.14 19.30
CA LYS D 271 34.72 10.28 19.56
C LYS D 271 35.33 11.47 18.82
N PHE D 272 34.83 11.73 17.60
CA PHE D 272 35.24 12.90 16.82
C PHE D 272 34.76 14.18 17.49
N LEU D 273 33.50 14.19 17.93
CA LEU D 273 32.91 15.35 18.57
C LEU D 273 33.54 15.66 19.94
N GLU D 274 33.92 14.61 20.67
CA GLU D 274 34.53 14.78 21.98
C GLU D 274 35.89 15.47 21.92
N GLN D 275 36.66 15.19 20.87
CA GLN D 275 37.98 15.79 20.69
C GLN D 275 37.94 17.12 19.92
N HIS D 276 36.76 17.49 19.42
CA HIS D 276 36.58 18.74 18.69
C HIS D 276 36.51 19.93 19.65
N GLU D 277 37.12 21.04 19.23
CA GLU D 277 37.26 22.25 20.05
C GLU D 277 35.94 22.93 20.45
N LYS D 278 34.93 22.81 19.60
CA LYS D 278 33.67 23.53 19.79
C LYS D 278 32.63 22.78 20.64
N ILE D 279 32.99 21.58 21.08
CA ILE D 279 32.08 20.73 21.86
C ILE D 279 32.51 20.66 23.33
N VAL D 280 31.58 20.99 24.21
CA VAL D 280 31.84 21.00 25.66
C VAL D 280 31.74 19.58 26.24
N LYS D 281 30.64 18.90 25.94
CA LYS D 281 30.35 17.58 26.51
C LYS D 281 29.62 16.69 25.52
N VAL D 282 29.96 15.40 25.53
CA VAL D 282 29.27 14.40 24.68
C VAL D 282 28.65 13.32 25.56
N ASN D 283 27.35 13.11 25.38
CA ASN D 283 26.60 12.13 26.17
C ASN D 283 26.33 10.84 25.40
N HIS D 284 27.37 10.01 25.26
CA HIS D 284 27.24 8.69 24.62
C HIS D 284 27.57 7.60 25.62
N PRO D 285 26.65 6.63 25.80
CA PRO D 285 26.80 5.55 26.79
C PRO D 285 28.00 4.63 26.53
N GLY D 286 28.48 4.61 25.28
CA GLY D 286 29.62 3.79 24.89
C GLY D 286 30.98 4.40 25.20
N LEU D 287 31.00 5.69 25.51
CA LEU D 287 32.23 6.40 25.86
C LEU D 287 32.60 6.16 27.32
N GLU D 288 33.90 5.99 27.57
CA GLU D 288 34.41 5.75 28.93
C GLU D 288 34.30 6.97 29.83
N SER D 289 34.19 8.15 29.24
CA SER D 289 34.03 9.40 29.97
C SER D 289 32.65 9.50 30.62
N PHE D 290 31.64 8.97 29.93
CA PHE D 290 30.25 9.00 30.38
C PHE D 290 30.07 8.28 31.72
N PRO D 291 29.39 8.96 32.67
CA PRO D 291 29.21 8.46 34.05
C PRO D 291 28.60 7.06 34.16
N GLY D 292 27.56 6.77 33.38
CA GLY D 292 26.88 5.48 33.44
C GLY D 292 27.37 4.44 32.45
N HIS D 293 28.64 4.52 32.08
CA HIS D 293 29.24 3.60 31.12
C HIS D 293 29.35 2.17 31.64
N ASP D 294 29.77 2.02 32.90
CA ASP D 294 29.97 0.72 33.53
C ASP D 294 28.68 -0.10 33.66
N ILE D 295 27.58 0.59 33.96
CA ILE D 295 26.27 -0.05 34.06
C ILE D 295 25.78 -0.45 32.66
N ALA D 296 25.94 0.45 31.70
CA ALA D 296 25.52 0.23 30.32
C ALA D 296 26.33 -0.87 29.62
N LYS D 297 27.61 -0.95 29.95
CA LYS D 297 28.52 -1.94 29.37
C LYS D 297 28.14 -3.37 29.77
N LYS D 298 27.71 -3.55 31.02
CA LYS D 298 27.39 -4.86 31.56
C LYS D 298 25.95 -5.32 31.26
N GLN D 299 25.03 -4.35 31.12
CA GLN D 299 23.62 -4.66 30.93
C GLN D 299 23.18 -4.73 29.46
N MET D 300 24.01 -4.18 28.58
CA MET D 300 23.69 -4.16 27.14
C MET D 300 24.80 -4.81 26.33
N THR D 301 24.42 -5.46 25.22
CA THR D 301 25.39 -6.11 24.33
C THR D 301 25.83 -5.17 23.19
N GLY D 302 25.52 -3.89 23.33
CA GLY D 302 25.88 -2.89 22.33
C GLY D 302 25.20 -1.55 22.58
N TYR D 303 25.44 -0.60 21.69
CA TYR D 303 24.92 0.76 21.85
C TYR D 303 24.17 1.23 20.61
N GLY D 304 23.17 2.07 20.82
CA GLY D 304 22.47 2.75 19.72
C GLY D 304 23.30 3.91 19.20
N SER D 305 22.77 4.61 18.20
CA SER D 305 23.50 5.70 17.55
C SER D 305 22.87 7.08 17.79
N THR D 306 21.95 7.16 18.74
CA THR D 306 21.31 8.42 19.10
C THR D 306 21.86 8.93 20.43
N PHE D 307 22.46 10.12 20.38
CA PHE D 307 23.07 10.73 21.56
C PHE D 307 23.03 12.25 21.51
N LEU D 308 23.52 12.88 22.58
CA LEU D 308 23.38 14.31 22.81
C LEU D 308 24.75 14.93 23.06
N PHE D 309 24.96 16.15 22.58
CA PHE D 309 26.21 16.87 22.83
C PHE D 309 25.98 18.35 23.13
N GLU D 310 26.93 18.95 23.85
CA GLU D 310 26.80 20.33 24.32
C GLU D 310 27.65 21.32 23.52
N MET D 311 26.99 22.37 23.03
CA MET D 311 27.66 23.45 22.31
C MET D 311 27.99 24.59 23.28
N LYS D 312 28.83 25.52 22.83
CA LYS D 312 29.23 26.67 23.64
C LYS D 312 28.05 27.60 23.92
N SER D 313 27.19 27.80 22.92
CA SER D 313 26.02 28.66 23.05
C SER D 313 24.88 28.20 22.14
N PHE D 314 23.72 28.85 22.26
CA PHE D 314 22.58 28.59 21.39
C PHE D 314 22.86 29.02 19.95
N GLU D 315 23.57 30.13 19.79
CA GLU D 315 23.94 30.65 18.48
C GLU D 315 24.85 29.70 17.72
N ALA D 316 25.80 29.09 18.43
CA ALA D 316 26.71 28.10 17.87
C ALA D 316 25.97 26.82 17.47
N ALA D 317 24.98 26.45 18.28
CA ALA D 317 24.14 25.28 17.99
C ALA D 317 23.27 25.53 16.76
N LYS D 318 22.66 26.72 16.69
CA LYS D 318 21.88 27.14 15.54
C LYS D 318 22.72 27.16 14.27
N LYS D 319 23.95 27.69 14.39
CA LYS D 319 24.90 27.76 13.28
C LYS D 319 25.26 26.38 12.75
N LEU D 320 25.38 25.40 13.65
CA LEU D 320 25.72 24.03 13.28
C LEU D 320 24.55 23.32 12.60
N MET D 321 23.37 23.42 13.22
CA MET D 321 22.17 22.71 12.75
C MET D 321 21.63 23.20 11.41
N GLU D 322 21.88 24.48 11.10
CA GLU D 322 21.32 25.11 9.91
C GLU D 322 22.29 25.18 8.73
N HIS D 323 23.41 24.45 8.83
CA HIS D 323 24.42 24.46 7.77
C HIS D 323 24.90 23.06 7.37
N LEU D 324 24.18 22.04 7.80
CA LEU D 324 24.51 20.66 7.46
C LEU D 324 23.92 20.28 6.10
N LYS D 325 24.76 19.64 5.28
CA LYS D 325 24.38 19.27 3.92
C LYS D 325 23.84 17.84 3.85
N VAL D 326 24.45 16.94 4.62
CA VAL D 326 24.07 15.53 4.62
C VAL D 326 23.02 15.26 5.70
N CYS D 327 23.31 15.69 6.92
CA CYS D 327 22.37 15.54 8.05
C CYS D 327 21.11 16.38 7.83
N THR D 328 20.00 15.90 8.37
CA THR D 328 18.71 16.59 8.22
C THR D 328 18.21 17.13 9.55
N LEU D 329 17.79 18.38 9.55
CA LEU D 329 17.06 18.96 10.68
C LEU D 329 15.65 18.35 10.75
N ALA D 330 15.47 17.43 11.68
CA ALA D 330 14.19 16.73 11.86
C ALA D 330 14.12 16.04 13.21
N VAL D 331 12.90 15.91 13.75
CA VAL D 331 12.67 15.09 14.93
C VAL D 331 12.67 13.61 14.53
N SER D 332 12.46 12.73 15.50
CA SER D 332 12.55 11.27 15.33
C SER D 332 14.01 10.81 15.28
N LEU D 333 14.21 9.50 15.31
CA LEU D 333 15.55 8.91 15.35
C LEU D 333 15.51 7.48 14.79
N GLY D 334 16.69 6.86 14.73
CA GLY D 334 16.80 5.45 14.35
C GLY D 334 16.53 5.16 12.89
N CYS D 335 16.66 6.17 12.05
CA CYS D 335 16.48 6.03 10.61
C CYS D 335 17.81 5.66 9.93
N VAL D 336 17.69 5.15 8.70
CA VAL D 336 18.86 4.77 7.89
C VAL D 336 19.76 5.97 7.55
N ASP D 337 19.16 7.16 7.45
CA ASP D 337 19.93 8.39 7.25
C ASP D 337 20.02 9.20 8.55
N THR D 338 20.98 10.12 8.60
CA THR D 338 21.30 10.85 9.83
C THR D 338 20.38 12.05 10.08
N LEU D 339 19.82 12.07 11.29
CA LEU D 339 18.93 13.14 11.73
C LEU D 339 19.55 13.99 12.83
N ILE D 340 19.20 15.28 12.87
CA ILE D 340 19.67 16.19 13.92
C ILE D 340 18.51 17.04 14.46
N GLU D 341 18.58 17.39 15.74
CA GLU D 341 17.46 17.98 16.47
C GLU D 341 17.90 18.79 17.69
N HIS D 342 17.04 19.72 18.12
CA HIS D 342 17.31 20.58 19.27
C HIS D 342 16.23 20.41 20.35
N PRO D 343 16.52 19.59 21.38
CA PRO D 343 15.56 19.17 22.41
C PRO D 343 14.83 20.30 23.16
N ALA D 344 15.55 21.37 23.51
CA ALA D 344 14.97 22.46 24.30
C ALA D 344 13.77 23.13 23.63
N SER D 345 13.82 23.22 22.30
CA SER D 345 12.77 23.92 21.54
C SER D 345 11.97 22.99 20.61
N MET D 346 12.24 21.70 20.67
CA MET D 346 11.54 20.72 19.82
C MET D 346 10.93 19.56 20.62
N THR D 347 11.62 18.42 20.69
CA THR D 347 11.10 17.21 21.33
C THR D 347 10.68 17.41 22.78
N HIS D 348 11.45 18.21 23.51
CA HIS D 348 11.21 18.44 24.93
C HIS D 348 10.80 19.89 25.24
N ALA D 349 10.07 20.49 24.30
CA ALA D 349 9.58 21.86 24.46
C ALA D 349 8.34 21.92 25.37
N ALA D 350 7.56 20.84 25.35
CA ALA D 350 6.31 20.77 26.14
C ALA D 350 6.55 20.28 27.57
N VAL D 351 7.75 19.73 27.81
CA VAL D 351 8.14 19.24 29.14
C VAL D 351 8.14 20.42 30.13
N PRO D 352 7.38 20.28 31.25
CA PRO D 352 7.24 21.33 32.24
C PRO D 352 8.58 21.92 32.72
N GLU D 353 8.57 23.22 32.97
CA GLU D 353 9.77 24.00 33.31
C GLU D 353 10.61 23.45 34.47
N ASN D 354 9.96 22.80 35.43
CA ASN D 354 10.64 22.20 36.59
C ASN D 354 11.31 20.85 36.29
N ILE D 355 10.66 20.05 35.44
CA ILE D 355 11.23 18.76 35.01
C ILE D 355 12.33 18.99 33.94
N MET D 356 12.28 20.15 33.30
CA MET D 356 13.28 20.57 32.31
C MET D 356 14.69 20.64 32.89
N ARG D 357 14.79 21.19 34.11
CA ARG D 357 16.07 21.37 34.80
C ARG D 357 16.55 20.11 35.51
N LYS D 358 15.61 19.28 35.95
CA LYS D 358 15.93 18.01 36.61
C LYS D 358 16.56 17.03 35.62
N GLN D 359 16.11 17.10 34.37
CA GLN D 359 16.67 16.30 33.28
C GLN D 359 18.05 16.82 32.86
N GLY D 360 18.20 18.14 32.85
CA GLY D 360 19.43 18.80 32.44
C GLY D 360 19.44 19.24 30.99
N ILE D 361 18.26 19.53 30.44
CA ILE D 361 18.13 20.01 29.07
C ILE D 361 18.31 21.54 29.01
N THR D 362 19.27 21.96 28.18
CA THR D 362 19.59 23.37 28.00
C THR D 362 19.59 23.72 26.50
N PRO D 363 19.36 25.01 26.16
CA PRO D 363 19.38 25.47 24.77
C PRO D 363 20.70 25.23 24.03
N GLU D 364 21.73 24.79 24.75
CA GLU D 364 23.04 24.51 24.15
C GLU D 364 23.15 23.07 23.63
N LEU D 365 22.24 22.21 24.05
CA LEU D 365 22.30 20.79 23.74
C LEU D 365 21.73 20.45 22.37
N VAL D 366 22.50 19.69 21.59
CA VAL D 366 22.07 19.22 20.27
C VAL D 366 22.03 17.69 20.26
N ARG D 367 20.93 17.13 19.76
CA ARG D 367 20.78 15.68 19.68
C ARG D 367 20.93 15.18 18.25
N ILE D 368 21.83 14.22 18.06
CA ILE D 368 22.08 13.61 16.75
C ILE D 368 21.67 12.13 16.75
N SER D 369 21.21 11.67 15.60
CA SER D 369 20.85 10.27 15.38
C SER D 369 21.60 9.77 14.15
N VAL D 370 22.73 9.11 14.38
CA VAL D 370 23.64 8.73 13.29
C VAL D 370 23.12 7.53 12.49
N GLY D 371 22.90 7.77 11.20
CA GLY D 371 22.39 6.73 10.29
C GLY D 371 23.47 5.77 9.83
N ILE D 372 23.20 5.11 8.71
CA ILE D 372 24.10 4.07 8.19
C ILE D 372 24.89 4.53 6.95
N GLU D 373 25.05 5.84 6.80
CA GLU D 373 25.93 6.41 5.77
C GLU D 373 27.38 6.04 6.06
N ASN D 374 28.28 6.33 5.11
CA ASN D 374 29.70 6.19 5.35
C ASN D 374 30.13 7.15 6.45
N VAL D 375 30.87 6.62 7.42
CA VAL D 375 31.29 7.38 8.61
C VAL D 375 31.97 8.71 8.24
N ASP D 376 32.82 8.66 7.22
CA ASP D 376 33.60 9.82 6.78
C ASP D 376 32.74 10.92 6.17
N ASP D 377 31.64 10.54 5.51
CA ASP D 377 30.71 11.49 4.91
C ASP D 377 29.93 12.29 5.95
N ILE D 378 29.51 11.61 7.03
CA ILE D 378 28.81 12.26 8.14
C ILE D 378 29.77 13.10 9.00
N ILE D 379 30.96 12.56 9.27
CA ILE D 379 31.99 13.29 10.02
C ILE D 379 32.41 14.56 9.27
N ALA D 380 32.61 14.44 7.95
CA ALA D 380 32.98 15.58 7.11
C ALA D 380 31.89 16.65 7.06
N ASP D 381 30.63 16.22 7.09
CA ASP D 381 29.49 17.14 7.10
C ASP D 381 29.43 17.94 8.40
N LEU D 382 29.71 17.26 9.52
CA LEU D 382 29.80 17.92 10.83
C LEU D 382 31.03 18.82 10.90
N LYS D 383 32.12 18.37 10.31
CA LYS D 383 33.41 19.08 10.35
C LYS D 383 33.34 20.45 9.67
N GLN D 384 32.71 20.50 8.50
CA GLN D 384 32.58 21.75 7.74
C GLN D 384 31.58 22.73 8.36
N ALA D 385 30.54 22.19 9.01
CA ALA D 385 29.52 22.99 9.66
C ALA D 385 30.01 23.59 10.97
N LEU D 386 30.96 22.90 11.61
CA LEU D 386 31.53 23.36 12.88
C LEU D 386 32.69 24.33 12.68
N GLU D 387 33.04 24.61 11.43
CA GLU D 387 34.20 25.45 11.12
C GLU D 387 33.90 26.57 10.12
N LEU D 388 33.04 26.29 9.14
CA LEU D 388 32.65 27.28 8.14
C LEU D 388 31.38 28.01 8.54
#